data_6BA3
#
_entry.id   6BA3
#
_entity_poly.entity_id   1
_entity_poly.type   'polypeptide(L)'
_entity_poly.pdbx_seq_one_letter_code
;SNRWNLGYGIPHKQVKLPNGQLCKEPGDSCSKRDECCKADDQKTYSSGCAQTWSAMEGGFVRECYICAVESSMC
;
_entity_poly.pdbx_strand_id   A
#
# COMPACT_ATOMS: atom_id res chain seq x y z
N SER A 1 -4.37 9.79 9.38
CA SER A 1 -3.85 8.89 8.37
C SER A 1 -2.33 8.85 8.40
N ASN A 2 -1.77 8.57 9.57
CA ASN A 2 -0.33 8.50 9.73
C ASN A 2 0.28 7.46 8.81
N ARG A 3 1.59 7.52 8.64
CA ARG A 3 2.30 6.58 7.77
C ARG A 3 2.13 5.15 8.27
N TRP A 4 2.14 4.98 9.59
CA TRP A 4 1.98 3.67 10.20
C TRP A 4 0.74 2.96 9.65
N ASN A 5 -0.31 3.73 9.40
CA ASN A 5 -1.55 3.16 8.88
C ASN A 5 -1.31 2.45 7.55
N LEU A 6 -0.39 3.00 6.75
CA LEU A 6 -0.07 2.42 5.45
C LEU A 6 1.07 1.42 5.58
N GLY A 7 1.40 1.05 6.81
CA GLY A 7 2.48 0.11 7.04
C GLY A 7 3.76 0.51 6.35
N TYR A 8 3.99 1.81 6.24
CA TYR A 8 5.19 2.33 5.59
C TYR A 8 6.45 1.92 6.36
N GLY A 9 6.39 2.07 7.68
CA GLY A 9 7.54 1.71 8.51
C GLY A 9 8.00 0.29 8.26
N ILE A 10 7.05 -0.64 8.13
CA ILE A 10 7.37 -2.04 7.89
C ILE A 10 8.33 -2.19 6.71
N PRO A 11 9.37 -3.01 6.89
CA PRO A 11 10.37 -3.25 5.85
C PRO A 11 9.82 -4.08 4.70
N HIS A 12 9.86 -3.51 3.49
CA HIS A 12 9.36 -4.20 2.31
C HIS A 12 10.48 -4.44 1.30
N LYS A 13 10.25 -5.38 0.38
CA LYS A 13 11.24 -5.70 -0.64
C LYS A 13 10.78 -5.23 -2.01
N GLN A 14 11.46 -4.23 -2.55
CA GLN A 14 11.13 -3.70 -3.86
C GLN A 14 11.45 -4.70 -4.97
N VAL A 15 10.61 -4.73 -6.00
CA VAL A 15 10.81 -5.65 -7.11
C VAL A 15 10.22 -5.08 -8.40
N LYS A 16 10.74 -5.55 -9.53
CA LYS A 16 10.26 -5.08 -10.84
C LYS A 16 9.03 -5.86 -11.27
N LEU A 17 8.04 -5.14 -11.80
CA LEU A 17 6.81 -5.77 -12.27
C LEU A 17 6.89 -6.12 -13.74
N PRO A 18 6.07 -7.09 -14.17
CA PRO A 18 6.03 -7.53 -15.57
C PRO A 18 5.43 -6.48 -16.50
N ASN A 19 4.82 -5.46 -15.91
CA ASN A 19 4.21 -4.39 -16.69
C ASN A 19 5.27 -3.41 -17.18
N GLY A 20 6.43 -3.42 -16.55
CA GLY A 20 7.51 -2.52 -16.94
C GLY A 20 7.77 -1.46 -15.90
N GLN A 21 6.78 -1.16 -15.08
CA GLN A 21 6.92 -0.15 -14.04
C GLN A 21 7.26 -0.79 -12.70
N LEU A 22 7.66 0.04 -11.74
CA LEU A 22 8.04 -0.44 -10.41
C LEU A 22 6.83 -0.40 -9.47
N CYS A 23 6.88 -1.21 -8.42
CA CYS A 23 5.80 -1.28 -7.44
C CYS A 23 5.44 0.12 -6.94
N LYS A 24 4.28 0.25 -6.34
CA LYS A 24 3.81 1.53 -5.81
C LYS A 24 4.16 1.66 -4.33
N GLU A 25 4.38 2.89 -3.88
CA GLU A 25 4.72 3.15 -2.49
C GLU A 25 3.46 3.39 -1.66
N PRO A 26 3.55 3.10 -0.36
CA PRO A 26 2.43 3.26 0.58
C PRO A 26 2.09 4.74 0.82
N GLY A 27 0.87 5.13 0.49
CA GLY A 27 0.45 6.50 0.67
C GLY A 27 0.31 7.25 -0.63
N ASP A 28 1.15 6.90 -1.60
CA ASP A 28 1.12 7.55 -2.91
C ASP A 28 0.04 6.95 -3.80
N SER A 29 -0.51 7.78 -4.68
CA SER A 29 -1.57 7.33 -5.58
C SER A 29 -1.07 6.22 -6.50
N CYS A 30 -1.97 5.34 -6.90
CA CYS A 30 -1.62 4.23 -7.78
C CYS A 30 -2.50 4.21 -9.02
N SER A 31 -2.22 3.30 -9.94
CA SER A 31 -2.98 3.19 -11.17
C SER A 31 -3.93 1.98 -11.13
N LYS A 32 -3.50 0.93 -10.43
CA LYS A 32 -4.30 -0.27 -10.31
C LYS A 32 -3.90 -1.07 -9.07
N ARG A 33 -4.84 -1.82 -8.52
CA ARG A 33 -4.58 -2.63 -7.33
C ARG A 33 -3.39 -3.55 -7.56
N ASP A 34 -3.23 -4.01 -8.79
CA ASP A 34 -2.12 -4.89 -9.14
C ASP A 34 -0.78 -4.19 -8.97
N GLU A 35 -0.80 -2.87 -9.08
CA GLU A 35 0.42 -2.07 -8.94
C GLU A 35 0.98 -2.19 -7.52
N CYS A 36 0.09 -2.35 -6.55
CA CYS A 36 0.49 -2.46 -5.15
C CYS A 36 1.22 -3.78 -4.91
N CYS A 37 2.44 -3.70 -4.39
CA CYS A 37 3.24 -4.88 -4.10
C CYS A 37 2.91 -5.44 -2.72
N LYS A 38 3.60 -6.51 -2.34
CA LYS A 38 3.38 -7.15 -1.05
C LYS A 38 4.55 -6.87 -0.11
N ALA A 39 4.27 -6.89 1.19
CA ALA A 39 5.30 -6.65 2.20
C ALA A 39 6.18 -7.88 2.38
N ASP A 40 7.24 -7.72 3.17
CA ASP A 40 8.16 -8.82 3.43
C ASP A 40 7.43 -10.04 3.96
N ASP A 41 6.42 -9.80 4.80
CA ASP A 41 5.63 -10.88 5.39
C ASP A 41 4.17 -10.79 4.93
N GLN A 42 3.97 -10.82 3.62
CA GLN A 42 2.63 -10.74 3.05
C GLN A 42 1.72 -11.78 3.69
N LYS A 43 2.30 -12.91 4.09
CA LYS A 43 1.54 -13.98 4.72
C LYS A 43 0.78 -13.48 5.94
N THR A 44 1.35 -12.49 6.62
CA THR A 44 0.73 -11.92 7.81
C THR A 44 0.14 -10.55 7.51
N TYR A 45 0.86 -9.77 6.71
CA TYR A 45 0.40 -8.42 6.36
C TYR A 45 -0.28 -8.42 4.99
N SER A 46 -1.39 -7.72 4.89
CA SER A 46 -2.13 -7.64 3.63
C SER A 46 -1.86 -6.32 2.92
N SER A 47 -1.42 -6.42 1.66
CA SER A 47 -1.11 -5.23 0.88
C SER A 47 -2.18 -4.99 -0.19
N GLY A 48 -2.39 -3.73 -0.54
CA GLY A 48 -3.38 -3.40 -1.55
C GLY A 48 -3.54 -1.90 -1.74
N CYS A 49 -4.04 -1.49 -2.90
CA CYS A 49 -4.24 -0.09 -3.20
C CYS A 49 -5.70 0.19 -3.58
N ALA A 50 -6.44 0.82 -2.66
CA ALA A 50 -7.84 1.15 -2.91
C ALA A 50 -8.10 2.63 -2.70
N GLN A 51 -9.17 3.13 -3.31
CA GLN A 51 -9.53 4.54 -3.18
C GLN A 51 -9.77 4.92 -1.72
N THR A 52 -9.33 6.11 -1.34
CA THR A 52 -9.49 6.59 0.03
C THR A 52 -9.63 8.10 0.07
N TRP A 53 -10.66 8.57 0.76
CA TRP A 53 -10.91 10.01 0.88
C TRP A 53 -9.66 10.74 1.36
N SER A 54 -9.08 11.54 0.46
CA SER A 54 -7.86 12.29 0.79
C SER A 54 -8.17 13.78 0.89
N ALA A 55 -7.98 14.34 2.09
CA ALA A 55 -8.23 15.76 2.32
C ALA A 55 -7.19 16.62 1.59
N MET A 56 -5.95 16.13 1.55
CA MET A 56 -4.88 16.85 0.89
C MET A 56 -5.09 16.90 -0.62
N GLU A 57 -5.39 15.75 -1.20
CA GLU A 57 -5.62 15.65 -2.64
C GLU A 57 -6.96 16.28 -3.02
N GLY A 58 -7.93 16.16 -2.12
CA GLY A 58 -9.25 16.72 -2.38
C GLY A 58 -10.07 15.86 -3.33
N GLY A 59 -9.87 14.55 -3.26
CA GLY A 59 -10.60 13.64 -4.12
C GLY A 59 -10.22 12.19 -3.88
N PHE A 60 -11.19 11.29 -4.06
CA PHE A 60 -10.97 9.86 -3.86
C PHE A 60 -9.82 9.37 -4.74
N VAL A 61 -8.78 8.85 -4.10
CA VAL A 61 -7.61 8.33 -4.81
C VAL A 61 -7.15 7.01 -4.22
N ARG A 62 -6.67 6.12 -5.09
CA ARG A 62 -6.19 4.81 -4.66
C ARG A 62 -4.81 4.93 -3.99
N GLU A 63 -4.78 4.69 -2.69
CA GLU A 63 -3.53 4.77 -1.94
C GLU A 63 -3.15 3.41 -1.36
N CYS A 64 -1.88 3.05 -1.51
CA CYS A 64 -1.39 1.77 -1.00
C CYS A 64 -1.44 1.73 0.53
N TYR A 65 -1.63 0.53 1.07
CA TYR A 65 -1.70 0.36 2.52
C TYR A 65 -1.21 -1.03 2.93
N ILE A 66 -0.59 -1.11 4.10
CA ILE A 66 -0.08 -2.38 4.59
C ILE A 66 -0.38 -2.54 6.09
N CYS A 67 -1.13 -3.59 6.43
CA CYS A 67 -1.49 -3.85 7.81
C CYS A 67 -1.55 -5.35 8.08
N ALA A 68 -1.60 -5.73 9.34
CA ALA A 68 -1.67 -7.14 9.73
C ALA A 68 -3.09 -7.66 9.62
N VAL A 69 -3.23 -8.86 9.06
CA VAL A 69 -4.54 -9.48 8.90
C VAL A 69 -5.08 -9.99 10.23
N GLU A 70 -4.24 -10.68 10.98
CA GLU A 70 -4.62 -11.23 12.27
C GLU A 70 -4.66 -10.14 13.34
N SER A 71 -3.73 -9.18 13.22
CA SER A 71 -3.65 -8.09 14.17
C SER A 71 -4.60 -6.96 13.79
N SER A 72 -5.86 -7.09 14.19
CA SER A 72 -6.87 -6.08 13.88
C SER A 72 -6.50 -4.73 14.49
N MET A 73 -5.86 -4.77 15.66
CA MET A 73 -5.45 -3.56 16.35
C MET A 73 -4.66 -2.64 15.42
N CYS A 74 -3.85 -3.25 14.55
CA CYS A 74 -3.04 -2.50 13.61
C CYS A 74 -3.90 -1.51 12.83
N SER A 1 -4.02 10.76 8.19
CA SER A 1 -3.57 9.38 8.08
C SER A 1 -2.07 9.28 8.33
N ASN A 2 -1.70 8.47 9.31
CA ASN A 2 -0.29 8.29 9.65
C ASN A 2 0.35 7.21 8.78
N ARG A 3 1.64 7.33 8.53
CA ARG A 3 2.37 6.37 7.72
C ARG A 3 2.18 4.95 8.25
N TRP A 4 2.16 4.82 9.58
CA TRP A 4 2.00 3.52 10.22
C TRP A 4 0.77 2.80 9.66
N ASN A 5 -0.28 3.56 9.38
CA ASN A 5 -1.52 2.99 8.85
C ASN A 5 -1.26 2.26 7.54
N LEU A 6 -0.34 2.80 6.74
CA LEU A 6 0.01 2.21 5.45
C LEU A 6 1.15 1.21 5.60
N GLY A 7 1.47 0.87 6.85
CA GLY A 7 2.54 -0.07 7.10
C GLY A 7 3.86 0.36 6.48
N TYR A 8 4.07 1.68 6.42
CA TYR A 8 5.30 2.22 5.84
C TYR A 8 6.52 1.79 6.65
N GLY A 9 6.42 1.88 7.96
CA GLY A 9 7.52 1.49 8.82
C GLY A 9 8.02 0.09 8.54
N ILE A 10 7.09 -0.79 8.19
CA ILE A 10 7.44 -2.17 7.88
C ILE A 10 8.39 -2.26 6.70
N PRO A 11 9.45 -3.07 6.84
CA PRO A 11 10.45 -3.26 5.79
C PRO A 11 9.91 -4.04 4.60
N HIS A 12 9.92 -3.41 3.43
CA HIS A 12 9.42 -4.05 2.22
C HIS A 12 10.55 -4.24 1.21
N LYS A 13 10.34 -5.14 0.25
CA LYS A 13 11.33 -5.40 -0.78
C LYS A 13 10.79 -5.07 -2.16
N GLN A 14 11.37 -4.05 -2.80
CA GLN A 14 10.95 -3.64 -4.12
C GLN A 14 11.20 -4.74 -5.15
N VAL A 15 10.24 -4.92 -6.06
CA VAL A 15 10.36 -5.94 -7.09
C VAL A 15 9.69 -5.49 -8.39
N LYS A 16 10.29 -5.87 -9.51
CA LYS A 16 9.74 -5.50 -10.82
C LYS A 16 8.40 -6.19 -11.07
N LEU A 17 7.46 -5.43 -11.62
CA LEU A 17 6.13 -5.96 -11.89
C LEU A 17 6.02 -6.43 -13.35
N PRO A 18 5.08 -7.34 -13.61
CA PRO A 18 4.86 -7.89 -14.96
C PRO A 18 4.27 -6.85 -15.91
N ASN A 19 3.81 -5.74 -15.36
CA ASN A 19 3.21 -4.68 -16.16
C ASN A 19 4.30 -3.84 -16.83
N GLY A 20 5.51 -3.91 -16.29
CA GLY A 20 6.62 -3.16 -16.85
C GLY A 20 7.08 -2.03 -15.95
N GLN A 21 6.18 -1.58 -15.07
CA GLN A 21 6.49 -0.50 -14.14
C GLN A 21 6.92 -1.05 -12.78
N LEU A 22 7.47 -0.18 -11.94
CA LEU A 22 7.91 -0.58 -10.62
C LEU A 22 6.79 -0.43 -9.59
N CYS A 23 6.89 -1.17 -8.51
CA CYS A 23 5.89 -1.12 -7.45
C CYS A 23 5.66 0.31 -6.99
N LYS A 24 4.65 0.51 -6.15
CA LYS A 24 4.32 1.83 -5.64
C LYS A 24 4.59 1.92 -4.14
N GLU A 25 4.74 3.14 -3.63
CA GLU A 25 5.00 3.35 -2.22
C GLU A 25 3.70 3.50 -1.44
N PRO A 26 3.74 3.16 -0.14
CA PRO A 26 2.57 3.25 0.74
C PRO A 26 2.17 4.69 1.03
N GLY A 27 0.96 5.05 0.64
CA GLY A 27 0.48 6.41 0.87
C GLY A 27 0.37 7.21 -0.41
N ASP A 28 1.26 6.93 -1.36
CA ASP A 28 1.25 7.63 -2.64
C ASP A 28 0.20 7.04 -3.58
N SER A 29 -0.21 7.84 -4.57
CA SER A 29 -1.21 7.40 -5.54
C SER A 29 -0.65 6.29 -6.43
N CYS A 30 -1.54 5.42 -6.90
CA CYS A 30 -1.14 4.31 -7.76
C CYS A 30 -1.95 4.32 -9.06
N SER A 31 -1.61 3.39 -9.97
CA SER A 31 -2.30 3.30 -11.24
C SER A 31 -3.25 2.10 -11.27
N LYS A 32 -2.85 1.04 -10.56
CA LYS A 32 -3.66 -0.18 -10.49
C LYS A 32 -3.33 -0.98 -9.25
N ARG A 33 -4.28 -1.78 -8.78
CA ARG A 33 -4.09 -2.60 -7.60
C ARG A 33 -2.85 -3.49 -7.76
N ASP A 34 -2.57 -3.90 -8.98
CA ASP A 34 -1.43 -4.75 -9.26
C ASP A 34 -0.12 -3.98 -9.06
N GLU A 35 -0.19 -2.67 -9.18
CA GLU A 35 0.98 -1.81 -9.00
C GLU A 35 1.50 -1.90 -7.57
N CYS A 36 0.60 -2.10 -6.62
CA CYS A 36 0.97 -2.20 -5.21
C CYS A 36 1.81 -3.44 -4.96
N CYS A 37 2.94 -3.26 -4.27
CA CYS A 37 3.84 -4.37 -3.97
C CYS A 37 3.30 -5.18 -2.78
N LYS A 38 4.13 -6.11 -2.30
CA LYS A 38 3.75 -6.96 -1.17
C LYS A 38 4.78 -6.87 -0.06
N ALA A 39 4.34 -6.54 1.15
CA ALA A 39 5.23 -6.44 2.29
C ALA A 39 6.05 -7.70 2.47
N ASP A 40 7.21 -7.58 3.12
CA ASP A 40 8.09 -8.71 3.35
C ASP A 40 7.33 -9.87 3.98
N ASP A 41 6.43 -9.54 4.90
CA ASP A 41 5.64 -10.56 5.59
C ASP A 41 4.20 -10.58 5.05
N GLN A 42 4.06 -10.59 3.73
CA GLN A 42 2.75 -10.60 3.10
C GLN A 42 1.88 -11.72 3.67
N LYS A 43 2.52 -12.79 4.11
CA LYS A 43 1.82 -13.94 4.66
C LYS A 43 0.93 -13.50 5.84
N THR A 44 1.36 -12.46 6.54
CA THR A 44 0.60 -11.94 7.67
C THR A 44 -0.03 -10.59 7.35
N TYR A 45 0.72 -9.76 6.63
CA TYR A 45 0.24 -8.44 6.25
C TYR A 45 -0.35 -8.44 4.85
N SER A 46 -1.45 -7.71 4.67
CA SER A 46 -2.11 -7.63 3.37
C SER A 46 -1.75 -6.34 2.65
N SER A 47 -1.26 -6.47 1.43
CA SER A 47 -0.87 -5.32 0.63
C SER A 47 -1.87 -5.07 -0.50
N GLY A 48 -2.12 -3.80 -0.80
CA GLY A 48 -3.05 -3.46 -1.85
C GLY A 48 -3.25 -1.97 -1.98
N CYS A 49 -3.69 -1.53 -3.17
CA CYS A 49 -3.92 -0.11 -3.41
C CYS A 49 -5.36 0.13 -3.86
N ALA A 50 -6.16 0.72 -2.98
CA ALA A 50 -7.56 1.01 -3.28
C ALA A 50 -7.88 2.48 -3.03
N GLN A 51 -8.88 2.99 -3.73
CA GLN A 51 -9.28 4.38 -3.58
C GLN A 51 -9.69 4.68 -2.14
N THR A 52 -9.33 5.87 -1.66
CA THR A 52 -9.65 6.27 -0.30
C THR A 52 -9.89 7.78 -0.22
N TRP A 53 -11.03 8.16 0.36
CA TRP A 53 -11.38 9.57 0.49
C TRP A 53 -10.24 10.35 1.14
N SER A 54 -9.61 11.23 0.37
CA SER A 54 -8.49 12.03 0.86
C SER A 54 -8.93 13.47 1.09
N ALA A 55 -8.97 13.88 2.36
CA ALA A 55 -9.38 15.23 2.71
C ALA A 55 -8.32 16.25 2.27
N MET A 56 -7.06 15.86 2.37
CA MET A 56 -5.96 16.73 1.99
C MET A 56 -5.94 16.95 0.47
N GLU A 57 -5.96 15.85 -0.27
CA GLU A 57 -5.93 15.92 -1.73
C GLU A 57 -7.25 16.47 -2.26
N GLY A 58 -8.34 16.17 -1.56
CA GLY A 58 -9.65 16.64 -1.99
C GLY A 58 -10.20 15.84 -3.15
N GLY A 59 -9.91 14.56 -3.17
CA GLY A 59 -10.39 13.70 -4.24
C GLY A 59 -10.04 12.24 -4.02
N PHE A 60 -10.95 11.36 -4.39
CA PHE A 60 -10.73 9.92 -4.24
C PHE A 60 -9.46 9.48 -4.96
N VAL A 61 -8.52 8.90 -4.21
CA VAL A 61 -7.27 8.43 -4.78
C VAL A 61 -6.87 7.09 -4.19
N ARG A 62 -6.26 6.25 -5.02
CA ARG A 62 -5.82 4.93 -4.57
C ARG A 62 -4.41 4.99 -3.98
N GLU A 63 -4.32 4.77 -2.68
CA GLU A 63 -3.03 4.80 -1.99
C GLU A 63 -2.69 3.43 -1.42
N CYS A 64 -1.45 3.00 -1.61
CA CYS A 64 -0.99 1.71 -1.12
C CYS A 64 -1.08 1.65 0.40
N TYR A 65 -1.50 0.49 0.91
CA TYR A 65 -1.64 0.30 2.36
C TYR A 65 -1.15 -1.08 2.77
N ILE A 66 -0.58 -1.17 3.96
CA ILE A 66 -0.07 -2.44 4.48
C ILE A 66 -0.42 -2.62 5.95
N CYS A 67 -1.26 -3.61 6.24
CA CYS A 67 -1.68 -3.88 7.61
C CYS A 67 -1.81 -5.38 7.84
N ALA A 68 -1.81 -5.77 9.11
CA ALA A 68 -1.93 -7.19 9.47
C ALA A 68 -3.38 -7.64 9.41
N VAL A 69 -3.58 -8.92 9.08
CA VAL A 69 -4.92 -9.48 8.99
C VAL A 69 -5.48 -9.80 10.37
N GLU A 70 -4.67 -10.44 11.20
CA GLU A 70 -5.08 -10.80 12.55
C GLU A 70 -5.11 -9.58 13.46
N SER A 71 -4.18 -8.66 13.23
CA SER A 71 -4.09 -7.44 14.03
C SER A 71 -4.72 -6.26 13.29
N SER A 72 -5.62 -5.56 13.97
CA SER A 72 -6.30 -4.41 13.39
C SER A 72 -5.50 -3.13 13.64
N MET A 73 -4.90 -3.04 14.82
CA MET A 73 -4.12 -1.86 15.19
C MET A 73 -2.66 -2.03 14.77
N CYS A 74 -2.44 -2.37 13.50
CA CYS A 74 -1.10 -2.56 12.98
C CYS A 74 -0.23 -1.35 13.28
N SER A 1 -4.98 9.98 8.58
CA SER A 1 -4.28 8.70 8.67
C SER A 1 -2.78 8.91 8.54
N ASN A 2 -2.04 8.38 9.51
CA ASN A 2 -0.58 8.50 9.52
C ASN A 2 0.05 7.45 8.62
N ARG A 3 1.38 7.49 8.52
CA ARG A 3 2.10 6.53 7.69
C ARG A 3 1.93 5.10 8.22
N TRP A 4 1.91 4.97 9.55
CA TRP A 4 1.75 3.68 10.18
C TRP A 4 0.53 2.94 9.63
N ASN A 5 -0.51 3.69 9.33
CA ASN A 5 -1.74 3.11 8.80
C ASN A 5 -1.47 2.39 7.48
N LEU A 6 -0.56 2.95 6.69
CA LEU A 6 -0.21 2.35 5.39
C LEU A 6 0.95 1.37 5.55
N GLY A 7 1.28 1.02 6.79
CA GLY A 7 2.36 0.10 7.05
C GLY A 7 3.66 0.53 6.39
N TYR A 8 3.87 1.83 6.30
CA TYR A 8 5.07 2.37 5.69
C TYR A 8 6.32 1.96 6.48
N GLY A 9 6.25 2.10 7.79
CA GLY A 9 7.38 1.73 8.64
C GLY A 9 7.86 0.32 8.38
N ILE A 10 6.91 -0.60 8.19
CA ILE A 10 7.25 -2.00 7.93
C ILE A 10 8.21 -2.12 6.76
N PRO A 11 9.27 -2.93 6.93
CA PRO A 11 10.28 -3.16 5.90
C PRO A 11 9.74 -3.97 4.73
N HIS A 12 9.81 -3.39 3.54
CA HIS A 12 9.32 -4.06 2.34
C HIS A 12 10.45 -4.27 1.33
N LYS A 13 10.25 -5.20 0.41
CA LYS A 13 11.25 -5.50 -0.60
C LYS A 13 10.81 -5.02 -1.99
N GLN A 14 11.58 -4.12 -2.58
CA GLN A 14 11.26 -3.58 -3.89
C GLN A 14 11.58 -4.60 -4.99
N VAL A 15 10.72 -4.66 -5.99
CA VAL A 15 10.92 -5.59 -7.10
C VAL A 15 10.29 -5.06 -8.39
N LYS A 16 10.72 -5.60 -9.52
CA LYS A 16 10.20 -5.17 -10.82
C LYS A 16 8.96 -5.98 -11.19
N LEU A 17 7.97 -5.31 -11.76
CA LEU A 17 6.73 -5.97 -12.18
C LEU A 17 6.78 -6.34 -13.66
N PRO A 18 5.97 -7.34 -14.04
CA PRO A 18 5.90 -7.82 -15.42
C PRO A 18 5.25 -6.80 -16.36
N ASN A 19 4.62 -5.79 -15.76
CA ASN A 19 3.96 -4.74 -16.54
C ASN A 19 4.98 -3.76 -17.10
N GLY A 20 6.16 -3.74 -16.51
CA GLY A 20 7.21 -2.84 -16.97
C GLY A 20 7.50 -1.74 -15.96
N GLN A 21 6.53 -1.44 -15.10
CA GLN A 21 6.68 -0.40 -14.10
C GLN A 21 7.09 -1.00 -12.76
N LEU A 22 7.52 -0.14 -11.84
CA LEU A 22 7.94 -0.59 -10.51
C LEU A 22 6.78 -0.55 -9.53
N CYS A 23 6.89 -1.33 -8.45
CA CYS A 23 5.85 -1.37 -7.43
C CYS A 23 5.49 0.03 -6.95
N LYS A 24 4.34 0.16 -6.30
CA LYS A 24 3.89 1.45 -5.79
C LYS A 24 4.22 1.59 -4.31
N GLU A 25 4.44 2.82 -3.87
CA GLU A 25 4.76 3.08 -2.46
C GLU A 25 3.49 3.32 -1.65
N PRO A 26 3.57 3.03 -0.34
CA PRO A 26 2.44 3.20 0.58
C PRO A 26 2.10 4.67 0.82
N GLY A 27 0.88 5.06 0.47
CA GLY A 27 0.46 6.43 0.66
C GLY A 27 0.35 7.19 -0.65
N ASP A 28 1.22 6.84 -1.60
CA ASP A 28 1.22 7.49 -2.90
C ASP A 28 0.12 6.93 -3.80
N SER A 29 -0.34 7.74 -4.75
CA SER A 29 -1.40 7.32 -5.67
C SER A 29 -0.90 6.21 -6.59
N CYS A 30 -1.82 5.34 -7.00
CA CYS A 30 -1.47 4.23 -7.88
C CYS A 30 -2.34 4.24 -9.14
N SER A 31 -2.06 3.32 -10.05
CA SER A 31 -2.82 3.23 -11.29
C SER A 31 -3.76 2.03 -11.26
N LYS A 32 -3.34 0.96 -10.61
CA LYS A 32 -4.15 -0.25 -10.51
C LYS A 32 -3.78 -1.04 -9.25
N ARG A 33 -4.76 -1.78 -8.73
CA ARG A 33 -4.53 -2.59 -7.53
C ARG A 33 -3.34 -3.52 -7.72
N ASP A 34 -3.14 -3.98 -8.95
CA ASP A 34 -2.03 -4.88 -9.25
C ASP A 34 -0.69 -4.18 -9.07
N GLU A 35 -0.71 -2.84 -9.19
CA GLU A 35 0.51 -2.06 -9.03
C GLU A 35 1.06 -2.16 -7.62
N CYS A 36 0.16 -2.33 -6.65
CA CYS A 36 0.56 -2.46 -5.25
C CYS A 36 1.25 -3.78 -4.99
N CYS A 37 2.46 -3.72 -4.46
CA CYS A 37 3.24 -4.93 -4.16
C CYS A 37 2.90 -5.46 -2.77
N LYS A 38 3.55 -6.55 -2.39
CA LYS A 38 3.33 -7.16 -1.09
C LYS A 38 4.46 -6.82 -0.13
N ALA A 39 4.19 -6.96 1.17
CA ALA A 39 5.19 -6.68 2.19
C ALA A 39 6.11 -7.88 2.41
N ASP A 40 7.20 -7.65 3.13
CA ASP A 40 8.16 -8.72 3.40
C ASP A 40 7.46 -9.94 3.99
N ASP A 41 6.52 -9.70 4.89
CA ASP A 41 5.77 -10.78 5.52
C ASP A 41 4.32 -10.78 5.06
N GLN A 42 4.12 -10.78 3.75
CA GLN A 42 2.78 -10.78 3.18
C GLN A 42 1.94 -11.90 3.77
N LYS A 43 2.59 -12.98 4.17
CA LYS A 43 1.91 -14.13 4.76
C LYS A 43 1.06 -13.69 5.95
N THR A 44 1.49 -12.64 6.63
CA THR A 44 0.77 -12.13 7.79
C THR A 44 0.18 -10.76 7.51
N TYR A 45 0.92 -9.93 6.79
CA TYR A 45 0.48 -8.58 6.45
C TYR A 45 -0.15 -8.55 5.07
N SER A 46 -1.16 -7.70 4.89
CA SER A 46 -1.85 -7.57 3.62
C SER A 46 -1.36 -6.34 2.85
N SER A 47 -1.56 -6.35 1.54
CA SER A 47 -1.13 -5.25 0.69
C SER A 47 -2.14 -5.00 -0.44
N GLY A 48 -2.37 -3.73 -0.75
CA GLY A 48 -3.30 -3.39 -1.81
C GLY A 48 -3.49 -1.89 -1.95
N CYS A 49 -3.93 -1.47 -3.13
CA CYS A 49 -4.16 -0.06 -3.40
C CYS A 49 -5.59 0.21 -3.83
N ALA A 50 -6.37 0.81 -2.93
CA ALA A 50 -7.77 1.12 -3.21
C ALA A 50 -8.08 2.59 -2.95
N GLN A 51 -9.10 3.10 -3.61
CA GLN A 51 -9.50 4.50 -3.44
C GLN A 51 -9.83 4.80 -1.99
N THR A 52 -9.43 5.99 -1.53
CA THR A 52 -9.68 6.40 -0.16
C THR A 52 -9.82 7.92 -0.06
N TRP A 53 -10.89 8.35 0.60
CA TRP A 53 -11.16 9.78 0.76
C TRP A 53 -9.93 10.49 1.32
N SER A 54 -9.31 11.33 0.49
CA SER A 54 -8.12 12.07 0.90
C SER A 54 -8.46 13.54 1.17
N ALA A 55 -8.26 13.96 2.41
CA ALA A 55 -8.55 15.34 2.81
C ALA A 55 -7.50 16.30 2.24
N MET A 56 -6.23 15.89 2.29
CA MET A 56 -5.15 16.71 1.78
C MET A 56 -5.27 16.90 0.28
N GLU A 57 -5.44 15.79 -0.45
CA GLU A 57 -5.57 15.85 -1.89
C GLU A 57 -6.91 16.45 -2.30
N GLY A 58 -7.94 16.21 -1.49
CA GLY A 58 -9.25 16.75 -1.78
C GLY A 58 -9.95 15.98 -2.89
N GLY A 59 -9.69 14.67 -2.97
CA GLY A 59 -10.31 13.86 -4.01
C GLY A 59 -10.01 12.39 -3.82
N PHE A 60 -10.99 11.54 -4.16
CA PHE A 60 -10.83 10.10 -4.03
C PHE A 60 -9.63 9.60 -4.83
N VAL A 61 -8.66 9.00 -4.13
CA VAL A 61 -7.47 8.49 -4.79
C VAL A 61 -7.07 7.13 -4.21
N ARG A 62 -6.48 6.29 -5.05
CA ARG A 62 -6.06 4.96 -4.63
C ARG A 62 -4.66 5.01 -4.02
N GLU A 63 -4.57 4.78 -2.72
CA GLU A 63 -3.29 4.80 -2.02
C GLU A 63 -2.97 3.42 -1.44
N CYS A 64 -1.72 3.01 -1.60
CA CYS A 64 -1.27 1.72 -1.09
C CYS A 64 -1.35 1.67 0.42
N TYR A 65 -1.68 0.50 0.97
CA TYR A 65 -1.79 0.32 2.41
C TYR A 65 -1.29 -1.05 2.83
N ILE A 66 -0.68 -1.12 4.01
CA ILE A 66 -0.15 -2.37 4.53
C ILE A 66 -0.47 -2.53 6.01
N CYS A 67 -1.19 -3.59 6.36
CA CYS A 67 -1.56 -3.86 7.73
C CYS A 67 -1.70 -5.36 7.98
N ALA A 68 -1.56 -5.77 9.24
CA ALA A 68 -1.67 -7.17 9.61
C ALA A 68 -3.12 -7.65 9.52
N VAL A 69 -3.31 -8.90 9.14
CA VAL A 69 -4.64 -9.48 9.01
C VAL A 69 -5.20 -9.85 10.38
N GLU A 70 -4.38 -10.52 11.18
CA GLU A 70 -4.80 -10.95 12.51
C GLU A 70 -4.89 -9.75 13.45
N SER A 71 -3.98 -8.79 13.28
CA SER A 71 -3.96 -7.60 14.12
C SER A 71 -4.59 -6.41 13.38
N SER A 72 -5.60 -5.82 14.01
CA SER A 72 -6.29 -4.67 13.42
C SER A 72 -5.55 -3.38 13.74
N MET A 73 -4.98 -3.30 14.93
CA MET A 73 -4.24 -2.11 15.35
C MET A 73 -2.76 -2.25 15.01
N CYS A 74 -2.47 -2.60 13.77
CA CYS A 74 -1.09 -2.77 13.31
C CYS A 74 -0.26 -1.53 13.64
N SER A 1 -4.49 7.17 8.49
CA SER A 1 -4.21 8.58 8.21
C SER A 1 -2.71 8.83 8.22
N ASN A 2 -2.02 8.24 9.19
CA ASN A 2 -0.56 8.40 9.32
C ASN A 2 0.17 7.34 8.50
N ARG A 3 1.48 7.53 8.34
CA ARG A 3 2.30 6.59 7.59
C ARG A 3 2.16 5.18 8.14
N TRP A 4 2.05 5.07 9.47
CA TRP A 4 1.90 3.78 10.12
C TRP A 4 0.68 3.03 9.58
N ASN A 5 -0.38 3.77 9.27
CA ASN A 5 -1.60 3.18 8.76
C ASN A 5 -1.34 2.44 7.45
N LEU A 6 -0.42 2.98 6.65
CA LEU A 6 -0.07 2.37 5.37
C LEU A 6 1.08 1.39 5.53
N GLY A 7 1.40 1.05 6.78
CA GLY A 7 2.48 0.12 7.04
C GLY A 7 3.78 0.54 6.40
N TYR A 8 3.99 1.84 6.31
CA TYR A 8 5.22 2.38 5.71
C TYR A 8 6.44 1.95 6.50
N GLY A 9 6.36 2.06 7.82
CA GLY A 9 7.47 1.68 8.67
C GLY A 9 7.94 0.26 8.40
N ILE A 10 7.00 -0.65 8.18
CA ILE A 10 7.33 -2.04 7.91
C ILE A 10 8.29 -2.16 6.73
N PRO A 11 9.34 -2.98 6.91
CA PRO A 11 10.36 -3.20 5.86
C PRO A 11 9.81 -3.99 4.68
N HIS A 12 9.86 -3.40 3.50
CA HIS A 12 9.37 -4.05 2.29
C HIS A 12 10.50 -4.27 1.29
N LYS A 13 10.28 -5.18 0.34
CA LYS A 13 11.29 -5.48 -0.66
C LYS A 13 10.78 -5.10 -2.06
N GLN A 14 11.41 -4.09 -2.65
CA GLN A 14 11.03 -3.63 -3.98
C GLN A 14 11.38 -4.66 -5.04
N VAL A 15 10.52 -4.81 -6.04
CA VAL A 15 10.75 -5.76 -7.12
C VAL A 15 10.14 -5.26 -8.43
N LYS A 16 10.66 -5.77 -9.54
CA LYS A 16 10.18 -5.37 -10.86
C LYS A 16 8.93 -6.17 -11.23
N LEU A 17 7.93 -5.47 -11.76
CA LEU A 17 6.68 -6.11 -12.17
C LEU A 17 6.74 -6.54 -13.63
N PRO A 18 5.89 -7.51 -13.99
CA PRO A 18 5.83 -8.03 -15.37
C PRO A 18 5.23 -7.02 -16.34
N ASN A 19 4.63 -5.97 -15.79
CA ASN A 19 4.02 -4.92 -16.61
C ASN A 19 5.08 -3.98 -17.17
N GLY A 20 6.25 -3.97 -16.55
CA GLY A 20 7.32 -3.11 -16.99
C GLY A 20 7.61 -1.98 -16.02
N GLN A 21 6.62 -1.65 -15.20
CA GLN A 21 6.78 -0.57 -14.22
C GLN A 21 7.15 -1.14 -12.85
N LEU A 22 7.57 -0.26 -11.95
CA LEU A 22 7.96 -0.67 -10.60
C LEU A 22 6.78 -0.57 -9.64
N CYS A 23 6.85 -1.32 -8.54
CA CYS A 23 5.79 -1.31 -7.54
C CYS A 23 5.51 0.11 -7.05
N LYS A 24 4.41 0.27 -6.34
CA LYS A 24 4.03 1.58 -5.80
C LYS A 24 4.34 1.67 -4.31
N GLU A 25 4.57 2.89 -3.84
CA GLU A 25 4.89 3.12 -2.43
C GLU A 25 3.61 3.36 -1.63
N PRO A 26 3.66 3.04 -0.33
CA PRO A 26 2.52 3.21 0.58
C PRO A 26 2.22 4.67 0.86
N GLY A 27 1.01 5.10 0.49
CA GLY A 27 0.62 6.47 0.71
C GLY A 27 0.49 7.26 -0.59
N ASP A 28 1.32 6.91 -1.56
CA ASP A 28 1.29 7.58 -2.86
C ASP A 28 0.21 6.99 -3.76
N SER A 29 -0.34 7.83 -4.64
CA SER A 29 -1.38 7.40 -5.56
C SER A 29 -0.88 6.27 -6.46
N CYS A 30 -1.79 5.40 -6.88
CA CYS A 30 -1.44 4.30 -7.77
C CYS A 30 -2.31 4.30 -9.02
N SER A 31 -2.02 3.37 -9.93
CA SER A 31 -2.77 3.28 -11.18
C SER A 31 -3.73 2.09 -11.14
N LYS A 32 -3.31 1.02 -10.46
CA LYS A 32 -4.14 -0.17 -10.34
C LYS A 32 -3.74 -0.99 -9.11
N ARG A 33 -4.70 -1.74 -8.59
CA ARG A 33 -4.45 -2.56 -7.40
C ARG A 33 -3.26 -3.48 -7.62
N ASP A 34 -3.06 -3.92 -8.86
CA ASP A 34 -1.95 -4.80 -9.20
C ASP A 34 -0.61 -4.08 -9.00
N GLU A 35 -0.63 -2.75 -9.09
CA GLU A 35 0.57 -1.97 -8.92
C GLU A 35 1.12 -2.09 -7.50
N CYS A 36 0.22 -2.27 -6.54
CA CYS A 36 0.60 -2.42 -5.14
C CYS A 36 1.30 -3.74 -4.90
N CYS A 37 2.53 -3.68 -4.41
CA CYS A 37 3.31 -4.88 -4.13
C CYS A 37 2.97 -5.45 -2.76
N LYS A 38 3.65 -6.53 -2.38
CA LYS A 38 3.42 -7.17 -1.09
C LYS A 38 4.58 -6.90 -0.13
N ALA A 39 4.26 -6.81 1.15
CA ALA A 39 5.28 -6.56 2.16
C ALA A 39 6.16 -7.79 2.37
N ASP A 40 7.25 -7.61 3.11
CA ASP A 40 8.18 -8.71 3.39
C ASP A 40 7.43 -9.92 3.94
N ASP A 41 6.46 -9.66 4.81
CA ASP A 41 5.68 -10.73 5.42
C ASP A 41 4.23 -10.66 4.96
N GLN A 42 4.02 -10.69 3.65
CA GLN A 42 2.67 -10.63 3.08
C GLN A 42 1.76 -11.67 3.71
N LYS A 43 2.36 -12.79 4.13
CA LYS A 43 1.61 -13.87 4.76
C LYS A 43 0.85 -13.37 5.98
N THR A 44 1.41 -12.36 6.65
CA THR A 44 0.78 -11.79 7.83
C THR A 44 0.18 -10.43 7.53
N TYR A 45 0.88 -9.64 6.73
CA TYR A 45 0.42 -8.31 6.36
C TYR A 45 -0.24 -8.31 4.99
N SER A 46 -1.36 -7.61 4.88
CA SER A 46 -2.09 -7.54 3.63
C SER A 46 -1.81 -6.23 2.90
N SER A 47 -1.38 -6.33 1.65
CA SER A 47 -1.06 -5.16 0.85
C SER A 47 -2.13 -4.93 -0.22
N GLY A 48 -2.31 -3.66 -0.60
CA GLY A 48 -3.30 -3.34 -1.61
C GLY A 48 -3.46 -1.83 -1.80
N CYS A 49 -3.96 -1.44 -2.96
CA CYS A 49 -4.16 -0.02 -3.26
C CYS A 49 -5.60 0.24 -3.69
N ALA A 50 -6.37 0.87 -2.81
CA ALA A 50 -7.76 1.19 -3.10
C ALA A 50 -8.05 2.67 -2.84
N GLN A 51 -9.05 3.20 -3.55
CA GLN A 51 -9.42 4.60 -3.39
C GLN A 51 -9.83 4.89 -1.95
N THR A 52 -9.41 6.04 -1.44
CA THR A 52 -9.73 6.44 -0.08
C THR A 52 -9.91 7.95 0.03
N TRP A 53 -10.99 8.37 0.65
CA TRP A 53 -11.28 9.80 0.82
C TRP A 53 -10.09 10.52 1.42
N SER A 54 -9.45 11.37 0.63
CA SER A 54 -8.29 12.13 1.08
C SER A 54 -8.62 13.62 1.17
N ALA A 55 -8.65 14.14 2.40
CA ALA A 55 -8.95 15.55 2.62
C ALA A 55 -7.83 16.43 2.06
N MET A 56 -6.59 15.99 2.21
CA MET A 56 -5.45 16.74 1.72
C MET A 56 -5.50 16.89 0.20
N GLU A 57 -5.65 15.75 -0.49
CA GLU A 57 -5.72 15.76 -1.95
C GLU A 57 -7.02 16.38 -2.43
N GLY A 58 -8.09 16.21 -1.66
CA GLY A 58 -9.38 16.77 -2.03
C GLY A 58 -10.08 15.94 -3.08
N GLY A 59 -9.89 14.62 -3.03
CA GLY A 59 -10.51 13.75 -4.00
C GLY A 59 -10.16 12.28 -3.78
N PHE A 60 -11.09 11.39 -4.11
CA PHE A 60 -10.86 9.97 -3.94
C PHE A 60 -9.62 9.51 -4.71
N VAL A 61 -8.65 8.97 -3.98
CA VAL A 61 -7.42 8.50 -4.60
C VAL A 61 -7.00 7.15 -4.03
N ARG A 62 -6.43 6.30 -4.88
CA ARG A 62 -5.99 4.98 -4.47
C ARG A 62 -4.58 5.03 -3.90
N GLU A 63 -4.47 4.80 -2.58
CA GLU A 63 -3.18 4.82 -1.91
C GLU A 63 -2.83 3.44 -1.36
N CYS A 64 -1.59 3.02 -1.56
CA CYS A 64 -1.13 1.72 -1.09
C CYS A 64 -1.14 1.67 0.44
N TYR A 65 -1.66 0.57 0.98
CA TYR A 65 -1.74 0.40 2.43
C TYR A 65 -1.24 -0.99 2.84
N ILE A 66 -0.63 -1.06 4.01
CA ILE A 66 -0.11 -2.32 4.52
C ILE A 66 -0.44 -2.50 6.01
N CYS A 67 -1.31 -3.45 6.31
CA CYS A 67 -1.69 -3.72 7.69
C CYS A 67 -1.77 -5.21 7.96
N ALA A 68 -1.59 -5.60 9.22
CA ALA A 68 -1.65 -7.00 9.60
C ALA A 68 -3.06 -7.55 9.49
N VAL A 69 -3.18 -8.76 8.94
CA VAL A 69 -4.49 -9.40 8.78
C VAL A 69 -5.02 -9.90 10.11
N GLU A 70 -4.17 -10.58 10.87
CA GLU A 70 -4.56 -11.12 12.17
C GLU A 70 -4.69 -10.01 13.20
N SER A 71 -3.83 -9.00 13.09
CA SER A 71 -3.85 -7.87 14.02
C SER A 71 -4.63 -6.70 13.43
N SER A 72 -5.92 -6.90 13.24
CA SER A 72 -6.79 -5.86 12.69
C SER A 72 -6.71 -4.59 13.52
N MET A 73 -6.47 -4.75 14.82
CA MET A 73 -6.36 -3.61 15.73
C MET A 73 -5.42 -2.55 15.17
N CYS A 74 -4.40 -2.99 14.44
CA CYS A 74 -3.42 -2.08 13.85
C CYS A 74 -4.12 -0.97 13.07
N SER A 1 -4.64 10.02 8.50
CA SER A 1 -4.02 8.74 8.15
C SER A 1 -2.51 8.80 8.33
N ASN A 2 -2.02 8.18 9.39
CA ASN A 2 -0.60 8.16 9.68
C ASN A 2 0.12 7.12 8.84
N ARG A 3 1.41 7.34 8.59
CA ARG A 3 2.20 6.41 7.79
C ARG A 3 2.07 4.98 8.32
N TRP A 4 1.98 4.84 9.64
CA TRP A 4 1.85 3.54 10.26
C TRP A 4 0.64 2.79 9.72
N ASN A 5 -0.44 3.53 9.46
CA ASN A 5 -1.66 2.94 8.94
C ASN A 5 -1.40 2.22 7.62
N LEU A 6 -0.49 2.78 6.82
CA LEU A 6 -0.15 2.20 5.53
C LEU A 6 1.02 1.22 5.67
N GLY A 7 1.34 0.87 6.90
CA GLY A 7 2.43 -0.06 7.15
C GLY A 7 3.73 0.40 6.51
N TYR A 8 3.93 1.71 6.44
CA TYR A 8 5.14 2.27 5.86
C TYR A 8 6.38 1.83 6.63
N GLY A 9 6.29 1.87 7.96
CA GLY A 9 7.41 1.47 8.78
C GLY A 9 7.89 0.07 8.47
N ILE A 10 6.95 -0.84 8.27
CA ILE A 10 7.29 -2.23 7.97
C ILE A 10 8.26 -2.31 6.80
N PRO A 11 9.32 -3.12 6.96
CA PRO A 11 10.35 -3.31 5.93
C PRO A 11 9.82 -4.07 4.72
N HIS A 12 9.85 -3.44 3.56
CA HIS A 12 9.37 -4.06 2.33
C HIS A 12 10.52 -4.25 1.34
N LYS A 13 10.32 -5.13 0.37
CA LYS A 13 11.33 -5.41 -0.64
C LYS A 13 10.86 -4.95 -2.02
N GLN A 14 11.50 -3.91 -2.55
CA GLN A 14 11.16 -3.38 -3.85
C GLN A 14 11.54 -4.35 -4.95
N VAL A 15 10.69 -4.45 -5.98
CA VAL A 15 10.93 -5.34 -7.09
C VAL A 15 10.30 -4.80 -8.38
N LYS A 16 10.67 -5.41 -9.51
CA LYS A 16 10.13 -4.99 -10.80
C LYS A 16 8.91 -5.82 -11.18
N LEU A 17 7.92 -5.16 -11.77
CA LEU A 17 6.69 -5.83 -12.18
C LEU A 17 6.74 -6.19 -13.66
N PRO A 18 5.94 -7.20 -14.05
CA PRO A 18 5.88 -7.66 -15.44
C PRO A 18 5.20 -6.64 -16.36
N ASN A 19 4.54 -5.65 -15.75
CA ASN A 19 3.86 -4.62 -16.52
C ASN A 19 4.86 -3.61 -17.08
N GLY A 20 6.06 -3.58 -16.50
CA GLY A 20 7.08 -2.66 -16.96
C GLY A 20 7.38 -1.58 -15.95
N GLN A 21 6.42 -1.30 -15.07
CA GLN A 21 6.59 -0.28 -14.05
C GLN A 21 7.02 -0.90 -12.73
N LEU A 22 7.46 -0.05 -11.80
CA LEU A 22 7.90 -0.51 -10.49
C LEU A 22 6.76 -0.49 -9.48
N CYS A 23 6.89 -1.28 -8.43
CA CYS A 23 5.88 -1.35 -7.39
C CYS A 23 5.51 0.04 -6.88
N LYS A 24 4.36 0.15 -6.23
CA LYS A 24 3.90 1.43 -5.69
C LYS A 24 4.25 1.55 -4.21
N GLU A 25 4.45 2.78 -3.76
CA GLU A 25 4.79 3.04 -2.36
C GLU A 25 3.53 3.24 -1.52
N PRO A 26 3.63 2.94 -0.22
CA PRO A 26 2.51 3.07 0.71
C PRO A 26 2.15 4.54 0.98
N GLY A 27 0.94 4.92 0.57
CA GLY A 27 0.50 6.29 0.77
C GLY A 27 0.40 7.07 -0.53
N ASP A 28 1.28 6.74 -1.48
CA ASP A 28 1.28 7.41 -2.77
C ASP A 28 0.17 6.88 -3.67
N SER A 29 -0.29 7.71 -4.60
CA SER A 29 -1.35 7.32 -5.51
C SER A 29 -0.87 6.22 -6.46
N CYS A 30 -1.79 5.34 -6.86
CA CYS A 30 -1.47 4.25 -7.76
C CYS A 30 -2.37 4.27 -8.99
N SER A 31 -2.12 3.36 -9.93
CA SER A 31 -2.91 3.28 -11.15
C SER A 31 -3.85 2.08 -11.11
N LYS A 32 -3.40 1.00 -10.49
CA LYS A 32 -4.19 -0.22 -10.38
C LYS A 32 -3.80 -1.01 -9.14
N ARG A 33 -4.76 -1.75 -8.59
CA ARG A 33 -4.50 -2.57 -7.41
C ARG A 33 -3.32 -3.50 -7.62
N ASP A 34 -3.15 -3.95 -8.86
CA ASP A 34 -2.05 -4.85 -9.20
C ASP A 34 -0.70 -4.15 -9.02
N GLU A 35 -0.71 -2.83 -9.12
CA GLU A 35 0.50 -2.05 -8.98
C GLU A 35 1.07 -2.18 -7.57
N CYS A 36 0.19 -2.35 -6.59
CA CYS A 36 0.60 -2.49 -5.20
C CYS A 36 1.28 -3.82 -4.96
N CYS A 37 2.52 -3.77 -4.47
CA CYS A 37 3.29 -4.98 -4.20
C CYS A 37 2.95 -5.54 -2.82
N LYS A 38 3.61 -6.64 -2.47
CA LYS A 38 3.39 -7.27 -1.18
C LYS A 38 4.53 -6.97 -0.22
N ALA A 39 4.24 -6.99 1.08
CA ALA A 39 5.25 -6.72 2.10
C ALA A 39 6.12 -7.94 2.34
N ASP A 40 7.24 -7.74 3.04
CA ASP A 40 8.17 -8.82 3.34
C ASP A 40 7.43 -10.01 3.96
N ASP A 41 6.43 -9.71 4.79
CA ASP A 41 5.66 -10.75 5.45
C ASP A 41 4.20 -10.72 4.99
N GLN A 42 4.00 -10.73 3.68
CA GLN A 42 2.66 -10.69 3.11
C GLN A 42 1.78 -11.77 3.72
N LYS A 43 2.40 -12.87 4.12
CA LYS A 43 1.68 -13.99 4.73
C LYS A 43 0.86 -13.53 5.93
N THR A 44 1.35 -12.49 6.60
CA THR A 44 0.66 -11.95 7.77
C THR A 44 0.08 -10.56 7.47
N TYR A 45 0.80 -9.78 6.67
CA TYR A 45 0.36 -8.44 6.30
C TYR A 45 -0.31 -8.44 4.94
N SER A 46 -1.40 -7.69 4.82
CA SER A 46 -2.14 -7.60 3.58
C SER A 46 -1.81 -6.31 2.83
N SER A 47 -1.39 -6.44 1.58
CA SER A 47 -1.04 -5.28 0.77
C SER A 47 -2.08 -5.03 -0.31
N GLY A 48 -2.28 -3.76 -0.65
CA GLY A 48 -3.26 -3.41 -1.66
C GLY A 48 -3.42 -1.91 -1.81
N CYS A 49 -3.91 -1.48 -2.97
CA CYS A 49 -4.11 -0.07 -3.25
C CYS A 49 -5.55 0.22 -3.63
N ALA A 50 -6.29 0.84 -2.73
CA ALA A 50 -7.69 1.17 -2.97
C ALA A 50 -7.95 2.66 -2.76
N GLN A 51 -9.02 3.16 -3.36
CA GLN A 51 -9.39 4.57 -3.23
C GLN A 51 -9.60 4.94 -1.77
N THR A 52 -9.21 6.16 -1.40
CA THR A 52 -9.36 6.63 -0.03
C THR A 52 -9.57 8.14 0.00
N TRP A 53 -10.65 8.57 0.66
CA TRP A 53 -10.96 9.99 0.77
C TRP A 53 -9.76 10.78 1.28
N SER A 54 -9.18 11.59 0.41
CA SER A 54 -8.02 12.40 0.77
C SER A 54 -8.40 13.88 0.89
N ALA A 55 -8.20 14.45 2.07
CA ALA A 55 -8.51 15.85 2.31
C ALA A 55 -7.53 16.77 1.58
N MET A 56 -6.25 16.39 1.61
CA MET A 56 -5.21 17.18 0.96
C MET A 56 -5.43 17.22 -0.54
N GLU A 57 -5.60 16.05 -1.15
CA GLU A 57 -5.81 15.95 -2.58
C GLU A 57 -7.20 16.47 -2.97
N GLY A 58 -8.17 16.27 -2.07
CA GLY A 58 -9.52 16.73 -2.33
C GLY A 58 -10.24 15.85 -3.33
N GLY A 59 -9.93 14.56 -3.33
CA GLY A 59 -10.55 13.64 -4.25
C GLY A 59 -10.16 12.19 -3.98
N PHE A 60 -11.10 11.27 -4.21
CA PHE A 60 -10.84 9.86 -4.00
C PHE A 60 -9.65 9.39 -4.82
N VAL A 61 -8.62 8.88 -4.13
CA VAL A 61 -7.41 8.41 -4.80
C VAL A 61 -6.97 7.07 -4.22
N ARG A 62 -6.48 6.18 -5.10
CA ARG A 62 -6.03 4.87 -4.68
C ARG A 62 -4.68 4.96 -3.99
N GLU A 63 -4.66 4.70 -2.68
CA GLU A 63 -3.43 4.75 -1.91
C GLU A 63 -3.08 3.37 -1.35
N CYS A 64 -1.80 3.00 -1.46
CA CYS A 64 -1.34 1.72 -0.98
C CYS A 64 -1.42 1.65 0.56
N TYR A 65 -1.66 0.46 1.07
CA TYR A 65 -1.77 0.26 2.51
C TYR A 65 -1.26 -1.13 2.91
N ILE A 66 -0.66 -1.21 4.10
CA ILE A 66 -0.13 -2.48 4.59
C ILE A 66 -0.44 -2.66 6.07
N CYS A 67 -1.29 -3.64 6.37
CA CYS A 67 -1.67 -3.92 7.75
C CYS A 67 -1.81 -5.43 7.97
N ALA A 68 -1.60 -5.85 9.22
CA ALA A 68 -1.70 -7.26 9.57
C ALA A 68 -3.13 -7.76 9.44
N VAL A 69 -3.29 -8.99 8.98
CA VAL A 69 -4.62 -9.58 8.82
C VAL A 69 -5.20 -10.00 10.16
N GLU A 70 -4.39 -10.68 10.98
CA GLU A 70 -4.83 -11.14 12.28
C GLU A 70 -4.82 -9.99 13.29
N SER A 71 -3.85 -9.09 13.15
CA SER A 71 -3.71 -7.96 14.05
C SER A 71 -4.39 -6.72 13.46
N SER A 72 -5.17 -6.04 14.28
CA SER A 72 -5.89 -4.84 13.84
C SER A 72 -5.06 -3.58 14.11
N MET A 73 -4.34 -3.59 15.23
CA MET A 73 -3.49 -2.45 15.60
C MET A 73 -2.10 -2.58 14.98
N CYS A 74 -2.07 -2.80 13.67
CA CYS A 74 -0.80 -2.93 12.95
C CYS A 74 0.09 -1.72 13.18
N SER A 1 -4.23 10.48 7.87
CA SER A 1 -3.81 9.10 8.04
C SER A 1 -2.30 8.99 8.18
N ASN A 2 -1.86 8.60 9.37
CA ASN A 2 -0.42 8.47 9.64
C ASN A 2 0.21 7.43 8.72
N ARG A 3 1.53 7.50 8.57
CA ARG A 3 2.25 6.57 7.71
C ARG A 3 2.11 5.15 8.22
N TRP A 4 2.14 4.99 9.54
CA TRP A 4 2.02 3.67 10.16
C TRP A 4 0.79 2.94 9.62
N ASN A 5 -0.28 3.68 9.37
CA ASN A 5 -1.52 3.09 8.86
C ASN A 5 -1.28 2.39 7.53
N LEU A 6 -0.39 2.95 6.72
CA LEU A 6 -0.06 2.38 5.42
C LEU A 6 1.11 1.40 5.53
N GLY A 7 1.46 1.04 6.76
CA GLY A 7 2.55 0.11 6.98
C GLY A 7 3.82 0.55 6.28
N TYR A 8 4.03 1.86 6.18
CA TYR A 8 5.21 2.39 5.52
C TYR A 8 6.48 1.99 6.26
N GLY A 9 6.48 2.19 7.58
CA GLY A 9 7.64 1.85 8.38
C GLY A 9 8.08 0.41 8.16
N ILE A 10 7.12 -0.49 7.99
CA ILE A 10 7.42 -1.90 7.78
C ILE A 10 8.38 -2.08 6.59
N PRO A 11 9.41 -2.90 6.80
CA PRO A 11 10.41 -3.18 5.76
C PRO A 11 9.84 -4.02 4.62
N HIS A 12 9.86 -3.46 3.41
CA HIS A 12 9.35 -4.15 2.23
C HIS A 12 10.46 -4.44 1.24
N LYS A 13 10.22 -5.39 0.34
CA LYS A 13 11.20 -5.76 -0.66
C LYS A 13 10.79 -5.25 -2.04
N GLN A 14 11.56 -4.31 -2.58
CA GLN A 14 11.26 -3.74 -3.90
C GLN A 14 11.51 -4.77 -4.99
N VAL A 15 10.66 -4.76 -6.01
CA VAL A 15 10.79 -5.69 -7.12
C VAL A 15 10.22 -5.10 -8.41
N LYS A 16 10.76 -5.51 -9.55
CA LYS A 16 10.30 -5.02 -10.84
C LYS A 16 9.08 -5.81 -11.32
N LEU A 17 8.06 -5.09 -11.75
CA LEU A 17 6.83 -5.71 -12.24
C LEU A 17 6.95 -6.07 -13.72
N PRO A 18 6.13 -7.04 -14.16
CA PRO A 18 6.11 -7.49 -15.56
C PRO A 18 5.54 -6.43 -16.49
N ASN A 19 4.94 -5.40 -15.92
CA ASN A 19 4.34 -4.32 -16.72
C ASN A 19 5.41 -3.34 -17.19
N GLY A 20 6.56 -3.36 -16.53
CA GLY A 20 7.65 -2.49 -16.89
C GLY A 20 7.90 -1.41 -15.84
N GLN A 21 6.89 -1.12 -15.04
CA GLN A 21 7.01 -0.11 -14.00
C GLN A 21 7.34 -0.75 -12.66
N LEU A 22 7.73 0.07 -11.69
CA LEU A 22 8.06 -0.42 -10.35
C LEU A 22 6.84 -0.42 -9.44
N CYS A 23 6.89 -1.24 -8.39
CA CYS A 23 5.79 -1.32 -7.45
C CYS A 23 5.38 0.06 -6.95
N LYS A 24 4.19 0.14 -6.35
CA LYS A 24 3.68 1.40 -5.84
C LYS A 24 4.04 1.57 -4.36
N GLU A 25 4.24 2.81 -3.95
CA GLU A 25 4.58 3.11 -2.55
C GLU A 25 3.32 3.33 -1.72
N PRO A 26 3.43 3.06 -0.41
CA PRO A 26 2.31 3.22 0.53
C PRO A 26 1.95 4.69 0.76
N GLY A 27 0.74 5.07 0.38
CA GLY A 27 0.30 6.44 0.55
C GLY A 27 0.19 7.18 -0.77
N ASP A 28 1.05 6.83 -1.72
CA ASP A 28 1.05 7.48 -3.02
C ASP A 28 -0.04 6.88 -3.91
N SER A 29 -0.61 7.71 -4.78
CA SER A 29 -1.66 7.27 -5.69
C SER A 29 -1.16 6.16 -6.61
N CYS A 30 -2.06 5.27 -7.00
CA CYS A 30 -1.72 4.15 -7.88
C CYS A 30 -2.61 4.14 -9.12
N SER A 31 -2.33 3.22 -10.03
CA SER A 31 -3.10 3.11 -11.26
C SER A 31 -4.03 1.91 -11.21
N LYS A 32 -3.60 0.85 -10.52
CA LYS A 32 -4.40 -0.35 -10.38
C LYS A 32 -4.00 -1.14 -9.14
N ARG A 33 -4.94 -1.89 -8.59
CA ARG A 33 -4.67 -2.70 -7.40
C ARG A 33 -3.48 -3.61 -7.61
N ASP A 34 -3.30 -4.07 -8.85
CA ASP A 34 -2.18 -4.96 -9.19
C ASP A 34 -0.85 -4.23 -9.03
N GLU A 35 -0.89 -2.92 -9.13
CA GLU A 35 0.32 -2.11 -9.01
C GLU A 35 0.90 -2.21 -7.60
N CYS A 36 0.01 -2.38 -6.61
CA CYS A 36 0.42 -2.49 -5.22
C CYS A 36 1.13 -3.82 -4.97
N CYS A 37 2.35 -3.73 -4.45
CA CYS A 37 3.15 -4.92 -4.15
C CYS A 37 2.82 -5.47 -2.77
N LYS A 38 3.49 -6.54 -2.39
CA LYS A 38 3.27 -7.16 -1.09
C LYS A 38 4.41 -6.80 -0.12
N ALA A 39 4.18 -7.08 1.16
CA ALA A 39 5.18 -6.77 2.18
C ALA A 39 6.09 -7.98 2.44
N ASP A 40 7.20 -7.74 3.12
CA ASP A 40 8.15 -8.80 3.42
C ASP A 40 7.44 -10.00 4.07
N ASP A 41 6.55 -9.71 5.00
CA ASP A 41 5.80 -10.76 5.69
C ASP A 41 4.34 -10.77 5.26
N GLN A 42 4.11 -10.84 3.95
CA GLN A 42 2.77 -10.85 3.40
C GLN A 42 1.93 -11.94 4.06
N LYS A 43 2.59 -13.01 4.50
CA LYS A 43 1.91 -14.11 5.14
C LYS A 43 1.08 -13.64 6.34
N THR A 44 1.54 -12.54 6.96
CA THR A 44 0.84 -11.99 8.11
C THR A 44 0.25 -10.61 7.78
N TYR A 45 0.99 -9.83 7.00
CA TYR A 45 0.54 -8.50 6.63
C TYR A 45 -0.10 -8.52 5.24
N SER A 46 -1.07 -7.63 5.04
CA SER A 46 -1.77 -7.55 3.75
C SER A 46 -1.30 -6.34 2.96
N SER A 47 -1.55 -6.36 1.65
CA SER A 47 -1.15 -5.27 0.77
C SER A 47 -2.20 -5.03 -0.32
N GLY A 48 -2.43 -3.77 -0.64
CA GLY A 48 -3.40 -3.43 -1.67
C GLY A 48 -3.59 -1.94 -1.83
N CYS A 49 -4.07 -1.53 -3.00
CA CYS A 49 -4.29 -0.11 -3.28
C CYS A 49 -5.75 0.14 -3.64
N ALA A 50 -6.48 0.77 -2.72
CA ALA A 50 -7.89 1.08 -2.94
C ALA A 50 -8.16 2.56 -2.72
N GLN A 51 -9.26 3.05 -3.30
CA GLN A 51 -9.63 4.45 -3.15
C GLN A 51 -9.83 4.81 -1.69
N THR A 52 -9.38 6.01 -1.30
CA THR A 52 -9.50 6.48 0.07
C THR A 52 -9.64 8.00 0.12
N TRP A 53 -10.66 8.47 0.82
CA TRP A 53 -10.89 9.90 0.96
C TRP A 53 -9.63 10.62 1.43
N SER A 54 -9.04 11.42 0.54
CA SER A 54 -7.83 12.16 0.86
C SER A 54 -8.14 13.64 1.10
N ALA A 55 -7.78 14.12 2.28
CA ALA A 55 -8.02 15.52 2.63
C ALA A 55 -7.00 16.43 1.97
N MET A 56 -5.76 15.95 1.86
CA MET A 56 -4.69 16.73 1.25
C MET A 56 -4.94 16.91 -0.25
N GLU A 57 -5.25 15.81 -0.92
CA GLU A 57 -5.51 15.85 -2.36
C GLU A 57 -6.89 16.43 -2.65
N GLY A 58 -7.84 16.18 -1.75
CA GLY A 58 -9.19 16.68 -1.91
C GLY A 58 -9.97 15.91 -2.96
N GLY A 59 -9.71 14.60 -3.04
CA GLY A 59 -10.40 13.76 -4.00
C GLY A 59 -10.11 12.29 -3.80
N PHE A 60 -11.11 11.45 -4.03
CA PHE A 60 -10.95 10.01 -3.87
C PHE A 60 -9.81 9.48 -4.74
N VAL A 61 -8.82 8.89 -4.10
CA VAL A 61 -7.66 8.35 -4.82
C VAL A 61 -7.23 7.01 -4.23
N ARG A 62 -6.72 6.14 -5.08
CA ARG A 62 -6.27 4.82 -4.65
C ARG A 62 -4.87 4.90 -4.03
N GLU A 63 -4.79 4.69 -2.72
CA GLU A 63 -3.51 4.74 -2.02
C GLU A 63 -3.16 3.37 -1.43
N CYS A 64 -1.91 2.98 -1.58
CA CYS A 64 -1.45 1.69 -1.07
C CYS A 64 -1.50 1.67 0.46
N TYR A 65 -1.65 0.48 1.03
CA TYR A 65 -1.72 0.32 2.47
C TYR A 65 -1.21 -1.06 2.90
N ILE A 66 -0.58 -1.11 4.06
CA ILE A 66 -0.04 -2.37 4.58
C ILE A 66 -0.32 -2.51 6.08
N CYS A 67 -1.07 -3.54 6.44
CA CYS A 67 -1.41 -3.79 7.83
C CYS A 67 -1.58 -5.28 8.09
N ALA A 68 -1.45 -5.68 9.35
CA ALA A 68 -1.59 -7.08 9.74
C ALA A 68 -3.02 -7.56 9.50
N VAL A 69 -3.14 -8.80 9.02
CA VAL A 69 -4.45 -9.38 8.73
C VAL A 69 -5.15 -9.81 10.03
N GLU A 70 -4.40 -10.48 10.90
CA GLU A 70 -4.96 -10.93 12.18
C GLU A 70 -5.07 -9.77 13.17
N SER A 71 -4.12 -8.85 13.11
CA SER A 71 -4.11 -7.70 14.00
C SER A 71 -4.95 -6.56 13.42
N SER A 72 -6.27 -6.69 13.56
CA SER A 72 -7.18 -5.68 13.05
C SER A 72 -6.87 -4.31 13.65
N MET A 73 -6.40 -4.31 14.89
CA MET A 73 -6.06 -3.07 15.58
C MET A 73 -5.13 -2.21 14.73
N CYS A 74 -4.24 -2.87 13.98
CA CYS A 74 -3.30 -2.17 13.12
C CYS A 74 -4.00 -1.18 12.21
N SER A 1 -4.35 9.92 7.49
CA SER A 1 -3.83 8.71 8.14
C SER A 1 -2.31 8.75 8.20
N ASN A 2 -1.76 8.36 9.35
CA ASN A 2 -0.32 8.34 9.53
C ASN A 2 0.34 7.27 8.66
N ARG A 3 1.63 7.44 8.41
CA ARG A 3 2.37 6.49 7.59
C ARG A 3 2.24 5.07 8.13
N TRP A 4 2.22 4.96 9.46
CA TRP A 4 2.11 3.66 10.11
C TRP A 4 0.86 2.93 9.63
N ASN A 5 -0.22 3.67 9.42
CA ASN A 5 -1.48 3.08 8.95
C ASN A 5 -1.27 2.35 7.63
N LEU A 6 -0.40 2.89 6.78
CA LEU A 6 -0.12 2.28 5.49
C LEU A 6 1.04 1.29 5.59
N GLY A 7 1.42 0.96 6.81
CA GLY A 7 2.52 0.03 7.02
C GLY A 7 3.79 0.47 6.32
N TYR A 8 3.99 1.77 6.24
CA TYR A 8 5.18 2.33 5.59
C TYR A 8 6.45 1.92 6.34
N GLY A 9 6.40 2.03 7.67
CA GLY A 9 7.55 1.67 8.48
C GLY A 9 8.01 0.24 8.24
N ILE A 10 7.05 -0.66 8.03
CA ILE A 10 7.38 -2.06 7.79
C ILE A 10 8.33 -2.20 6.61
N PRO A 11 9.37 -3.02 6.79
CA PRO A 11 10.37 -3.27 5.74
C PRO A 11 9.82 -4.09 4.59
N HIS A 12 9.81 -3.50 3.40
CA HIS A 12 9.29 -4.18 2.21
C HIS A 12 10.42 -4.44 1.21
N LYS A 13 10.19 -5.36 0.29
CA LYS A 13 11.17 -5.70 -0.73
C LYS A 13 10.74 -5.20 -2.10
N GLN A 14 11.49 -4.25 -2.64
CA GLN A 14 11.18 -3.68 -3.95
C GLN A 14 11.55 -4.67 -5.06
N VAL A 15 10.67 -4.76 -6.05
CA VAL A 15 10.90 -5.66 -7.18
C VAL A 15 10.31 -5.09 -8.47
N LYS A 16 10.86 -5.52 -9.60
CA LYS A 16 10.39 -5.05 -10.90
C LYS A 16 9.16 -5.82 -11.35
N LEU A 17 8.16 -5.10 -11.84
CA LEU A 17 6.93 -5.72 -12.32
C LEU A 17 7.00 -6.05 -13.80
N PRO A 18 6.18 -7.02 -14.24
CA PRO A 18 6.13 -7.45 -15.64
C PRO A 18 5.54 -6.39 -16.55
N ASN A 19 4.92 -5.36 -15.94
CA ASN A 19 4.30 -4.29 -16.70
C ASN A 19 5.36 -3.30 -17.20
N GLY A 20 6.52 -3.32 -16.55
CA GLY A 20 7.59 -2.42 -16.93
C GLY A 20 7.86 -1.35 -15.89
N GLN A 21 6.85 -1.08 -15.06
CA GLN A 21 6.99 -0.08 -14.01
C GLN A 21 7.34 -0.72 -12.68
N LEU A 22 7.74 0.10 -11.71
CA LEU A 22 8.11 -0.39 -10.38
C LEU A 22 6.90 -0.38 -9.44
N CYS A 23 6.97 -1.20 -8.40
CA CYS A 23 5.89 -1.27 -7.42
C CYS A 23 5.52 0.12 -6.91
N LYS A 24 4.33 0.23 -6.32
CA LYS A 24 3.86 1.49 -5.79
C LYS A 24 4.18 1.61 -4.30
N GLU A 25 4.38 2.84 -3.83
CA GLU A 25 4.68 3.09 -2.42
C GLU A 25 3.40 3.29 -1.62
N PRO A 26 3.47 2.99 -0.31
CA PRO A 26 2.32 3.14 0.59
C PRO A 26 1.99 4.60 0.85
N GLY A 27 0.76 4.99 0.50
CA GLY A 27 0.33 6.37 0.70
C GLY A 27 0.22 7.13 -0.59
N ASP A 28 1.08 6.80 -1.55
CA ASP A 28 1.07 7.47 -2.85
C ASP A 28 -0.01 6.88 -3.77
N SER A 29 -0.51 7.69 -4.68
CA SER A 29 -1.55 7.26 -5.61
C SER A 29 -1.02 6.14 -6.51
N CYS A 30 -1.92 5.27 -6.94
CA CYS A 30 -1.55 4.15 -7.82
C CYS A 30 -2.39 4.16 -9.09
N SER A 31 -2.09 3.24 -10.00
CA SER A 31 -2.82 3.13 -11.25
C SER A 31 -3.76 1.93 -11.23
N LYS A 32 -3.35 0.87 -10.54
CA LYS A 32 -4.15 -0.34 -10.44
C LYS A 32 -3.78 -1.14 -9.20
N ARG A 33 -4.74 -1.90 -8.68
CA ARG A 33 -4.51 -2.71 -7.49
C ARG A 33 -3.30 -3.63 -7.68
N ASP A 34 -3.09 -4.07 -8.92
CA ASP A 34 -1.96 -4.95 -9.23
C ASP A 34 -0.64 -4.22 -9.04
N GLU A 35 -0.68 -2.90 -9.14
CA GLU A 35 0.53 -2.08 -8.97
C GLU A 35 1.08 -2.20 -7.55
N CYS A 36 0.18 -2.38 -6.60
CA CYS A 36 0.55 -2.51 -5.19
C CYS A 36 1.27 -3.83 -4.95
N CYS A 37 2.52 -3.75 -4.50
CA CYS A 37 3.32 -4.93 -4.21
C CYS A 37 2.93 -5.55 -2.87
N LYS A 38 3.60 -6.63 -2.51
CA LYS A 38 3.33 -7.31 -1.24
C LYS A 38 4.45 -7.09 -0.25
N ALA A 39 4.09 -6.87 1.01
CA ALA A 39 5.08 -6.66 2.06
C ALA A 39 5.94 -7.89 2.28
N ASP A 40 7.04 -7.72 2.99
CA ASP A 40 7.96 -8.83 3.27
C ASP A 40 7.20 -10.01 3.88
N ASP A 41 6.30 -9.71 4.80
CA ASP A 41 5.51 -10.76 5.46
C ASP A 41 4.06 -10.72 4.99
N GLN A 42 3.86 -10.78 3.68
CA GLN A 42 2.53 -10.75 3.10
C GLN A 42 1.63 -11.80 3.75
N LYS A 43 2.25 -12.88 4.20
CA LYS A 43 1.51 -13.97 4.85
C LYS A 43 0.72 -13.45 6.05
N THR A 44 1.25 -12.42 6.69
CA THR A 44 0.60 -11.83 7.86
C THR A 44 0.00 -10.48 7.53
N TYR A 45 0.71 -9.70 6.72
CA TYR A 45 0.25 -8.37 6.33
C TYR A 45 -0.41 -8.40 4.95
N SER A 46 -1.51 -7.67 4.81
CA SER A 46 -2.22 -7.62 3.54
C SER A 46 -1.89 -6.34 2.78
N SER A 47 -1.45 -6.50 1.53
CA SER A 47 -1.09 -5.36 0.70
C SER A 47 -2.16 -5.12 -0.38
N GLY A 48 -2.36 -3.86 -0.73
CA GLY A 48 -3.35 -3.52 -1.74
C GLY A 48 -3.53 -2.03 -1.90
N CYS A 49 -4.02 -1.61 -3.06
CA CYS A 49 -4.24 -0.19 -3.34
C CYS A 49 -5.68 0.07 -3.74
N ALA A 50 -6.45 0.68 -2.84
CA ALA A 50 -7.85 0.99 -3.11
C ALA A 50 -8.14 2.46 -2.86
N GLN A 51 -9.18 2.97 -3.51
CA GLN A 51 -9.56 4.37 -3.36
C GLN A 51 -9.89 4.69 -1.90
N THR A 52 -9.47 5.87 -1.45
CA THR A 52 -9.70 6.29 -0.07
C THR A 52 -9.83 7.80 0.02
N TRP A 53 -10.88 8.27 0.69
CA TRP A 53 -11.13 9.70 0.85
C TRP A 53 -9.89 10.40 1.38
N SER A 54 -9.27 11.22 0.54
CA SER A 54 -8.06 11.95 0.93
C SER A 54 -8.39 13.43 1.18
N ALA A 55 -8.12 13.88 2.40
CA ALA A 55 -8.37 15.26 2.78
C ALA A 55 -7.34 16.20 2.16
N MET A 56 -6.08 15.79 2.19
CA MET A 56 -5.00 16.59 1.63
C MET A 56 -5.17 16.77 0.13
N GLU A 57 -5.41 15.66 -0.57
CA GLU A 57 -5.59 15.69 -2.01
C GLU A 57 -6.95 16.28 -2.38
N GLY A 58 -7.94 16.05 -1.52
CA GLY A 58 -9.27 16.57 -1.76
C GLY A 58 -10.00 15.82 -2.86
N GLY A 59 -9.75 14.51 -2.95
CA GLY A 59 -10.39 13.69 -3.96
C GLY A 59 -10.10 12.22 -3.78
N PHE A 60 -11.07 11.37 -4.10
CA PHE A 60 -10.92 9.93 -3.98
C PHE A 60 -9.72 9.44 -4.80
N VAL A 61 -8.77 8.84 -4.11
CA VAL A 61 -7.57 8.31 -4.76
C VAL A 61 -7.15 6.98 -4.18
N ARG A 62 -6.58 6.12 -5.02
CA ARG A 62 -6.14 4.80 -4.58
C ARG A 62 -4.74 4.87 -3.99
N GLU A 63 -4.64 4.65 -2.69
CA GLU A 63 -3.35 4.69 -2.00
C GLU A 63 -3.00 3.31 -1.43
N CYS A 64 -1.75 2.90 -1.61
CA CYS A 64 -1.29 1.61 -1.12
C CYS A 64 -1.34 1.57 0.40
N TYR A 65 -1.71 0.41 0.95
CA TYR A 65 -1.79 0.23 2.40
C TYR A 65 -1.27 -1.13 2.81
N ILE A 66 -0.66 -1.19 3.99
CA ILE A 66 -0.11 -2.44 4.51
C ILE A 66 -0.41 -2.60 5.99
N CYS A 67 -1.30 -3.54 6.30
CA CYS A 67 -1.68 -3.79 7.69
C CYS A 67 -1.80 -5.30 7.95
N ALA A 68 -1.69 -5.68 9.23
CA ALA A 68 -1.79 -7.08 9.60
C ALA A 68 -3.24 -7.54 9.66
N VAL A 69 -3.45 -8.82 9.41
CA VAL A 69 -4.80 -9.39 9.43
C VAL A 69 -5.30 -9.59 10.85
N GLU A 70 -4.44 -10.15 11.71
CA GLU A 70 -4.79 -10.38 13.11
C GLU A 70 -4.72 -9.09 13.91
N SER A 71 -3.76 -8.23 13.56
CA SER A 71 -3.57 -6.97 14.26
C SER A 71 -4.33 -5.84 13.55
N SER A 72 -5.64 -5.82 13.72
CA SER A 72 -6.48 -4.81 13.10
C SER A 72 -6.02 -3.41 13.49
N MET A 73 -5.48 -3.28 14.70
CA MET A 73 -5.00 -2.01 15.19
C MET A 73 -3.88 -1.46 14.30
N CYS A 74 -3.05 -2.37 13.80
CA CYS A 74 -1.94 -1.98 12.93
C CYS A 74 -0.94 -1.10 13.67
N SER A 1 -5.37 8.98 7.98
CA SER A 1 -4.59 7.76 8.18
C SER A 1 -3.10 8.06 8.17
N ASN A 2 -2.46 7.89 9.33
CA ASN A 2 -1.04 8.14 9.46
C ASN A 2 -0.23 7.15 8.62
N ARG A 3 1.08 7.37 8.55
CA ARG A 3 1.96 6.51 7.78
C ARG A 3 1.81 5.05 8.21
N TRP A 4 1.74 4.83 9.52
CA TRP A 4 1.59 3.49 10.07
C TRP A 4 0.42 2.77 9.42
N ASN A 5 -0.66 3.50 9.14
CA ASN A 5 -1.85 2.94 8.53
C ASN A 5 -1.50 2.28 7.19
N LEU A 6 -0.55 2.87 6.48
CA LEU A 6 -0.14 2.35 5.18
C LEU A 6 1.02 1.36 5.34
N GLY A 7 1.28 0.96 6.58
CA GLY A 7 2.36 0.03 6.85
C GLY A 7 3.67 0.48 6.23
N TYR A 8 3.87 1.78 6.15
CA TYR A 8 5.09 2.33 5.57
C TYR A 8 6.32 1.90 6.38
N GLY A 9 6.23 2.03 7.70
CA GLY A 9 7.34 1.65 8.56
C GLY A 9 7.81 0.23 8.31
N ILE A 10 6.85 -0.68 8.08
CA ILE A 10 7.18 -2.08 7.83
C ILE A 10 8.17 -2.21 6.68
N PRO A 11 9.21 -3.03 6.89
CA PRO A 11 10.24 -3.26 5.87
C PRO A 11 9.72 -4.07 4.69
N HIS A 12 9.84 -3.49 3.49
CA HIS A 12 9.37 -4.15 2.27
C HIS A 12 10.53 -4.37 1.31
N LYS A 13 10.34 -5.28 0.37
CA LYS A 13 11.36 -5.58 -0.63
C LYS A 13 10.90 -5.20 -2.03
N GLN A 14 11.53 -4.17 -2.60
CA GLN A 14 11.18 -3.71 -3.93
C GLN A 14 11.35 -4.82 -4.96
N VAL A 15 10.45 -4.86 -5.94
CA VAL A 15 10.49 -5.87 -6.98
C VAL A 15 9.87 -5.35 -8.28
N LYS A 16 10.41 -5.81 -9.41
CA LYS A 16 9.91 -5.40 -10.72
C LYS A 16 8.60 -6.11 -11.05
N LEU A 17 7.62 -5.34 -11.52
CA LEU A 17 6.32 -5.91 -11.88
C LEU A 17 6.31 -6.35 -13.34
N PRO A 18 5.40 -7.28 -13.66
CA PRO A 18 5.25 -7.81 -15.02
C PRO A 18 4.69 -6.77 -15.99
N ASN A 19 4.19 -5.66 -15.43
CA ASN A 19 3.61 -4.60 -16.25
C ASN A 19 4.72 -3.73 -16.85
N GLY A 20 5.91 -3.78 -16.26
CA GLY A 20 7.02 -2.99 -16.75
C GLY A 20 7.40 -1.88 -15.80
N GLN A 21 6.46 -1.47 -14.95
CA GLN A 21 6.71 -0.41 -14.00
C GLN A 21 7.08 -0.98 -12.63
N LEU A 22 7.57 -0.12 -11.74
CA LEU A 22 7.96 -0.54 -10.40
C LEU A 22 6.81 -0.37 -9.42
N CYS A 23 6.87 -1.11 -8.32
CA CYS A 23 5.83 -1.04 -7.30
C CYS A 23 5.57 0.40 -6.88
N LYS A 24 4.51 0.60 -6.10
CA LYS A 24 4.16 1.94 -5.62
C LYS A 24 4.44 2.08 -4.14
N GLU A 25 4.55 3.32 -3.68
CA GLU A 25 4.83 3.59 -2.28
C GLU A 25 3.53 3.73 -1.49
N PRO A 26 3.60 3.43 -0.18
CA PRO A 26 2.44 3.51 0.71
C PRO A 26 2.00 4.95 0.97
N GLY A 27 0.80 5.28 0.50
CA GLY A 27 0.28 6.63 0.68
C GLY A 27 0.15 7.38 -0.63
N ASP A 28 1.03 7.10 -1.57
CA ASP A 28 1.00 7.75 -2.87
C ASP A 28 -0.01 7.08 -3.79
N SER A 29 -0.55 7.87 -4.72
CA SER A 29 -1.55 7.37 -5.66
C SER A 29 -0.97 6.23 -6.52
N CYS A 30 -1.84 5.38 -7.03
CA CYS A 30 -1.42 4.26 -7.86
C CYS A 30 -2.22 4.23 -9.16
N SER A 31 -1.86 3.30 -10.04
CA SER A 31 -2.52 3.16 -11.33
C SER A 31 -3.40 1.91 -11.36
N LYS A 32 -2.99 0.89 -10.62
CA LYS A 32 -3.74 -0.36 -10.56
C LYS A 32 -3.39 -1.14 -9.28
N ARG A 33 -4.34 -1.96 -8.83
CA ARG A 33 -4.13 -2.75 -7.62
C ARG A 33 -2.86 -3.59 -7.74
N ASP A 34 -2.54 -4.01 -8.96
CA ASP A 34 -1.35 -4.82 -9.20
C ASP A 34 -0.08 -4.02 -8.95
N GLU A 35 -0.19 -2.70 -9.02
CA GLU A 35 0.94 -1.82 -8.80
C GLU A 35 1.44 -1.92 -7.36
N CYS A 36 0.52 -2.17 -6.45
CA CYS A 36 0.85 -2.30 -5.03
C CYS A 36 1.75 -3.51 -4.79
N CYS A 37 2.89 -3.28 -4.14
CA CYS A 37 3.83 -4.35 -3.84
C CYS A 37 3.33 -5.22 -2.70
N LYS A 38 4.18 -6.12 -2.23
CA LYS A 38 3.82 -7.02 -1.14
C LYS A 38 4.84 -6.93 -0.01
N ALA A 39 4.37 -6.61 1.19
CA ALA A 39 5.24 -6.50 2.36
C ALA A 39 6.11 -7.74 2.52
N ASP A 40 7.22 -7.60 3.23
CA ASP A 40 8.13 -8.71 3.46
C ASP A 40 7.37 -9.93 4.01
N ASP A 41 6.40 -9.66 4.86
CA ASP A 41 5.60 -10.72 5.46
C ASP A 41 4.18 -10.71 4.92
N GLN A 42 4.05 -10.73 3.60
CA GLN A 42 2.74 -10.71 2.96
C GLN A 42 1.84 -11.81 3.52
N LYS A 43 2.46 -12.91 3.95
CA LYS A 43 1.72 -14.03 4.51
C LYS A 43 0.87 -13.58 5.70
N THR A 44 1.34 -12.56 6.41
CA THR A 44 0.63 -12.05 7.57
C THR A 44 -0.01 -10.70 7.26
N TYR A 45 0.70 -9.86 6.52
CA TYR A 45 0.20 -8.54 6.15
C TYR A 45 -0.38 -8.55 4.73
N SER A 46 -1.50 -7.87 4.56
CA SER A 46 -2.16 -7.80 3.25
C SER A 46 -1.86 -6.47 2.57
N SER A 47 -1.34 -6.56 1.35
CA SER A 47 -1.02 -5.36 0.57
C SER A 47 -2.03 -5.13 -0.54
N GLY A 48 -2.33 -3.87 -0.80
CA GLY A 48 -3.28 -3.54 -1.85
C GLY A 48 -3.48 -2.04 -2.00
N CYS A 49 -3.94 -1.62 -3.18
CA CYS A 49 -4.16 -0.21 -3.45
C CYS A 49 -5.62 0.05 -3.84
N ALA A 50 -6.38 0.64 -2.94
CA ALA A 50 -7.78 0.95 -3.20
C ALA A 50 -8.09 2.42 -2.93
N GLN A 51 -9.16 2.92 -3.54
CA GLN A 51 -9.56 4.31 -3.38
C GLN A 51 -9.82 4.62 -1.91
N THR A 52 -9.39 5.81 -1.48
CA THR A 52 -9.58 6.23 -0.09
C THR A 52 -9.73 7.75 0.00
N TRP A 53 -10.78 8.20 0.67
CA TRP A 53 -11.03 9.62 0.83
C TRP A 53 -9.80 10.33 1.38
N SER A 54 -9.19 11.17 0.55
CA SER A 54 -8.00 11.90 0.94
C SER A 54 -8.32 13.38 1.19
N ALA A 55 -8.10 13.82 2.42
CA ALA A 55 -8.36 15.21 2.78
C ALA A 55 -7.35 16.15 2.15
N MET A 56 -6.08 15.79 2.25
CA MET A 56 -5.01 16.61 1.68
C MET A 56 -5.23 16.84 0.19
N GLU A 57 -5.43 15.76 -0.55
CA GLU A 57 -5.66 15.85 -1.98
C GLU A 57 -7.05 16.41 -2.29
N GLY A 58 -8.00 16.11 -1.41
CA GLY A 58 -9.36 16.60 -1.60
C GLY A 58 -10.09 15.85 -2.70
N GLY A 59 -9.78 14.56 -2.84
CA GLY A 59 -10.44 13.76 -3.86
C GLY A 59 -10.13 12.28 -3.71
N PHE A 60 -11.10 11.44 -4.05
CA PHE A 60 -10.94 10.00 -3.95
C PHE A 60 -9.73 9.53 -4.77
N VAL A 61 -8.77 8.90 -4.10
CA VAL A 61 -7.58 8.40 -4.77
C VAL A 61 -7.15 7.05 -4.20
N ARG A 62 -6.59 6.21 -5.06
CA ARG A 62 -6.13 4.89 -4.63
C ARG A 62 -4.71 4.95 -4.08
N GLU A 63 -4.57 4.73 -2.78
CA GLU A 63 -3.26 4.76 -2.14
C GLU A 63 -2.90 3.39 -1.58
N CYS A 64 -1.65 2.98 -1.80
CA CYS A 64 -1.17 1.69 -1.33
C CYS A 64 -1.18 1.64 0.20
N TYR A 65 -1.65 0.52 0.74
CA TYR A 65 -1.71 0.33 2.19
C TYR A 65 -1.22 -1.06 2.59
N ILE A 66 -0.64 -1.15 3.78
CA ILE A 66 -0.13 -2.43 4.27
C ILE A 66 -0.47 -2.61 5.75
N CYS A 67 -1.32 -3.60 6.03
CA CYS A 67 -1.72 -3.89 7.41
C CYS A 67 -1.78 -5.39 7.65
N ALA A 68 -1.92 -5.77 8.92
CA ALA A 68 -1.99 -7.18 9.29
C ALA A 68 -3.43 -7.68 9.26
N VAL A 69 -3.58 -9.00 9.13
CA VAL A 69 -4.91 -9.61 9.08
C VAL A 69 -5.49 -9.77 10.47
N GLU A 70 -4.68 -10.28 11.40
CA GLU A 70 -5.12 -10.47 12.77
C GLU A 70 -4.82 -9.24 13.62
N SER A 71 -3.70 -8.59 13.33
CA SER A 71 -3.29 -7.40 14.07
C SER A 71 -4.08 -6.17 13.60
N SER A 72 -4.96 -5.67 14.46
CA SER A 72 -5.77 -4.51 14.12
C SER A 72 -5.00 -3.21 14.40
N MET A 73 -4.21 -3.23 15.47
CA MET A 73 -3.42 -2.06 15.85
C MET A 73 -2.59 -1.55 14.68
N CYS A 74 -2.09 -2.49 13.87
CA CYS A 74 -1.28 -2.15 12.72
C CYS A 74 -0.01 -1.42 13.14
N SER A 1 -5.43 8.67 9.90
CA SER A 1 -4.76 8.22 8.68
C SER A 1 -3.28 8.58 8.72
N ASN A 2 -2.53 7.89 9.58
CA ASN A 2 -1.10 8.13 9.72
C ASN A 2 -0.30 7.20 8.80
N ARG A 3 1.00 7.47 8.68
CA ARG A 3 1.86 6.66 7.84
C ARG A 3 1.84 5.20 8.28
N TRP A 4 1.87 4.98 9.59
CA TRP A 4 1.85 3.63 10.13
C TRP A 4 0.68 2.84 9.57
N ASN A 5 -0.45 3.51 9.36
CA ASN A 5 -1.64 2.86 8.83
C ASN A 5 -1.34 2.19 7.49
N LEU A 6 -0.47 2.82 6.71
CA LEU A 6 -0.09 2.28 5.40
C LEU A 6 1.11 1.36 5.52
N GLY A 7 1.46 0.99 6.75
CA GLY A 7 2.58 0.11 6.96
C GLY A 7 3.85 0.61 6.28
N TYR A 8 3.99 1.92 6.21
CA TYR A 8 5.16 2.53 5.57
C TYR A 8 6.44 2.12 6.28
N GLY A 9 6.41 2.17 7.62
CA GLY A 9 7.57 1.80 8.39
C GLY A 9 8.03 0.37 8.14
N ILE A 10 7.06 -0.53 8.00
CA ILE A 10 7.36 -1.93 7.74
C ILE A 10 8.31 -2.09 6.56
N PRO A 11 9.35 -2.91 6.74
CA PRO A 11 10.35 -3.17 5.70
C PRO A 11 9.79 -3.97 4.54
N HIS A 12 9.84 -3.38 3.34
CA HIS A 12 9.33 -4.05 2.14
C HIS A 12 10.46 -4.30 1.14
N LYS A 13 10.22 -5.22 0.21
CA LYS A 13 11.21 -5.55 -0.81
C LYS A 13 10.78 -5.03 -2.17
N GLN A 14 11.51 -4.03 -2.67
CA GLN A 14 11.21 -3.44 -3.97
C GLN A 14 11.63 -4.38 -5.11
N VAL A 15 10.71 -4.61 -6.04
CA VAL A 15 10.98 -5.48 -7.17
C VAL A 15 10.36 -4.93 -8.45
N LYS A 16 10.78 -5.47 -9.59
CA LYS A 16 10.26 -5.05 -10.88
C LYS A 16 9.04 -5.86 -11.27
N LEU A 17 8.01 -5.17 -11.78
CA LEU A 17 6.79 -5.84 -12.20
C LEU A 17 6.84 -6.20 -13.67
N PRO A 18 6.03 -7.19 -14.07
CA PRO A 18 5.96 -7.66 -15.46
C PRO A 18 5.31 -6.63 -16.38
N ASN A 19 4.68 -5.62 -15.78
CA ASN A 19 4.02 -4.57 -16.56
C ASN A 19 5.03 -3.58 -17.10
N GLY A 20 6.22 -3.55 -16.50
CA GLY A 20 7.25 -2.64 -16.94
C GLY A 20 7.55 -1.56 -15.92
N GLN A 21 6.57 -1.28 -15.07
CA GLN A 21 6.72 -0.26 -14.03
C GLN A 21 7.14 -0.87 -12.71
N LEU A 22 7.55 -0.03 -11.77
CA LEU A 22 7.99 -0.49 -10.46
C LEU A 22 6.83 -0.48 -9.47
N CYS A 23 6.95 -1.27 -8.41
CA CYS A 23 5.91 -1.35 -7.39
C CYS A 23 5.53 0.03 -6.89
N LYS A 24 4.36 0.14 -6.27
CA LYS A 24 3.88 1.41 -5.75
C LYS A 24 4.18 1.54 -4.26
N GLU A 25 4.42 2.75 -3.81
CA GLU A 25 4.72 3.01 -2.40
C GLU A 25 3.45 3.27 -1.61
N PRO A 26 3.48 2.97 -0.30
CA PRO A 26 2.34 3.16 0.59
C PRO A 26 2.04 4.64 0.84
N GLY A 27 0.84 5.06 0.47
CA GLY A 27 0.45 6.45 0.65
C GLY A 27 0.33 7.21 -0.66
N ASP A 28 1.16 6.83 -1.63
CA ASP A 28 1.15 7.48 -2.93
C ASP A 28 0.05 6.89 -3.82
N SER A 29 -0.46 7.71 -4.75
CA SER A 29 -1.51 7.28 -5.65
C SER A 29 -1.01 6.17 -6.57
N CYS A 30 -1.93 5.29 -6.97
CA CYS A 30 -1.59 4.18 -7.86
C CYS A 30 -2.48 4.18 -9.10
N SER A 31 -2.21 3.26 -10.01
CA SER A 31 -2.98 3.15 -11.24
C SER A 31 -3.91 1.93 -11.19
N LYS A 32 -3.46 0.88 -10.52
CA LYS A 32 -4.25 -0.34 -10.40
C LYS A 32 -3.83 -1.14 -9.16
N ARG A 33 -4.76 -1.91 -8.62
CA ARG A 33 -4.49 -2.72 -7.44
C ARG A 33 -3.27 -3.61 -7.67
N ASP A 34 -3.10 -4.05 -8.91
CA ASP A 34 -1.96 -4.92 -9.25
C ASP A 34 -0.64 -4.18 -9.07
N GLU A 35 -0.69 -2.86 -9.14
CA GLU A 35 0.51 -2.05 -8.98
C GLU A 35 1.07 -2.18 -7.57
N CYS A 36 0.19 -2.38 -6.59
CA CYS A 36 0.58 -2.53 -5.21
C CYS A 36 1.30 -3.85 -4.98
N CYS A 37 2.53 -3.79 -4.49
CA CYS A 37 3.32 -4.99 -4.23
C CYS A 37 2.95 -5.60 -2.87
N LYS A 38 3.62 -6.68 -2.52
CA LYS A 38 3.37 -7.36 -1.25
C LYS A 38 4.51 -7.11 -0.27
N ALA A 39 4.14 -6.87 0.99
CA ALA A 39 5.13 -6.62 2.03
C ALA A 39 6.00 -7.85 2.28
N ASP A 40 7.11 -7.65 2.97
CA ASP A 40 8.03 -8.74 3.28
C ASP A 40 7.29 -9.90 3.94
N ASP A 41 6.40 -9.57 4.87
CA ASP A 41 5.62 -10.58 5.58
C ASP A 41 4.17 -10.57 5.12
N GLN A 42 3.97 -10.63 3.82
CA GLN A 42 2.61 -10.62 3.25
C GLN A 42 1.74 -11.68 3.92
N LYS A 43 2.36 -12.76 4.36
CA LYS A 43 1.64 -13.85 5.02
C LYS A 43 0.85 -13.33 6.22
N THR A 44 1.36 -12.27 6.85
CA THR A 44 0.70 -11.68 8.00
C THR A 44 0.11 -10.32 7.66
N TYR A 45 0.82 -9.56 6.84
CA TYR A 45 0.37 -8.23 6.44
C TYR A 45 -0.31 -8.28 5.06
N SER A 46 -1.39 -7.52 4.92
CA SER A 46 -2.13 -7.49 3.66
C SER A 46 -1.79 -6.23 2.87
N SER A 47 -1.37 -6.42 1.63
CA SER A 47 -1.01 -5.30 0.76
C SER A 47 -2.07 -5.07 -0.31
N GLY A 48 -2.30 -3.80 -0.65
CA GLY A 48 -3.29 -3.47 -1.65
C GLY A 48 -3.46 -1.98 -1.83
N CYS A 49 -3.97 -1.58 -3.00
CA CYS A 49 -4.17 -0.17 -3.30
C CYS A 49 -5.62 0.09 -3.71
N ALA A 50 -6.38 0.72 -2.82
CA ALA A 50 -7.78 1.03 -3.10
C ALA A 50 -8.07 2.51 -2.85
N GLN A 51 -9.11 3.01 -3.51
CA GLN A 51 -9.48 4.42 -3.36
C GLN A 51 -9.81 4.74 -1.90
N THR A 52 -9.38 5.92 -1.45
CA THR A 52 -9.62 6.35 -0.08
C THR A 52 -9.75 7.87 0.01
N TRP A 53 -10.82 8.33 0.67
CA TRP A 53 -11.05 9.76 0.82
C TRP A 53 -9.82 10.46 1.38
N SER A 54 -9.18 11.29 0.54
CA SER A 54 -7.99 12.01 0.95
C SER A 54 -8.30 13.48 1.20
N ALA A 55 -7.96 13.96 2.39
CA ALA A 55 -8.20 15.35 2.76
C ALA A 55 -7.16 16.26 2.13
N MET A 56 -5.91 15.83 2.13
CA MET A 56 -4.83 16.62 1.56
C MET A 56 -5.00 16.77 0.06
N GLU A 57 -5.27 15.67 -0.63
CA GLU A 57 -5.46 15.69 -2.08
C GLU A 57 -6.81 16.29 -2.43
N GLY A 58 -7.80 16.08 -1.58
CA GLY A 58 -9.13 16.62 -1.83
C GLY A 58 -9.87 15.86 -2.91
N GLY A 59 -9.61 14.56 -2.99
CA GLY A 59 -10.28 13.74 -4.00
C GLY A 59 -9.98 12.26 -3.82
N PHE A 60 -10.97 11.42 -4.14
CA PHE A 60 -10.81 9.99 -4.01
C PHE A 60 -9.62 9.48 -4.82
N VAL A 61 -8.65 8.88 -4.13
CA VAL A 61 -7.47 8.35 -4.78
C VAL A 61 -7.05 7.02 -4.18
N ARG A 62 -6.49 6.15 -5.03
CA ARG A 62 -6.05 4.83 -4.58
C ARG A 62 -4.65 4.89 -4.00
N GLU A 63 -4.56 4.68 -2.68
CA GLU A 63 -3.26 4.71 -2.01
C GLU A 63 -2.93 3.34 -1.43
N CYS A 64 -1.68 2.91 -1.61
CA CYS A 64 -1.22 1.63 -1.10
C CYS A 64 -1.26 1.59 0.42
N TYR A 65 -1.66 0.46 0.98
CA TYR A 65 -1.74 0.30 2.42
C TYR A 65 -1.22 -1.06 2.85
N ILE A 66 -0.59 -1.11 4.01
CA ILE A 66 -0.04 -2.36 4.54
C ILE A 66 -0.32 -2.49 6.03
N CYS A 67 -1.20 -3.42 6.38
CA CYS A 67 -1.56 -3.65 7.78
C CYS A 67 -1.66 -5.15 8.07
N ALA A 68 -1.65 -5.50 9.36
CA ALA A 68 -1.74 -6.89 9.77
C ALA A 68 -3.16 -7.41 9.64
N VAL A 69 -3.30 -8.62 9.10
CA VAL A 69 -4.61 -9.24 8.91
C VAL A 69 -5.19 -9.71 10.25
N GLU A 70 -4.36 -10.41 11.03
CA GLU A 70 -4.78 -10.91 12.33
C GLU A 70 -4.85 -9.79 13.35
N SER A 71 -3.93 -8.84 13.25
CA SER A 71 -3.90 -7.71 14.17
C SER A 71 -4.78 -6.57 13.68
N SER A 72 -6.09 -6.82 13.65
CA SER A 72 -7.05 -5.82 13.20
C SER A 72 -6.92 -4.54 14.01
N MET A 73 -6.51 -4.68 15.28
CA MET A 73 -6.35 -3.54 16.16
C MET A 73 -5.52 -2.44 15.49
N CYS A 74 -4.58 -2.85 14.65
CA CYS A 74 -3.72 -1.90 13.95
C CYS A 74 -4.56 -0.83 13.25
N SER A 1 -4.59 8.22 8.15
CA SER A 1 -4.05 9.57 8.27
C SER A 1 -2.54 9.53 8.54
N ASN A 2 -2.13 8.58 9.37
CA ASN A 2 -0.72 8.42 9.70
C ASN A 2 -0.03 7.43 8.77
N ARG A 3 1.30 7.41 8.81
CA ARG A 3 2.07 6.51 7.96
C ARG A 3 1.93 5.07 8.43
N TRP A 4 1.91 4.88 9.74
CA TRP A 4 1.78 3.54 10.32
C TRP A 4 0.59 2.82 9.73
N ASN A 5 -0.49 3.55 9.46
CA ASN A 5 -1.70 2.98 8.90
C ASN A 5 -1.40 2.29 7.57
N LEU A 6 -0.48 2.86 6.80
CA LEU A 6 -0.11 2.30 5.51
C LEU A 6 1.06 1.33 5.65
N GLY A 7 1.35 0.95 6.89
CA GLY A 7 2.43 0.01 7.15
C GLY A 7 3.74 0.46 6.51
N TYR A 8 3.95 1.77 6.46
CA TYR A 8 5.17 2.33 5.86
C TYR A 8 6.40 1.88 6.64
N GLY A 9 6.32 1.98 7.97
CA GLY A 9 7.45 1.59 8.81
C GLY A 9 7.92 0.17 8.51
N ILE A 10 6.97 -0.72 8.24
CA ILE A 10 7.29 -2.11 7.95
C ILE A 10 8.25 -2.22 6.76
N PRO A 11 9.30 -3.03 6.92
CA PRO A 11 10.31 -3.24 5.88
C PRO A 11 9.75 -4.02 4.68
N HIS A 12 9.82 -3.42 3.51
CA HIS A 12 9.32 -4.06 2.29
C HIS A 12 10.45 -4.25 1.29
N LYS A 13 10.24 -5.15 0.33
CA LYS A 13 11.23 -5.43 -0.70
C LYS A 13 10.74 -5.00 -2.08
N GLN A 14 11.36 -3.97 -2.63
CA GLN A 14 10.98 -3.46 -3.94
C GLN A 14 11.35 -4.45 -5.04
N VAL A 15 10.48 -4.58 -6.04
CA VAL A 15 10.72 -5.50 -7.15
C VAL A 15 10.15 -4.95 -8.45
N LYS A 16 10.54 -5.54 -9.56
CA LYS A 16 10.08 -5.11 -10.87
C LYS A 16 8.83 -5.90 -11.28
N LEU A 17 7.85 -5.20 -11.84
CA LEU A 17 6.62 -5.84 -12.29
C LEU A 17 6.69 -6.19 -13.77
N PRO A 18 5.86 -7.18 -14.19
CA PRO A 18 5.81 -7.63 -15.58
C PRO A 18 5.21 -6.59 -16.51
N ASN A 19 4.57 -5.57 -15.92
CA ASN A 19 3.94 -4.51 -16.70
C ASN A 19 4.99 -3.53 -17.23
N GLY A 20 6.17 -3.54 -16.61
CA GLY A 20 7.24 -2.66 -17.03
C GLY A 20 7.53 -1.57 -16.00
N GLN A 21 6.55 -1.28 -15.15
CA GLN A 21 6.70 -0.26 -14.13
C GLN A 21 7.10 -0.89 -12.79
N LEU A 22 7.53 -0.05 -11.86
CA LEU A 22 7.93 -0.53 -10.54
C LEU A 22 6.77 -0.48 -9.56
N CYS A 23 6.83 -1.32 -8.52
CA CYS A 23 5.78 -1.36 -7.52
C CYS A 23 5.48 0.02 -6.97
N LYS A 24 4.34 0.16 -6.32
CA LYS A 24 3.93 1.44 -5.74
C LYS A 24 4.29 1.51 -4.26
N GLU A 25 4.57 2.71 -3.78
CA GLU A 25 4.92 2.92 -2.38
C GLU A 25 3.68 3.19 -1.54
N PRO A 26 3.76 2.85 -0.24
CA PRO A 26 2.65 3.05 0.69
C PRO A 26 2.40 4.53 1.00
N GLY A 27 1.21 5.00 0.63
CA GLY A 27 0.87 6.39 0.87
C GLY A 27 0.69 7.17 -0.41
N ASP A 28 1.45 6.80 -1.43
CA ASP A 28 1.39 7.47 -2.73
C ASP A 28 0.32 6.83 -3.62
N SER A 29 -0.36 7.66 -4.40
CA SER A 29 -1.40 7.18 -5.30
C SER A 29 -0.88 6.05 -6.19
N CYS A 30 -1.80 5.32 -6.81
CA CYS A 30 -1.43 4.21 -7.68
C CYS A 30 -2.26 4.24 -8.96
N SER A 31 -1.96 3.33 -9.88
CA SER A 31 -2.67 3.25 -11.15
C SER A 31 -3.64 2.08 -11.15
N LYS A 32 -3.28 1.00 -10.45
CA LYS A 32 -4.12 -0.18 -10.36
C LYS A 32 -3.78 -1.00 -9.12
N ARG A 33 -4.77 -1.72 -8.60
CA ARG A 33 -4.58 -2.54 -7.42
C ARG A 33 -3.42 -3.51 -7.61
N ASP A 34 -3.22 -3.94 -8.85
CA ASP A 34 -2.14 -4.87 -9.16
C ASP A 34 -0.78 -4.21 -8.98
N GLU A 35 -0.75 -2.89 -9.10
CA GLU A 35 0.49 -2.13 -8.95
C GLU A 35 1.02 -2.25 -7.53
N CYS A 36 0.11 -2.37 -6.57
CA CYS A 36 0.50 -2.48 -5.16
C CYS A 36 1.18 -3.82 -4.90
N CYS A 37 2.43 -3.76 -4.48
CA CYS A 37 3.21 -4.96 -4.19
C CYS A 37 2.89 -5.49 -2.79
N LYS A 38 3.54 -6.58 -2.41
CA LYS A 38 3.33 -7.18 -1.11
C LYS A 38 4.47 -6.84 -0.15
N ALA A 39 4.23 -6.99 1.14
CA ALA A 39 5.24 -6.70 2.15
C ALA A 39 6.15 -7.90 2.38
N ASP A 40 7.25 -7.67 3.09
CA ASP A 40 8.20 -8.74 3.38
C ASP A 40 7.50 -9.96 3.98
N ASP A 41 6.56 -9.71 4.87
CA ASP A 41 5.81 -10.79 5.52
C ASP A 41 4.35 -10.78 5.07
N GLN A 42 4.14 -10.79 3.75
CA GLN A 42 2.80 -10.79 3.20
C GLN A 42 1.95 -11.89 3.82
N LYS A 43 2.60 -12.98 4.23
CA LYS A 43 1.90 -14.10 4.84
C LYS A 43 1.09 -13.65 6.05
N THR A 44 1.55 -12.59 6.70
CA THR A 44 0.88 -12.05 7.88
C THR A 44 0.28 -10.68 7.59
N TYR A 45 1.00 -9.87 6.83
CA TYR A 45 0.54 -8.53 6.49
C TYR A 45 -0.11 -8.53 5.11
N SER A 46 -1.13 -7.68 4.95
CA SER A 46 -1.84 -7.58 3.68
C SER A 46 -1.40 -6.34 2.92
N SER A 47 -1.49 -6.41 1.59
CA SER A 47 -1.10 -5.29 0.74
C SER A 47 -2.14 -5.05 -0.35
N GLY A 48 -2.41 -3.78 -0.64
CA GLY A 48 -3.38 -3.43 -1.65
C GLY A 48 -3.55 -1.93 -1.81
N CYS A 49 -4.03 -1.50 -2.97
CA CYS A 49 -4.24 -0.09 -3.24
C CYS A 49 -5.70 0.19 -3.60
N ALA A 50 -6.43 0.80 -2.67
CA ALA A 50 -7.84 1.12 -2.90
C ALA A 50 -8.10 2.61 -2.68
N GLN A 51 -9.20 3.10 -3.24
CA GLN A 51 -9.56 4.50 -3.11
C GLN A 51 -9.71 4.89 -1.64
N THR A 52 -9.30 6.11 -1.32
CA THR A 52 -9.38 6.61 0.04
C THR A 52 -9.57 8.12 0.07
N TRP A 53 -10.62 8.57 0.77
CA TRP A 53 -10.91 10.00 0.86
C TRP A 53 -9.67 10.78 1.32
N SER A 54 -9.13 11.58 0.41
CA SER A 54 -7.95 12.38 0.70
C SER A 54 -8.31 13.85 0.86
N ALA A 55 -8.01 14.40 2.04
CA ALA A 55 -8.30 15.80 2.33
C ALA A 55 -7.33 16.72 1.59
N MET A 56 -6.07 16.31 1.51
CA MET A 56 -5.05 17.10 0.84
C MET A 56 -5.31 17.16 -0.66
N GLU A 57 -5.52 16.00 -1.27
CA GLU A 57 -5.78 15.93 -2.70
C GLU A 57 -7.16 16.47 -3.03
N GLY A 58 -8.11 16.28 -2.11
CA GLY A 58 -9.45 16.76 -2.32
C GLY A 58 -10.23 15.90 -3.30
N GLY A 59 -9.95 14.60 -3.30
CA GLY A 59 -10.63 13.70 -4.20
C GLY A 59 -10.25 12.24 -3.95
N PHE A 60 -11.21 11.34 -4.16
CA PHE A 60 -10.98 9.91 -3.94
C PHE A 60 -9.81 9.42 -4.81
N VAL A 61 -8.79 8.89 -4.15
CA VAL A 61 -7.62 8.38 -4.85
C VAL A 61 -7.14 7.06 -4.25
N ARG A 62 -6.70 6.15 -5.11
CA ARG A 62 -6.22 4.85 -4.66
C ARG A 62 -4.83 4.96 -4.04
N GLU A 63 -4.76 4.76 -2.72
CA GLU A 63 -3.50 4.84 -2.00
C GLU A 63 -3.12 3.48 -1.41
N CYS A 64 -1.85 3.12 -1.54
CA CYS A 64 -1.36 1.84 -1.03
C CYS A 64 -1.47 1.80 0.49
N TYR A 65 -1.61 0.59 1.03
CA TYR A 65 -1.74 0.41 2.47
C TYR A 65 -1.26 -0.99 2.88
N ILE A 66 -0.67 -1.07 4.07
CA ILE A 66 -0.17 -2.34 4.58
C ILE A 66 -0.49 -2.50 6.06
N CYS A 67 -1.20 -3.57 6.38
CA CYS A 67 -1.58 -3.84 7.78
C CYS A 67 -1.69 -5.34 8.01
N ALA A 68 -1.52 -5.75 9.27
CA ALA A 68 -1.61 -7.15 9.64
C ALA A 68 -3.03 -7.68 9.48
N VAL A 69 -3.15 -8.90 8.98
CA VAL A 69 -4.45 -9.52 8.78
C VAL A 69 -5.05 -10.00 10.10
N GLU A 70 -4.23 -10.68 10.90
CA GLU A 70 -4.68 -11.18 12.19
C GLU A 70 -4.84 -10.05 13.19
N SER A 71 -3.96 -9.06 13.10
CA SER A 71 -4.00 -7.91 14.01
C SER A 71 -4.76 -6.75 13.38
N SER A 72 -5.89 -6.39 13.99
CA SER A 72 -6.72 -5.30 13.49
C SER A 72 -6.10 -3.95 13.84
N MET A 73 -5.48 -3.87 15.02
CA MET A 73 -4.85 -2.64 15.47
C MET A 73 -3.34 -2.72 15.33
N CYS A 74 -2.87 -3.10 14.14
CA CYS A 74 -1.46 -3.21 13.87
C CYS A 74 -0.73 -1.89 14.13
N SER A 1 -5.12 9.21 7.42
CA SER A 1 -4.46 8.06 8.04
C SER A 1 -2.96 8.29 8.13
N ASN A 2 -2.38 7.91 9.28
CA ASN A 2 -0.95 8.08 9.50
C ASN A 2 -0.16 7.06 8.67
N ARG A 3 1.14 7.32 8.51
CA ARG A 3 2.00 6.44 7.74
C ARG A 3 1.87 5.00 8.23
N TRP A 4 1.82 4.83 9.55
CA TRP A 4 1.70 3.51 10.15
C TRP A 4 0.53 2.74 9.56
N ASN A 5 -0.56 3.46 9.28
CA ASN A 5 -1.76 2.85 8.71
C ASN A 5 -1.45 2.19 7.37
N LEU A 6 -0.56 2.81 6.61
CA LEU A 6 -0.17 2.28 5.30
C LEU A 6 1.02 1.35 5.42
N GLY A 7 1.35 0.96 6.65
CA GLY A 7 2.47 0.08 6.88
C GLY A 7 3.75 0.57 6.23
N TYR A 8 3.90 1.89 6.16
CA TYR A 8 5.08 2.49 5.55
C TYR A 8 6.35 2.06 6.28
N GLY A 9 6.35 2.23 7.60
CA GLY A 9 7.51 1.85 8.40
C GLY A 9 7.93 0.42 8.17
N ILE A 10 6.95 -0.47 8.01
CA ILE A 10 7.22 -1.89 7.79
C ILE A 10 8.21 -2.08 6.64
N PRO A 11 9.22 -2.92 6.87
CA PRO A 11 10.25 -3.22 5.85
C PRO A 11 9.68 -4.03 4.69
N HIS A 12 9.84 -3.49 3.48
CA HIS A 12 9.36 -4.16 2.29
C HIS A 12 10.51 -4.44 1.31
N LYS A 13 10.28 -5.37 0.39
CA LYS A 13 11.30 -5.74 -0.60
C LYS A 13 10.90 -5.24 -1.99
N GLN A 14 11.63 -4.26 -2.50
CA GLN A 14 11.36 -3.71 -3.82
C GLN A 14 11.65 -4.74 -4.91
N VAL A 15 10.79 -4.79 -5.92
CA VAL A 15 10.97 -5.72 -7.03
C VAL A 15 10.34 -5.17 -8.30
N LYS A 16 10.95 -5.51 -9.44
CA LYS A 16 10.46 -5.05 -10.74
C LYS A 16 9.23 -5.85 -11.16
N LEU A 17 8.19 -5.14 -11.58
CA LEU A 17 6.96 -5.79 -12.00
C LEU A 17 7.02 -6.14 -13.49
N PRO A 18 6.20 -7.12 -13.91
CA PRO A 18 6.15 -7.58 -15.30
C PRO A 18 5.52 -6.53 -16.22
N ASN A 19 4.92 -5.50 -15.63
CA ASN A 19 4.28 -4.44 -16.39
C ASN A 19 5.32 -3.45 -16.91
N GLY A 20 6.50 -3.45 -16.29
CA GLY A 20 7.55 -2.55 -16.70
C GLY A 20 7.82 -1.46 -15.68
N GLN A 21 6.83 -1.19 -14.83
CA GLN A 21 6.98 -0.17 -13.81
C GLN A 21 7.32 -0.79 -12.46
N LEU A 22 7.72 0.04 -11.51
CA LEU A 22 8.08 -0.42 -10.18
C LEU A 22 6.88 -0.43 -9.25
N CYS A 23 6.94 -1.23 -8.20
CA CYS A 23 5.86 -1.33 -7.23
C CYS A 23 5.43 0.06 -6.75
N LYS A 24 4.23 0.15 -6.21
CA LYS A 24 3.70 1.41 -5.71
C LYS A 24 4.03 1.59 -4.22
N GLU A 25 4.21 2.85 -3.81
CA GLU A 25 4.53 3.14 -2.42
C GLU A 25 3.26 3.37 -1.61
N PRO A 26 3.34 3.11 -0.29
CA PRO A 26 2.21 3.28 0.62
C PRO A 26 1.85 4.74 0.83
N GLY A 27 0.63 5.11 0.42
CA GLY A 27 0.18 6.48 0.57
C GLY A 27 0.09 7.21 -0.76
N ASP A 28 0.98 6.85 -1.68
CA ASP A 28 0.99 7.48 -3.00
C ASP A 28 -0.06 6.86 -3.91
N SER A 29 -0.66 7.69 -4.77
CA SER A 29 -1.69 7.22 -5.69
C SER A 29 -1.15 6.08 -6.57
N CYS A 30 -2.05 5.22 -7.02
CA CYS A 30 -1.67 4.09 -7.85
C CYS A 30 -2.49 4.07 -9.15
N SER A 31 -2.17 3.13 -10.03
CA SER A 31 -2.87 3.02 -11.30
C SER A 31 -3.80 1.81 -11.31
N LYS A 32 -3.40 0.77 -10.59
CA LYS A 32 -4.20 -0.45 -10.50
C LYS A 32 -3.88 -1.22 -9.22
N ARG A 33 -4.86 -1.97 -8.73
CA ARG A 33 -4.68 -2.75 -7.52
C ARG A 33 -3.48 -3.69 -7.64
N ASP A 34 -3.21 -4.14 -8.87
CA ASP A 34 -2.09 -5.03 -9.12
C ASP A 34 -0.76 -4.30 -8.93
N GLU A 35 -0.80 -2.98 -9.02
CA GLU A 35 0.41 -2.17 -8.86
C GLU A 35 0.95 -2.29 -7.44
N CYS A 36 0.05 -2.48 -6.48
CA CYS A 36 0.45 -2.61 -5.09
C CYS A 36 1.17 -3.94 -4.84
N CYS A 37 2.43 -3.86 -4.44
CA CYS A 37 3.22 -5.05 -4.17
C CYS A 37 2.90 -5.62 -2.79
N LYS A 38 3.57 -6.71 -2.43
CA LYS A 38 3.36 -7.35 -1.14
C LYS A 38 4.50 -7.01 -0.18
N ALA A 39 4.20 -7.04 1.11
CA ALA A 39 5.20 -6.73 2.13
C ALA A 39 6.12 -7.92 2.35
N ASP A 40 7.20 -7.70 3.11
CA ASP A 40 8.16 -8.75 3.40
C ASP A 40 7.46 -9.99 3.95
N ASP A 41 6.48 -9.77 4.82
CA ASP A 41 5.73 -10.87 5.43
C ASP A 41 4.29 -10.86 4.94
N GLN A 42 4.10 -10.87 3.63
CA GLN A 42 2.77 -10.87 3.04
C GLN A 42 1.92 -11.99 3.63
N LYS A 43 2.56 -13.07 4.04
CA LYS A 43 1.87 -14.21 4.63
C LYS A 43 1.03 -13.77 5.83
N THR A 44 1.48 -12.72 6.51
CA THR A 44 0.78 -12.20 7.67
C THR A 44 0.16 -10.84 7.38
N TYR A 45 0.89 -10.01 6.65
CA TYR A 45 0.42 -8.67 6.30
C TYR A 45 -0.21 -8.66 4.91
N SER A 46 -1.25 -7.87 4.75
CA SER A 46 -1.95 -7.77 3.46
C SER A 46 -1.53 -6.50 2.72
N SER A 47 -1.68 -6.51 1.40
CA SER A 47 -1.31 -5.37 0.57
C SER A 47 -2.37 -5.12 -0.50
N GLY A 48 -2.61 -3.85 -0.80
CA GLY A 48 -3.59 -3.50 -1.81
C GLY A 48 -3.78 -2.00 -1.95
N CYS A 49 -4.26 -1.57 -3.11
CA CYS A 49 -4.49 -0.16 -3.37
C CYS A 49 -5.95 0.12 -3.72
N ALA A 50 -6.67 0.73 -2.78
CA ALA A 50 -8.08 1.05 -2.99
C ALA A 50 -8.35 2.53 -2.75
N GLN A 51 -9.42 3.04 -3.35
CA GLN A 51 -9.79 4.44 -3.20
C GLN A 51 -10.02 4.79 -1.73
N THR A 52 -9.55 5.97 -1.33
CA THR A 52 -9.71 6.42 0.04
C THR A 52 -9.81 7.95 0.11
N TRP A 53 -10.86 8.43 0.76
CA TRP A 53 -11.08 9.86 0.91
C TRP A 53 -9.84 10.55 1.45
N SER A 54 -9.20 11.36 0.61
CA SER A 54 -7.99 12.08 1.00
C SER A 54 -8.29 13.56 1.24
N ALA A 55 -8.00 14.02 2.45
CA ALA A 55 -8.23 15.42 2.81
C ALA A 55 -7.19 16.33 2.19
N MET A 56 -5.94 15.88 2.22
CA MET A 56 -4.83 16.66 1.66
C MET A 56 -4.99 16.81 0.16
N GLU A 57 -5.24 15.70 -0.53
CA GLU A 57 -5.41 15.72 -1.97
C GLU A 57 -6.71 16.40 -2.36
N GLY A 58 -7.73 16.25 -1.51
CA GLY A 58 -9.02 16.86 -1.78
C GLY A 58 -9.80 16.11 -2.84
N GLY A 59 -9.63 14.79 -2.88
CA GLY A 59 -10.34 13.98 -3.86
C GLY A 59 -10.07 12.49 -3.67
N PHE A 60 -11.08 11.68 -3.98
CA PHE A 60 -10.96 10.23 -3.84
C PHE A 60 -9.79 9.70 -4.66
N VAL A 61 -8.82 9.08 -3.98
CA VAL A 61 -7.66 8.52 -4.65
C VAL A 61 -7.29 7.17 -4.07
N ARG A 62 -6.74 6.29 -4.92
CA ARG A 62 -6.35 4.95 -4.49
C ARG A 62 -4.91 4.95 -3.98
N GLU A 63 -4.76 4.75 -2.68
CA GLU A 63 -3.44 4.71 -2.06
C GLU A 63 -3.13 3.34 -1.48
N CYS A 64 -1.91 2.86 -1.73
CA CYS A 64 -1.49 1.56 -1.24
C CYS A 64 -1.44 1.54 0.29
N TYR A 65 -1.80 0.40 0.88
CA TYR A 65 -1.80 0.24 2.32
C TYR A 65 -1.24 -1.12 2.73
N ILE A 66 -0.60 -1.17 3.89
CA ILE A 66 -0.02 -2.40 4.39
C ILE A 66 -0.29 -2.57 5.89
N CYS A 67 -0.95 -3.67 6.25
CA CYS A 67 -1.28 -3.94 7.65
C CYS A 67 -1.39 -5.45 7.89
N ALA A 68 -1.48 -5.83 9.16
CA ALA A 68 -1.59 -7.23 9.54
C ALA A 68 -3.05 -7.67 9.57
N VAL A 69 -3.29 -8.93 9.20
CA VAL A 69 -4.65 -9.48 9.19
C VAL A 69 -5.22 -9.54 10.60
N GLU A 70 -4.43 -10.06 11.54
CA GLU A 70 -4.86 -10.18 12.92
C GLU A 70 -4.77 -8.83 13.64
N SER A 71 -3.76 -8.04 13.28
CA SER A 71 -3.56 -6.74 13.89
C SER A 71 -4.09 -5.63 12.99
N SER A 72 -5.40 -5.42 13.02
CA SER A 72 -6.04 -4.40 12.21
C SER A 72 -5.43 -3.03 12.49
N MET A 73 -5.07 -2.80 13.75
CA MET A 73 -4.48 -1.53 14.15
C MET A 73 -2.97 -1.67 14.35
N CYS A 74 -2.31 -2.32 13.40
CA CYS A 74 -0.86 -2.51 13.47
C CYS A 74 -0.15 -1.20 13.72
N SER A 1 -5.47 7.42 9.50
CA SER A 1 -4.76 7.29 8.24
C SER A 1 -3.31 7.75 8.40
N ASN A 2 -2.67 7.32 9.48
CA ASN A 2 -1.29 7.69 9.75
C ASN A 2 -0.33 6.83 8.92
N ARG A 3 0.92 7.26 8.85
CA ARG A 3 1.94 6.54 8.09
C ARG A 3 1.97 5.06 8.49
N TRP A 4 1.79 4.79 9.78
CA TRP A 4 1.79 3.43 10.28
C TRP A 4 0.64 2.62 9.69
N ASN A 5 -0.49 3.28 9.46
CA ASN A 5 -1.65 2.62 8.89
C ASN A 5 -1.32 1.99 7.55
N LEU A 6 -0.43 2.63 6.80
CA LEU A 6 -0.01 2.13 5.50
C LEU A 6 1.17 1.18 5.63
N GLY A 7 1.47 0.77 6.85
CA GLY A 7 2.57 -0.14 7.08
C GLY A 7 3.86 0.33 6.44
N TYR A 8 4.02 1.65 6.36
CA TYR A 8 5.22 2.23 5.75
C TYR A 8 6.47 1.79 6.50
N GLY A 9 6.44 1.88 7.83
CA GLY A 9 7.59 1.49 8.63
C GLY A 9 8.01 0.05 8.35
N ILE A 10 7.04 -0.84 8.16
CA ILE A 10 7.33 -2.23 7.89
C ILE A 10 8.30 -2.37 6.71
N PRO A 11 9.32 -3.22 6.88
CA PRO A 11 10.33 -3.46 5.83
C PRO A 11 9.75 -4.24 4.66
N HIS A 12 9.85 -3.66 3.46
CA HIS A 12 9.35 -4.30 2.26
C HIS A 12 10.46 -4.54 1.25
N LYS A 13 10.23 -5.44 0.31
CA LYS A 13 11.23 -5.75 -0.72
C LYS A 13 10.80 -5.21 -2.08
N GLN A 14 11.53 -4.21 -2.56
CA GLN A 14 11.22 -3.60 -3.85
C GLN A 14 11.50 -4.56 -4.99
N VAL A 15 10.61 -4.59 -5.97
CA VAL A 15 10.77 -5.47 -7.13
C VAL A 15 10.19 -4.83 -8.39
N LYS A 16 10.64 -5.32 -9.55
CA LYS A 16 10.18 -4.80 -10.82
C LYS A 16 8.97 -5.58 -11.33
N LEU A 17 7.97 -4.86 -11.83
CA LEU A 17 6.76 -5.49 -12.33
C LEU A 17 6.88 -5.78 -13.83
N PRO A 18 6.10 -6.75 -14.31
CA PRO A 18 6.11 -7.15 -15.72
C PRO A 18 5.49 -6.09 -16.62
N ASN A 19 4.84 -5.10 -16.01
CA ASN A 19 4.21 -4.03 -16.76
C ASN A 19 5.25 -3.02 -17.24
N GLY A 20 6.43 -3.05 -16.62
CA GLY A 20 7.49 -2.13 -16.99
C GLY A 20 7.78 -1.11 -15.92
N GLN A 21 6.79 -0.85 -15.06
CA GLN A 21 6.95 0.12 -13.99
C GLN A 21 7.27 -0.58 -12.68
N LEU A 22 7.69 0.20 -11.68
CA LEU A 22 8.04 -0.34 -10.37
C LEU A 22 6.83 -0.32 -9.44
N CYS A 23 6.86 -1.18 -8.42
CA CYS A 23 5.78 -1.26 -7.45
C CYS A 23 5.43 0.12 -6.90
N LYS A 24 4.25 0.24 -6.31
CA LYS A 24 3.81 1.51 -5.74
C LYS A 24 4.16 1.58 -4.26
N GLU A 25 4.40 2.80 -3.77
CA GLU A 25 4.74 3.00 -2.37
C GLU A 25 3.49 3.24 -1.53
N PRO A 26 3.57 2.90 -0.24
CA PRO A 26 2.45 3.07 0.70
C PRO A 26 2.15 4.54 0.99
N GLY A 27 0.96 4.99 0.60
CA GLY A 27 0.57 6.36 0.83
C GLY A 27 0.41 7.14 -0.47
N ASP A 28 1.21 6.79 -1.47
CA ASP A 28 1.15 7.47 -2.76
C ASP A 28 0.02 6.91 -3.61
N SER A 29 -0.38 7.67 -4.63
CA SER A 29 -1.46 7.25 -5.52
C SER A 29 -0.98 6.13 -6.44
N CYS A 30 -1.91 5.27 -6.85
CA CYS A 30 -1.59 4.16 -7.74
C CYS A 30 -2.49 4.18 -8.97
N SER A 31 -2.24 3.26 -9.89
CA SER A 31 -3.02 3.16 -11.12
C SER A 31 -3.97 1.96 -11.06
N LYS A 32 -3.54 0.91 -10.39
CA LYS A 32 -4.35 -0.30 -10.26
C LYS A 32 -3.93 -1.11 -9.03
N ARG A 33 -4.88 -1.85 -8.47
CA ARG A 33 -4.62 -2.66 -7.29
C ARG A 33 -3.44 -3.60 -7.53
N ASP A 34 -3.28 -4.03 -8.78
CA ASP A 34 -2.19 -4.93 -9.15
C ASP A 34 -0.84 -4.24 -8.99
N GLU A 35 -0.84 -2.91 -9.09
CA GLU A 35 0.39 -2.14 -8.96
C GLU A 35 0.97 -2.26 -7.56
N CYS A 36 0.09 -2.42 -6.58
CA CYS A 36 0.50 -2.55 -5.19
C CYS A 36 1.24 -3.87 -4.96
N CYS A 37 2.46 -3.78 -4.45
CA CYS A 37 3.27 -4.95 -4.18
C CYS A 37 2.91 -5.58 -2.84
N LYS A 38 3.60 -6.65 -2.48
CA LYS A 38 3.35 -7.34 -1.22
C LYS A 38 4.49 -7.10 -0.24
N ALA A 39 4.15 -7.03 1.05
CA ALA A 39 5.15 -6.81 2.09
C ALA A 39 6.00 -8.05 2.30
N ASP A 40 7.12 -7.88 3.00
CA ASP A 40 8.02 -9.00 3.27
C ASP A 40 7.26 -10.18 3.89
N ASP A 41 6.36 -9.87 4.82
CA ASP A 41 5.57 -10.91 5.47
C ASP A 41 4.12 -10.86 5.01
N GLN A 42 3.91 -10.90 3.70
CA GLN A 42 2.56 -10.84 3.14
C GLN A 42 1.67 -11.90 3.78
N LYS A 43 2.27 -12.99 4.21
CA LYS A 43 1.53 -14.09 4.84
C LYS A 43 0.75 -13.58 6.06
N THR A 44 1.29 -12.55 6.71
CA THR A 44 0.65 -11.97 7.89
C THR A 44 0.07 -10.61 7.57
N TYR A 45 0.78 -9.83 6.77
CA TYR A 45 0.34 -8.50 6.39
C TYR A 45 -0.34 -8.51 5.02
N SER A 46 -1.43 -7.76 4.89
CA SER A 46 -2.16 -7.69 3.64
C SER A 46 -1.84 -6.40 2.88
N SER A 47 -1.40 -6.55 1.64
CA SER A 47 -1.05 -5.40 0.81
C SER A 47 -2.12 -5.15 -0.24
N GLY A 48 -2.35 -3.87 -0.55
CA GLY A 48 -3.34 -3.51 -1.54
C GLY A 48 -3.49 -2.00 -1.70
N CYS A 49 -4.00 -1.58 -2.85
CA CYS A 49 -4.19 -0.16 -3.13
C CYS A 49 -5.64 0.14 -3.45
N ALA A 50 -6.33 0.78 -2.51
CA ALA A 50 -7.73 1.14 -2.70
C ALA A 50 -7.96 2.62 -2.51
N GLN A 51 -9.05 3.13 -3.06
CA GLN A 51 -9.38 4.55 -2.95
C GLN A 51 -9.50 4.98 -1.50
N THR A 52 -9.10 6.21 -1.21
CA THR A 52 -9.17 6.75 0.14
C THR A 52 -9.40 8.25 0.13
N TRP A 53 -10.45 8.68 0.84
CA TRP A 53 -10.77 10.10 0.91
C TRP A 53 -9.55 10.93 1.32
N SER A 54 -9.06 11.75 0.40
CA SER A 54 -7.90 12.58 0.66
C SER A 54 -8.29 14.06 0.67
N ALA A 55 -8.08 14.70 1.82
CA ALA A 55 -8.42 16.11 1.97
C ALA A 55 -7.45 16.99 1.17
N MET A 56 -6.19 16.58 1.13
CA MET A 56 -5.17 17.32 0.40
C MET A 56 -5.43 17.27 -1.10
N GLU A 57 -5.61 16.06 -1.63
CA GLU A 57 -5.87 15.87 -3.05
C GLU A 57 -7.26 16.38 -3.42
N GLY A 58 -8.20 16.26 -2.50
CA GLY A 58 -9.56 16.71 -2.75
C GLY A 58 -10.33 15.75 -3.63
N GLY A 59 -10.04 14.46 -3.50
CA GLY A 59 -10.72 13.47 -4.29
C GLY A 59 -10.27 12.06 -3.97
N PHE A 60 -11.19 11.10 -4.11
CA PHE A 60 -10.88 9.70 -3.82
C PHE A 60 -9.71 9.22 -4.67
N VAL A 61 -8.64 8.79 -4.02
CA VAL A 61 -7.45 8.31 -4.70
C VAL A 61 -6.98 6.97 -4.13
N ARG A 62 -6.55 6.08 -5.01
CA ARG A 62 -6.08 4.77 -4.59
C ARG A 62 -4.70 4.86 -3.94
N GLU A 63 -4.65 4.62 -2.63
CA GLU A 63 -3.40 4.69 -1.89
C GLU A 63 -3.03 3.32 -1.33
N CYS A 64 -1.77 2.95 -1.49
CA CYS A 64 -1.28 1.65 -1.00
C CYS A 64 -1.31 1.61 0.53
N TYR A 65 -1.60 0.43 1.06
CA TYR A 65 -1.67 0.25 2.51
C TYR A 65 -1.18 -1.14 2.91
N ILE A 66 -0.56 -1.24 4.08
CA ILE A 66 -0.05 -2.51 4.58
C ILE A 66 -0.35 -2.68 6.07
N CYS A 67 -1.22 -3.63 6.38
CA CYS A 67 -1.59 -3.89 7.77
C CYS A 67 -1.72 -5.40 8.02
N ALA A 68 -1.59 -5.79 9.28
CA ALA A 68 -1.69 -7.20 9.66
C ALA A 68 -3.14 -7.67 9.62
N VAL A 69 -3.33 -8.92 9.22
CA VAL A 69 -4.67 -9.49 9.15
C VAL A 69 -5.18 -9.91 10.52
N GLU A 70 -4.33 -10.60 11.28
CA GLU A 70 -4.69 -11.05 12.62
C GLU A 70 -4.71 -9.87 13.59
N SER A 71 -3.82 -8.92 13.40
CA SER A 71 -3.73 -7.75 14.27
C SER A 71 -4.43 -6.56 13.63
N SER A 72 -5.32 -5.92 14.39
CA SER A 72 -6.05 -4.76 13.89
C SER A 72 -5.28 -3.47 14.15
N MET A 73 -4.60 -3.42 15.29
CA MET A 73 -3.81 -2.25 15.66
C MET A 73 -2.39 -2.36 15.14
N CYS A 74 -2.25 -2.66 13.85
CA CYS A 74 -0.95 -2.79 13.22
C CYS A 74 -0.07 -1.57 13.50
N SER A 1 -4.99 9.14 9.17
CA SER A 1 -4.30 8.57 8.01
C SER A 1 -2.79 8.64 8.18
N ASN A 2 -2.31 8.18 9.33
CA ASN A 2 -0.89 8.18 9.63
C ASN A 2 -0.15 7.14 8.80
N ARG A 3 1.15 7.32 8.65
CA ARG A 3 1.97 6.40 7.87
C ARG A 3 1.82 4.97 8.40
N TRP A 4 1.78 4.83 9.71
CA TRP A 4 1.64 3.52 10.34
C TRP A 4 0.45 2.76 9.76
N ASN A 5 -0.62 3.48 9.48
CA ASN A 5 -1.83 2.87 8.92
C ASN A 5 -1.52 2.19 7.60
N LEU A 6 -0.61 2.77 6.83
CA LEU A 6 -0.22 2.22 5.53
C LEU A 6 0.96 1.26 5.68
N GLY A 7 1.27 0.90 6.92
CA GLY A 7 2.37 0.00 7.18
C GLY A 7 3.68 0.49 6.57
N TYR A 8 3.85 1.80 6.50
CA TYR A 8 5.04 2.39 5.94
C TYR A 8 6.28 1.99 6.74
N GLY A 9 6.18 2.08 8.05
CA GLY A 9 7.31 1.73 8.91
C GLY A 9 7.82 0.33 8.63
N ILE A 10 6.92 -0.57 8.25
CA ILE A 10 7.29 -1.95 7.96
C ILE A 10 8.24 -2.01 6.76
N PRO A 11 9.32 -2.80 6.91
CA PRO A 11 10.32 -2.97 5.85
C PRO A 11 9.79 -3.76 4.67
N HIS A 12 9.80 -3.15 3.50
CA HIS A 12 9.32 -3.80 2.28
C HIS A 12 10.45 -3.96 1.26
N LYS A 13 10.25 -4.87 0.30
CA LYS A 13 11.25 -5.12 -0.72
C LYS A 13 10.70 -4.76 -2.11
N GLN A 14 11.31 -3.76 -2.73
CA GLN A 14 10.89 -3.32 -4.06
C GLN A 14 11.34 -4.31 -5.13
N VAL A 15 10.49 -4.51 -6.14
CA VAL A 15 10.80 -5.43 -7.23
C VAL A 15 10.12 -4.99 -8.52
N LYS A 16 10.49 -5.64 -9.62
CA LYS A 16 9.91 -5.33 -10.92
C LYS A 16 8.65 -6.17 -11.16
N LEU A 17 7.61 -5.52 -11.68
CA LEU A 17 6.34 -6.20 -11.97
C LEU A 17 6.29 -6.66 -13.42
N PRO A 18 5.45 -7.68 -13.69
CA PRO A 18 5.29 -8.24 -15.03
C PRO A 18 4.57 -7.28 -15.97
N ASN A 19 3.98 -6.23 -15.40
CA ASN A 19 3.26 -5.24 -16.20
C ASN A 19 4.23 -4.28 -16.89
N GLY A 20 5.46 -4.22 -16.37
CA GLY A 20 6.46 -3.35 -16.95
C GLY A 20 6.81 -2.20 -16.04
N GLN A 21 5.90 -1.85 -15.13
CA GLN A 21 6.12 -0.75 -14.21
C GLN A 21 6.63 -1.26 -12.86
N LEU A 22 7.11 -0.35 -12.03
CA LEU A 22 7.63 -0.71 -10.71
C LEU A 22 6.54 -0.60 -9.65
N CYS A 23 6.72 -1.32 -8.54
CA CYS A 23 5.76 -1.30 -7.46
C CYS A 23 5.49 0.13 -6.99
N LYS A 24 4.45 0.30 -6.17
CA LYS A 24 4.09 1.60 -5.65
C LYS A 24 4.40 1.71 -4.16
N GLU A 25 4.57 2.94 -3.68
CA GLU A 25 4.87 3.17 -2.27
C GLU A 25 3.59 3.35 -1.46
N PRO A 26 3.65 3.02 -0.16
CA PRO A 26 2.51 3.14 0.74
C PRO A 26 2.14 4.58 1.02
N GLY A 27 0.95 4.99 0.58
CA GLY A 27 0.49 6.35 0.79
C GLY A 27 0.42 7.14 -0.50
N ASP A 28 1.32 6.84 -1.42
CA ASP A 28 1.37 7.53 -2.72
C ASP A 28 0.30 6.97 -3.66
N SER A 29 -0.14 7.81 -4.59
CA SER A 29 -1.15 7.41 -5.55
C SER A 29 -0.63 6.30 -6.47
N CYS A 30 -1.53 5.44 -6.93
CA CYS A 30 -1.16 4.34 -7.80
C CYS A 30 -1.98 4.37 -9.09
N SER A 31 -1.67 3.45 -10.00
CA SER A 31 -2.37 3.37 -11.27
C SER A 31 -3.35 2.20 -11.28
N LYS A 32 -3.00 1.13 -10.59
CA LYS A 32 -3.83 -0.06 -10.52
C LYS A 32 -3.51 -0.88 -9.28
N ARG A 33 -4.49 -1.63 -8.79
CA ARG A 33 -4.31 -2.46 -7.61
C ARG A 33 -3.12 -3.40 -7.78
N ASP A 34 -2.89 -3.83 -9.02
CA ASP A 34 -1.78 -4.73 -9.33
C ASP A 34 -0.45 -4.04 -9.10
N GLU A 35 -0.44 -2.71 -9.20
CA GLU A 35 0.77 -1.94 -9.01
C GLU A 35 1.28 -2.07 -7.58
N CYS A 36 0.36 -2.24 -6.64
CA CYS A 36 0.72 -2.38 -5.23
C CYS A 36 1.38 -3.73 -4.97
N CYS A 37 2.63 -3.70 -4.49
CA CYS A 37 3.37 -4.92 -4.21
C CYS A 37 3.01 -5.45 -2.83
N LYS A 38 3.67 -6.53 -2.42
CA LYS A 38 3.42 -7.15 -1.12
C LYS A 38 4.56 -6.85 -0.15
N ALA A 39 4.24 -6.79 1.14
CA ALA A 39 5.24 -6.52 2.16
C ALA A 39 6.15 -7.72 2.36
N ASP A 40 7.27 -7.50 3.05
CA ASP A 40 8.23 -8.56 3.31
C ASP A 40 7.54 -9.77 3.94
N ASP A 41 6.66 -9.51 4.89
CA ASP A 41 5.92 -10.57 5.57
C ASP A 41 4.47 -10.60 5.12
N GLN A 42 4.25 -10.66 3.82
CA GLN A 42 2.90 -10.68 3.26
C GLN A 42 2.08 -11.80 3.90
N LYS A 43 2.77 -12.85 4.34
CA LYS A 43 2.10 -13.99 4.97
C LYS A 43 1.27 -13.54 6.17
N THR A 44 1.70 -12.46 6.81
CA THR A 44 0.99 -11.92 7.96
C THR A 44 0.37 -10.56 7.66
N TYR A 45 1.10 -9.75 6.89
CA TYR A 45 0.63 -8.42 6.53
C TYR A 45 0.01 -8.43 5.14
N SER A 46 -0.95 -7.54 4.92
CA SER A 46 -1.63 -7.43 3.63
C SER A 46 -1.09 -6.26 2.82
N SER A 47 -1.47 -6.20 1.54
CA SER A 47 -1.03 -5.14 0.66
C SER A 47 -2.03 -4.91 -0.46
N GLY A 48 -2.26 -3.63 -0.79
CA GLY A 48 -3.20 -3.29 -1.83
C GLY A 48 -3.38 -1.79 -1.99
N CYS A 49 -3.83 -1.37 -3.17
CA CYS A 49 -4.03 0.04 -3.45
C CYS A 49 -5.46 0.31 -3.92
N ALA A 50 -6.27 0.91 -3.06
CA ALA A 50 -7.65 1.21 -3.39
C ALA A 50 -7.97 2.68 -3.14
N GLN A 51 -8.98 3.19 -3.83
CA GLN A 51 -9.38 4.58 -3.69
C GLN A 51 -9.77 4.89 -2.25
N THR A 52 -9.38 6.08 -1.78
CA THR A 52 -9.69 6.50 -0.42
C THR A 52 -9.85 8.01 -0.33
N TRP A 53 -10.96 8.45 0.26
CA TRP A 53 -11.24 9.87 0.41
C TRP A 53 -10.05 10.59 1.05
N SER A 54 -9.38 11.43 0.26
CA SER A 54 -8.23 12.17 0.75
C SER A 54 -8.59 13.63 1.02
N ALA A 55 -8.54 14.04 2.28
CA ALA A 55 -8.87 15.40 2.67
C ALA A 55 -7.78 16.36 2.23
N MET A 56 -6.53 15.93 2.31
CA MET A 56 -5.40 16.76 1.90
C MET A 56 -5.41 17.01 0.40
N GLU A 57 -5.53 15.93 -0.37
CA GLU A 57 -5.54 16.04 -1.83
C GLU A 57 -6.87 16.63 -2.30
N GLY A 58 -7.94 16.34 -1.58
CA GLY A 58 -9.25 16.86 -1.95
C GLY A 58 -9.86 16.11 -3.12
N GLY A 59 -9.59 14.80 -3.19
CA GLY A 59 -10.12 14.00 -4.27
C GLY A 59 -9.83 12.52 -4.07
N PHE A 60 -10.79 11.68 -4.47
CA PHE A 60 -10.63 10.24 -4.33
C PHE A 60 -9.39 9.75 -5.07
N VAL A 61 -8.48 9.14 -4.33
CA VAL A 61 -7.24 8.62 -4.91
C VAL A 61 -6.88 7.27 -4.32
N ARG A 62 -6.28 6.41 -5.15
CA ARG A 62 -5.88 5.08 -4.72
C ARG A 62 -4.50 5.11 -4.06
N GLU A 63 -4.47 4.88 -2.75
CA GLU A 63 -3.21 4.88 -2.01
C GLU A 63 -2.93 3.50 -1.43
N CYS A 64 -1.67 3.06 -1.55
CA CYS A 64 -1.27 1.76 -1.04
C CYS A 64 -1.40 1.71 0.48
N TYR A 65 -1.66 0.51 1.01
CA TYR A 65 -1.82 0.32 2.44
C TYR A 65 -1.32 -1.05 2.87
N ILE A 66 -0.74 -1.12 4.07
CA ILE A 66 -0.23 -2.38 4.59
C ILE A 66 -0.58 -2.54 6.06
N CYS A 67 -1.30 -3.62 6.39
CA CYS A 67 -1.70 -3.89 7.76
C CYS A 67 -1.75 -5.39 8.02
N ALA A 68 -1.56 -5.77 9.28
CA ALA A 68 -1.59 -7.17 9.67
C ALA A 68 -3.00 -7.75 9.53
N VAL A 69 -3.08 -8.97 8.99
CA VAL A 69 -4.36 -9.63 8.81
C VAL A 69 -4.91 -10.13 10.13
N GLU A 70 -4.06 -10.80 10.92
CA GLU A 70 -4.46 -11.33 12.21
C GLU A 70 -4.64 -10.21 13.23
N SER A 71 -3.81 -9.18 13.13
CA SER A 71 -3.88 -8.06 14.05
C SER A 71 -4.68 -6.90 13.43
N SER A 72 -5.97 -7.13 13.25
CA SER A 72 -6.84 -6.11 12.66
C SER A 72 -6.78 -4.82 13.47
N MET A 73 -6.54 -4.95 14.77
CA MET A 73 -6.45 -3.79 15.65
C MET A 73 -5.53 -2.72 15.07
N CYS A 74 -4.50 -3.17 14.36
CA CYS A 74 -3.54 -2.26 13.74
C CYS A 74 -4.26 -1.18 12.94
N SER A 1 -4.81 7.86 7.67
CA SER A 1 -4.10 9.10 7.40
C SER A 1 -2.62 8.98 7.76
N ASN A 2 -2.36 8.46 8.95
CA ASN A 2 -0.99 8.28 9.41
C ASN A 2 -0.22 7.30 8.52
N ARG A 3 1.10 7.36 8.58
CA ARG A 3 1.94 6.48 7.77
C ARG A 3 1.80 5.03 8.24
N TRP A 4 1.70 4.84 9.54
CA TRP A 4 1.56 3.50 10.10
C TRP A 4 0.40 2.75 9.45
N ASN A 5 -0.67 3.47 9.16
CA ASN A 5 -1.84 2.88 8.52
C ASN A 5 -1.47 2.21 7.20
N LEU A 6 -0.53 2.80 6.49
CA LEU A 6 -0.08 2.26 5.21
C LEU A 6 1.10 1.31 5.40
N GLY A 7 1.34 0.92 6.65
CA GLY A 7 2.43 0.01 6.95
C GLY A 7 3.75 0.48 6.36
N TYR A 8 3.93 1.80 6.28
CA TYR A 8 5.15 2.36 5.73
C TYR A 8 6.37 1.92 6.54
N GLY A 9 6.26 1.99 7.86
CA GLY A 9 7.35 1.58 8.72
C GLY A 9 7.84 0.18 8.41
N ILE A 10 6.91 -0.73 8.17
CA ILE A 10 7.25 -2.11 7.87
C ILE A 10 8.24 -2.20 6.71
N PRO A 11 9.29 -3.01 6.88
CA PRO A 11 10.31 -3.19 5.85
C PRO A 11 9.80 -3.96 4.64
N HIS A 12 9.88 -3.34 3.47
CA HIS A 12 9.41 -3.97 2.23
C HIS A 12 10.57 -4.14 1.25
N LYS A 13 10.39 -5.03 0.27
CA LYS A 13 11.40 -5.29 -0.73
C LYS A 13 10.91 -4.89 -2.12
N GLN A 14 11.65 -4.01 -2.77
CA GLN A 14 11.30 -3.54 -4.12
C GLN A 14 11.55 -4.63 -5.15
N VAL A 15 10.63 -4.76 -6.10
CA VAL A 15 10.76 -5.76 -7.15
C VAL A 15 10.07 -5.30 -8.44
N LYS A 16 10.65 -5.65 -9.58
CA LYS A 16 10.10 -5.27 -10.87
C LYS A 16 8.80 -6.03 -11.14
N LEU A 17 7.78 -5.30 -11.57
CA LEU A 17 6.48 -5.90 -11.88
C LEU A 17 6.41 -6.35 -13.33
N PRO A 18 5.52 -7.30 -13.62
CA PRO A 18 5.34 -7.85 -14.97
C PRO A 18 4.70 -6.84 -15.91
N ASN A 19 4.19 -5.74 -15.34
CA ASN A 19 3.56 -4.69 -16.14
C ASN A 19 4.60 -3.81 -16.80
N GLY A 20 5.82 -3.82 -16.26
CA GLY A 20 6.89 -3.01 -16.81
C GLY A 20 7.29 -1.87 -15.90
N GLN A 21 6.38 -1.49 -15.01
CA GLN A 21 6.64 -0.40 -14.07
C GLN A 21 7.05 -0.95 -12.71
N LEU A 22 7.56 -0.07 -11.85
CA LEU A 22 7.99 -0.46 -10.51
C LEU A 22 6.83 -0.40 -9.52
N CYS A 23 6.96 -1.13 -8.43
CA CYS A 23 5.93 -1.16 -7.40
C CYS A 23 5.54 0.27 -6.98
N LYS A 24 4.45 0.38 -6.23
CA LYS A 24 3.97 1.67 -5.77
C LYS A 24 4.37 1.91 -4.31
N GLU A 25 4.44 3.19 -3.93
CA GLU A 25 4.81 3.55 -2.57
C GLU A 25 3.58 3.65 -1.67
N PRO A 26 3.78 3.44 -0.37
CA PRO A 26 2.70 3.50 0.62
C PRO A 26 2.18 4.91 0.83
N GLY A 27 0.94 5.15 0.45
CA GLY A 27 0.34 6.46 0.61
C GLY A 27 0.22 7.20 -0.71
N ASP A 28 1.15 6.95 -1.62
CA ASP A 28 1.14 7.60 -2.92
C ASP A 28 0.08 6.98 -3.84
N SER A 29 -0.49 7.78 -4.72
CA SER A 29 -1.51 7.31 -5.64
C SER A 29 -0.99 6.17 -6.52
N CYS A 30 -1.89 5.32 -6.99
CA CYS A 30 -1.51 4.19 -7.82
C CYS A 30 -2.34 4.17 -9.11
N SER A 31 -2.04 3.22 -9.99
CA SER A 31 -2.75 3.09 -11.25
C SER A 31 -3.64 1.84 -11.25
N LYS A 32 -3.19 0.82 -10.54
CA LYS A 32 -3.94 -0.44 -10.45
C LYS A 32 -3.58 -1.20 -9.18
N ARG A 33 -4.51 -2.01 -8.69
CA ARG A 33 -4.29 -2.80 -7.50
C ARG A 33 -3.03 -3.65 -7.63
N ASP A 34 -2.74 -4.08 -8.85
CA ASP A 34 -1.57 -4.91 -9.12
C ASP A 34 -0.29 -4.11 -8.90
N GLU A 35 -0.40 -2.79 -8.97
CA GLU A 35 0.76 -1.92 -8.78
C GLU A 35 1.29 -2.02 -7.35
N CYS A 36 0.40 -2.28 -6.41
CA CYS A 36 0.77 -2.42 -5.01
C CYS A 36 1.63 -3.65 -4.79
N CYS A 37 2.82 -3.45 -4.23
CA CYS A 37 3.75 -4.54 -3.97
C CYS A 37 3.27 -5.39 -2.78
N LYS A 38 4.13 -6.28 -2.31
CA LYS A 38 3.79 -7.15 -1.18
C LYS A 38 4.83 -7.02 -0.07
N ALA A 39 4.38 -6.61 1.11
CA ALA A 39 5.26 -6.45 2.25
C ALA A 39 6.11 -7.71 2.47
N ASP A 40 7.25 -7.54 3.12
CA ASP A 40 8.15 -8.66 3.41
C ASP A 40 7.39 -9.81 4.06
N ASP A 41 6.51 -9.47 5.00
CA ASP A 41 5.72 -10.47 5.71
C ASP A 41 4.29 -10.53 5.17
N GLN A 42 4.17 -10.55 3.84
CA GLN A 42 2.87 -10.60 3.20
C GLN A 42 2.02 -11.72 3.78
N LYS A 43 2.68 -12.79 4.22
CA LYS A 43 1.98 -13.94 4.79
C LYS A 43 1.08 -13.51 5.94
N THR A 44 1.47 -12.45 6.64
CA THR A 44 0.69 -11.93 7.76
C THR A 44 0.05 -10.59 7.41
N TYR A 45 0.77 -9.78 6.65
CA TYR A 45 0.28 -8.47 6.25
C TYR A 45 -0.32 -8.51 4.85
N SER A 46 -1.45 -7.82 4.66
CA SER A 46 -2.11 -7.79 3.37
C SER A 46 -1.82 -6.48 2.65
N SER A 47 -1.31 -6.59 1.42
CA SER A 47 -0.99 -5.41 0.63
C SER A 47 -2.04 -5.18 -0.45
N GLY A 48 -2.31 -3.91 -0.73
CA GLY A 48 -3.31 -3.57 -1.74
C GLY A 48 -3.48 -2.07 -1.90
N CYS A 49 -3.98 -1.66 -3.06
CA CYS A 49 -4.19 -0.24 -3.33
C CYS A 49 -5.64 0.03 -3.73
N ALA A 50 -6.39 0.64 -2.82
CA ALA A 50 -7.79 0.96 -3.07
C ALA A 50 -8.08 2.43 -2.81
N GLN A 51 -9.14 2.94 -3.45
CA GLN A 51 -9.51 4.34 -3.29
C GLN A 51 -9.80 4.66 -1.83
N THR A 52 -9.35 5.82 -1.38
CA THR A 52 -9.55 6.25 0.00
C THR A 52 -9.71 7.76 0.10
N TRP A 53 -10.78 8.21 0.75
CA TRP A 53 -11.04 9.63 0.91
C TRP A 53 -9.82 10.35 1.47
N SER A 54 -9.20 11.19 0.65
CA SER A 54 -8.02 11.93 1.07
C SER A 54 -8.36 13.39 1.32
N ALA A 55 -8.08 13.85 2.54
CA ALA A 55 -8.36 15.24 2.92
C ALA A 55 -7.34 16.19 2.30
N MET A 56 -6.07 15.80 2.34
CA MET A 56 -5.01 16.62 1.79
C MET A 56 -5.21 16.84 0.30
N GLU A 57 -5.42 15.75 -0.44
CA GLU A 57 -5.63 15.83 -1.88
C GLU A 57 -7.02 16.39 -2.20
N GLY A 58 -7.98 16.08 -1.33
CA GLY A 58 -9.34 16.55 -1.54
C GLY A 58 -10.06 15.80 -2.64
N GLY A 59 -9.73 14.52 -2.78
CA GLY A 59 -10.36 13.71 -3.81
C GLY A 59 -10.05 12.24 -3.66
N PHE A 60 -11.01 11.38 -4.00
CA PHE A 60 -10.83 9.94 -3.90
C PHE A 60 -9.62 9.49 -4.71
N VAL A 61 -8.68 8.84 -4.03
CA VAL A 61 -7.47 8.35 -4.69
C VAL A 61 -7.03 7.01 -4.10
N ARG A 62 -6.51 6.14 -4.96
CA ARG A 62 -6.06 4.82 -4.52
C ARG A 62 -4.62 4.89 -3.99
N GLU A 63 -4.47 4.69 -2.69
CA GLU A 63 -3.16 4.72 -2.06
C GLU A 63 -2.79 3.36 -1.49
N CYS A 64 -1.55 2.94 -1.75
CA CYS A 64 -1.07 1.65 -1.28
C CYS A 64 -1.07 1.59 0.25
N TYR A 65 -1.60 0.51 0.79
CA TYR A 65 -1.67 0.34 2.24
C TYR A 65 -1.19 -1.04 2.65
N ILE A 66 -0.60 -1.13 3.83
CA ILE A 66 -0.08 -2.40 4.34
C ILE A 66 -0.43 -2.57 5.82
N CYS A 67 -1.29 -3.55 6.11
CA CYS A 67 -1.70 -3.82 7.49
C CYS A 67 -1.80 -5.33 7.73
N ALA A 68 -1.89 -5.71 9.00
CA ALA A 68 -2.00 -7.11 9.38
C ALA A 68 -3.42 -7.61 9.21
N VAL A 69 -3.56 -8.91 8.94
CA VAL A 69 -4.88 -9.51 8.75
C VAL A 69 -5.57 -9.74 10.10
N GLU A 70 -4.83 -10.30 11.04
CA GLU A 70 -5.36 -10.57 12.38
C GLU A 70 -5.36 -9.30 13.23
N SER A 71 -4.34 -8.47 13.04
CA SER A 71 -4.22 -7.24 13.80
C SER A 71 -4.74 -6.05 12.98
N SER A 72 -5.55 -5.21 13.63
CA SER A 72 -6.11 -4.04 12.97
C SER A 72 -5.26 -2.80 13.23
N MET A 73 -4.72 -2.71 14.44
CA MET A 73 -3.88 -1.58 14.82
C MET A 73 -2.44 -1.82 14.42
N CYS A 74 -2.21 -2.17 13.17
CA CYS A 74 -0.87 -2.43 12.66
C CYS A 74 0.05 -1.23 12.92
N SER A 1 -4.58 7.40 8.85
CA SER A 1 -4.06 8.71 8.45
C SER A 1 -2.54 8.73 8.49
N ASN A 2 -1.98 8.30 9.62
CA ASN A 2 -0.53 8.27 9.79
C ASN A 2 0.11 7.25 8.85
N ARG A 3 1.42 7.33 8.71
CA ARG A 3 2.15 6.42 7.83
C ARG A 3 2.03 4.98 8.33
N TRP A 4 2.06 4.80 9.65
CA TRP A 4 1.95 3.48 10.24
C TRP A 4 0.73 2.74 9.71
N ASN A 5 -0.35 3.47 9.48
CA ASN A 5 -1.59 2.90 8.97
C ASN A 5 -1.34 2.20 7.63
N LEU A 6 -0.46 2.78 6.82
CA LEU A 6 -0.14 2.23 5.52
C LEU A 6 1.03 1.26 5.61
N GLY A 7 1.39 0.89 6.83
CA GLY A 7 2.50 -0.04 7.03
C GLY A 7 3.76 0.42 6.33
N TYR A 8 3.95 1.73 6.25
CA TYR A 8 5.14 2.29 5.61
C TYR A 8 6.40 1.91 6.36
N GLY A 9 6.37 2.06 7.68
CA GLY A 9 7.53 1.72 8.49
C GLY A 9 8.01 0.30 8.26
N ILE A 10 7.06 -0.60 8.02
CA ILE A 10 7.39 -2.00 7.78
C ILE A 10 8.35 -2.15 6.60
N PRO A 11 9.40 -2.95 6.78
CA PRO A 11 10.40 -3.20 5.74
C PRO A 11 9.85 -4.03 4.58
N HIS A 12 9.82 -3.44 3.40
CA HIS A 12 9.31 -4.12 2.21
C HIS A 12 10.44 -4.38 1.21
N LYS A 13 10.20 -5.32 0.30
CA LYS A 13 11.20 -5.66 -0.72
C LYS A 13 10.76 -5.16 -2.08
N GLN A 14 11.51 -4.21 -2.63
CA GLN A 14 11.21 -3.66 -3.95
C GLN A 14 11.52 -4.66 -5.06
N VAL A 15 10.66 -4.72 -6.06
CA VAL A 15 10.86 -5.63 -7.18
C VAL A 15 10.27 -5.05 -8.47
N LYS A 16 10.82 -5.48 -9.60
CA LYS A 16 10.35 -5.01 -10.90
C LYS A 16 9.12 -5.79 -11.36
N LEU A 17 8.13 -5.07 -11.88
CA LEU A 17 6.91 -5.70 -12.35
C LEU A 17 6.99 -6.01 -13.84
N PRO A 18 6.18 -6.98 -14.29
CA PRO A 18 6.14 -7.40 -15.69
C PRO A 18 5.55 -6.34 -16.60
N ASN A 19 4.92 -5.33 -16.00
CA ASN A 19 4.29 -4.24 -16.75
C ASN A 19 5.34 -3.25 -17.23
N GLY A 20 6.50 -3.26 -16.58
CA GLY A 20 7.57 -2.35 -16.96
C GLY A 20 7.83 -1.30 -15.89
N GLN A 21 6.82 -1.03 -15.08
CA GLN A 21 6.95 -0.03 -14.01
C GLN A 21 7.30 -0.69 -12.68
N LEU A 22 7.69 0.12 -11.72
CA LEU A 22 8.06 -0.37 -10.40
C LEU A 22 6.86 -0.36 -9.45
N CYS A 23 6.92 -1.19 -8.41
CA CYS A 23 5.84 -1.27 -7.45
C CYS A 23 5.48 0.12 -6.90
N LYS A 24 4.29 0.22 -6.32
CA LYS A 24 3.84 1.49 -5.77
C LYS A 24 4.14 1.58 -4.28
N GLU A 25 4.37 2.80 -3.80
CA GLU A 25 4.69 3.03 -2.39
C GLU A 25 3.40 3.25 -1.58
N PRO A 26 3.47 2.92 -0.28
CA PRO A 26 2.33 3.08 0.63
C PRO A 26 2.01 4.55 0.90
N GLY A 27 0.81 4.98 0.52
CA GLY A 27 0.41 6.35 0.74
C GLY A 27 0.26 7.13 -0.56
N ASP A 28 1.08 6.78 -1.54
CA ASP A 28 1.03 7.46 -2.84
C ASP A 28 -0.06 6.87 -3.71
N SER A 29 -0.45 7.61 -4.75
CA SER A 29 -1.49 7.17 -5.66
C SER A 29 -0.98 6.06 -6.57
N CYS A 30 -1.89 5.18 -6.98
CA CYS A 30 -1.54 4.06 -7.85
C CYS A 30 -2.41 4.06 -9.10
N SER A 31 -2.12 3.13 -10.01
CA SER A 31 -2.87 3.02 -11.25
C SER A 31 -3.81 1.82 -11.21
N LYS A 32 -3.37 0.74 -10.57
CA LYS A 32 -4.17 -0.47 -10.46
C LYS A 32 -3.81 -1.24 -9.19
N ARG A 33 -4.77 -1.99 -8.66
CA ARG A 33 -4.55 -2.78 -7.45
C ARG A 33 -3.35 -3.70 -7.63
N ASP A 34 -3.13 -4.17 -8.85
CA ASP A 34 -2.02 -5.06 -9.14
C ASP A 34 -0.69 -4.34 -8.97
N GLU A 35 -0.72 -3.02 -9.10
CA GLU A 35 0.49 -2.21 -8.96
C GLU A 35 1.05 -2.30 -7.55
N CYS A 36 0.15 -2.46 -6.57
CA CYS A 36 0.56 -2.56 -5.18
C CYS A 36 1.28 -3.88 -4.91
N CYS A 37 2.54 -3.79 -4.48
CA CYS A 37 3.34 -4.96 -4.19
C CYS A 37 2.94 -5.58 -2.86
N LYS A 38 3.63 -6.64 -2.48
CA LYS A 38 3.36 -7.32 -1.21
C LYS A 38 4.49 -7.10 -0.21
N ALA A 39 4.13 -6.89 1.05
CA ALA A 39 5.12 -6.67 2.10
C ALA A 39 5.99 -7.90 2.31
N ASP A 40 7.11 -7.72 3.01
CA ASP A 40 8.02 -8.82 3.27
C ASP A 40 7.29 -10.00 3.90
N ASP A 41 6.40 -9.70 4.85
CA ASP A 41 5.63 -10.74 5.53
C ASP A 41 4.17 -10.70 5.09
N GLN A 42 3.95 -10.74 3.78
CA GLN A 42 2.60 -10.70 3.24
C GLN A 42 1.73 -11.79 3.87
N LYS A 43 2.37 -12.88 4.27
CA LYS A 43 1.66 -14.00 4.89
C LYS A 43 0.81 -13.52 6.07
N THR A 44 1.26 -12.45 6.72
CA THR A 44 0.55 -11.89 7.86
C THR A 44 -0.03 -10.52 7.53
N TYR A 45 0.70 -9.76 6.72
CA TYR A 45 0.26 -8.42 6.34
C TYR A 45 -0.40 -8.45 4.96
N SER A 46 -1.48 -7.68 4.82
CA SER A 46 -2.22 -7.62 3.57
C SER A 46 -1.87 -6.35 2.80
N SER A 47 -1.45 -6.52 1.55
CA SER A 47 -1.08 -5.39 0.71
C SER A 47 -2.12 -5.14 -0.37
N GLY A 48 -2.35 -3.88 -0.70
CA GLY A 48 -3.33 -3.54 -1.72
C GLY A 48 -3.51 -2.05 -1.88
N CYS A 49 -3.99 -1.63 -3.05
CA CYS A 49 -4.21 -0.21 -3.33
C CYS A 49 -5.66 0.05 -3.73
N ALA A 50 -6.42 0.66 -2.83
CA ALA A 50 -7.82 0.96 -3.11
C ALA A 50 -8.12 2.44 -2.84
N GLN A 51 -9.16 2.95 -3.49
CA GLN A 51 -9.54 4.34 -3.33
C GLN A 51 -9.86 4.66 -1.87
N THR A 52 -9.44 5.84 -1.42
CA THR A 52 -9.67 6.26 -0.04
C THR A 52 -9.81 7.77 0.05
N TRP A 53 -10.88 8.22 0.72
CA TRP A 53 -11.12 9.65 0.89
C TRP A 53 -9.89 10.36 1.43
N SER A 54 -9.27 11.19 0.59
CA SER A 54 -8.08 11.93 0.99
C SER A 54 -8.41 13.39 1.26
N ALA A 55 -8.08 13.85 2.46
CA ALA A 55 -8.35 15.24 2.84
C ALA A 55 -7.33 16.17 2.21
N MET A 56 -6.06 15.79 2.27
CA MET A 56 -4.99 16.60 1.70
C MET A 56 -5.17 16.77 0.20
N GLU A 57 -5.39 15.66 -0.50
CA GLU A 57 -5.58 15.70 -1.94
C GLU A 57 -6.94 16.29 -2.30
N GLY A 58 -7.93 16.05 -1.44
CA GLY A 58 -9.26 16.55 -1.68
C GLY A 58 -9.98 15.80 -2.79
N GLY A 59 -9.72 14.50 -2.87
CA GLY A 59 -10.35 13.69 -3.90
C GLY A 59 -10.07 12.21 -3.72
N PHE A 60 -11.04 11.37 -4.04
CA PHE A 60 -10.89 9.93 -3.92
C PHE A 60 -9.70 9.43 -4.74
N VAL A 61 -8.74 8.82 -4.07
CA VAL A 61 -7.55 8.31 -4.73
C VAL A 61 -7.13 6.96 -4.15
N ARG A 62 -6.56 6.11 -4.99
CA ARG A 62 -6.13 4.79 -4.56
C ARG A 62 -4.71 4.84 -3.98
N GLU A 63 -4.61 4.63 -2.68
CA GLU A 63 -3.32 4.65 -2.00
C GLU A 63 -2.98 3.29 -1.42
N CYS A 64 -1.72 2.86 -1.61
CA CYS A 64 -1.26 1.58 -1.10
C CYS A 64 -1.31 1.53 0.42
N TYR A 65 -1.70 0.38 0.97
CA TYR A 65 -1.79 0.21 2.41
C TYR A 65 -1.27 -1.16 2.83
N ILE A 66 -0.65 -1.22 4.01
CA ILE A 66 -0.12 -2.47 4.52
C ILE A 66 -0.42 -2.63 6.01
N CYS A 67 -1.29 -3.59 6.33
CA CYS A 67 -1.68 -3.84 7.71
C CYS A 67 -1.81 -5.34 7.97
N ALA A 68 -1.72 -5.72 9.24
CA ALA A 68 -1.85 -7.13 9.62
C ALA A 68 -3.30 -7.59 9.53
N VAL A 69 -3.48 -8.88 9.26
CA VAL A 69 -4.82 -9.46 9.14
C VAL A 69 -5.52 -9.47 10.50
N GLU A 70 -4.81 -9.93 11.53
CA GLU A 70 -5.38 -10.00 12.87
C GLU A 70 -5.21 -8.66 13.59
N SER A 71 -4.09 -7.98 13.33
CA SER A 71 -3.81 -6.70 13.96
C SER A 71 -4.21 -5.55 13.04
N SER A 72 -5.26 -4.83 13.41
CA SER A 72 -5.74 -3.70 12.62
C SER A 72 -5.02 -2.42 13.02
N MET A 73 -4.72 -2.28 14.31
CA MET A 73 -4.03 -1.10 14.81
C MET A 73 -2.64 -0.98 14.20
N CYS A 74 -1.99 -2.12 14.00
CA CYS A 74 -0.65 -2.14 13.41
C CYS A 74 0.28 -1.18 14.16
N SER A 1 -4.45 8.46 7.46
CA SER A 1 -3.74 9.70 7.75
C SER A 1 -2.31 9.42 8.20
N ASN A 2 -2.17 8.58 9.22
CA ASN A 2 -0.87 8.22 9.75
C ASN A 2 -0.16 7.23 8.84
N ARG A 3 1.15 7.41 8.66
CA ARG A 3 1.94 6.52 7.82
C ARG A 3 1.80 5.08 8.27
N TRP A 4 1.74 4.87 9.58
CA TRP A 4 1.61 3.53 10.15
C TRP A 4 0.44 2.78 9.51
N ASN A 5 -0.63 3.51 9.21
CA ASN A 5 -1.82 2.92 8.59
C ASN A 5 -1.46 2.26 7.26
N LEU A 6 -0.54 2.87 6.53
CA LEU A 6 -0.10 2.34 5.24
C LEU A 6 1.08 1.40 5.41
N GLY A 7 1.35 1.00 6.65
CA GLY A 7 2.45 0.10 6.91
C GLY A 7 3.76 0.58 6.29
N TYR A 8 3.93 1.89 6.23
CA TYR A 8 5.13 2.47 5.65
C TYR A 8 6.37 2.01 6.41
N GLY A 9 6.34 2.15 7.73
CA GLY A 9 7.46 1.74 8.55
C GLY A 9 7.90 0.32 8.28
N ILE A 10 6.92 -0.58 8.10
CA ILE A 10 7.20 -1.98 7.84
C ILE A 10 8.19 -2.13 6.68
N PRO A 11 9.21 -2.98 6.87
CA PRO A 11 10.23 -3.23 5.86
C PRO A 11 9.69 -4.01 4.67
N HIS A 12 9.83 -3.44 3.47
CA HIS A 12 9.35 -4.08 2.26
C HIS A 12 10.50 -4.32 1.27
N LYS A 13 10.29 -5.22 0.33
CA LYS A 13 11.29 -5.54 -0.67
C LYS A 13 10.85 -5.10 -2.06
N GLN A 14 11.53 -4.08 -2.60
CA GLN A 14 11.20 -3.56 -3.91
C GLN A 14 11.60 -4.57 -5.00
N VAL A 15 10.70 -4.76 -5.96
CA VAL A 15 10.96 -5.69 -7.06
C VAL A 15 10.32 -5.20 -8.35
N LYS A 16 10.89 -5.59 -9.49
CA LYS A 16 10.38 -5.20 -10.79
C LYS A 16 9.14 -6.02 -11.15
N LEU A 17 8.08 -5.32 -11.56
CA LEU A 17 6.83 -5.98 -11.94
C LEU A 17 6.86 -6.39 -13.40
N PRO A 18 6.03 -7.38 -13.75
CA PRO A 18 5.93 -7.88 -15.13
C PRO A 18 5.30 -6.88 -16.08
N ASN A 19 4.72 -5.82 -15.51
CA ASN A 19 4.08 -4.78 -16.31
C ASN A 19 5.10 -3.81 -16.87
N GLY A 20 6.28 -3.79 -16.26
CA GLY A 20 7.33 -2.89 -16.71
C GLY A 20 7.61 -1.78 -15.73
N GLN A 21 6.63 -1.47 -14.89
CA GLN A 21 6.78 -0.41 -13.90
C GLN A 21 7.18 -0.99 -12.55
N LEU A 22 7.59 -0.11 -11.63
CA LEU A 22 8.00 -0.53 -10.30
C LEU A 22 6.82 -0.50 -9.33
N CYS A 23 6.94 -1.26 -8.25
CA CYS A 23 5.88 -1.32 -7.24
C CYS A 23 5.48 0.08 -6.79
N LYS A 24 4.30 0.18 -6.19
CA LYS A 24 3.80 1.47 -5.72
C LYS A 24 4.13 1.67 -4.24
N GLU A 25 4.30 2.92 -3.85
CA GLU A 25 4.63 3.26 -2.46
C GLU A 25 3.36 3.46 -1.64
N PRO A 26 3.46 3.23 -0.33
CA PRO A 26 2.34 3.38 0.60
C PRO A 26 1.96 4.84 0.80
N GLY A 27 0.72 5.18 0.41
CA GLY A 27 0.26 6.55 0.54
C GLY A 27 0.17 7.28 -0.79
N ASP A 28 1.06 6.93 -1.71
CA ASP A 28 1.09 7.56 -3.02
C ASP A 28 0.04 6.93 -3.93
N SER A 29 -0.55 7.75 -4.79
CA SER A 29 -1.58 7.29 -5.72
C SER A 29 -1.05 6.16 -6.59
N CYS A 30 -1.95 5.29 -7.03
CA CYS A 30 -1.58 4.16 -7.87
C CYS A 30 -2.40 4.14 -9.16
N SER A 31 -2.08 3.20 -10.04
CA SER A 31 -2.79 3.08 -11.31
C SER A 31 -3.72 1.88 -11.32
N LYS A 32 -3.33 0.84 -10.57
CA LYS A 32 -4.13 -0.38 -10.48
C LYS A 32 -3.81 -1.15 -9.21
N ARG A 33 -4.78 -1.89 -8.71
CA ARG A 33 -4.60 -2.69 -7.50
C ARG A 33 -3.39 -3.62 -7.64
N ASP A 34 -3.14 -4.08 -8.85
CA ASP A 34 -2.02 -4.96 -9.12
C ASP A 34 -0.68 -4.24 -8.92
N GLU A 35 -0.73 -2.91 -9.02
CA GLU A 35 0.47 -2.10 -8.85
C GLU A 35 1.03 -2.23 -7.43
N CYS A 36 0.12 -2.43 -6.47
CA CYS A 36 0.51 -2.55 -5.07
C CYS A 36 1.22 -3.88 -4.83
N CYS A 37 2.48 -3.80 -4.42
CA CYS A 37 3.28 -4.99 -4.15
C CYS A 37 2.93 -5.59 -2.79
N LYS A 38 3.60 -6.67 -2.43
CA LYS A 38 3.37 -7.33 -1.15
C LYS A 38 4.51 -7.06 -0.17
N ALA A 39 4.18 -6.97 1.11
CA ALA A 39 5.17 -6.71 2.14
C ALA A 39 6.09 -7.92 2.33
N ASP A 40 7.20 -7.70 3.02
CA ASP A 40 8.16 -8.77 3.28
C ASP A 40 7.47 -9.99 3.88
N ASP A 41 6.58 -9.75 4.83
CA ASP A 41 5.84 -10.81 5.49
C ASP A 41 4.38 -10.84 5.04
N GLN A 42 4.18 -10.88 3.72
CA GLN A 42 2.83 -10.90 3.16
C GLN A 42 2.01 -12.03 3.77
N LYS A 43 2.68 -13.08 4.21
CA LYS A 43 2.01 -14.23 4.83
C LYS A 43 1.16 -13.79 6.00
N THR A 44 1.58 -12.71 6.67
CA THR A 44 0.86 -12.19 7.82
C THR A 44 0.25 -10.82 7.52
N TYR A 45 0.99 -10.01 6.78
CA TYR A 45 0.53 -8.68 6.42
C TYR A 45 -0.09 -8.67 5.02
N SER A 46 -1.06 -7.79 4.82
CA SER A 46 -1.73 -7.68 3.53
C SER A 46 -1.27 -6.43 2.77
N SER A 47 -1.62 -6.36 1.49
CA SER A 47 -1.23 -5.23 0.65
C SER A 47 -2.27 -5.00 -0.45
N GLY A 48 -2.53 -3.73 -0.75
CA GLY A 48 -3.49 -3.39 -1.78
C GLY A 48 -3.68 -1.90 -1.93
N CYS A 49 -4.15 -1.48 -3.09
CA CYS A 49 -4.39 -0.06 -3.36
C CYS A 49 -5.85 0.19 -3.74
N ALA A 50 -6.58 0.80 -2.81
CA ALA A 50 -7.99 1.12 -3.04
C ALA A 50 -8.28 2.59 -2.81
N GLN A 51 -9.34 3.09 -3.43
CA GLN A 51 -9.72 4.49 -3.29
C GLN A 51 -9.96 4.85 -1.83
N THR A 52 -9.53 6.05 -1.43
CA THR A 52 -9.70 6.51 -0.07
C THR A 52 -9.83 8.02 -0.01
N TRP A 53 -10.90 8.50 0.63
CA TRP A 53 -11.14 9.93 0.76
C TRP A 53 -9.91 10.64 1.30
N SER A 54 -9.28 11.45 0.45
CA SER A 54 -8.09 12.19 0.85
C SER A 54 -8.42 13.66 1.11
N ALA A 55 -8.29 14.08 2.36
CA ALA A 55 -8.58 15.46 2.74
C ALA A 55 -7.52 16.40 2.20
N MET A 56 -6.25 16.01 2.33
CA MET A 56 -5.14 16.81 1.85
C MET A 56 -5.23 17.02 0.34
N GLU A 57 -5.39 15.93 -0.40
CA GLU A 57 -5.50 15.99 -1.84
C GLU A 57 -6.81 16.64 -2.28
N GLY A 58 -7.86 16.41 -1.49
CA GLY A 58 -9.15 16.97 -1.80
C GLY A 58 -9.87 16.21 -2.89
N GLY A 59 -9.65 14.90 -2.93
CA GLY A 59 -10.28 14.06 -3.95
C GLY A 59 -10.03 12.59 -3.72
N PHE A 60 -11.00 11.75 -4.08
CA PHE A 60 -10.87 10.32 -3.92
C PHE A 60 -9.70 9.77 -4.75
N VAL A 61 -8.74 9.17 -4.05
CA VAL A 61 -7.57 8.61 -4.71
C VAL A 61 -7.20 7.25 -4.13
N ARG A 62 -6.66 6.37 -4.97
CA ARG A 62 -6.27 5.04 -4.53
C ARG A 62 -4.83 5.04 -4.00
N GLU A 63 -4.70 4.83 -2.69
CA GLU A 63 -3.38 4.81 -2.06
C GLU A 63 -3.08 3.43 -1.49
N CYS A 64 -1.86 2.95 -1.71
CA CYS A 64 -1.44 1.66 -1.22
C CYS A 64 -1.40 1.64 0.31
N TYR A 65 -1.73 0.48 0.89
CA TYR A 65 -1.73 0.34 2.34
C TYR A 65 -1.22 -1.04 2.75
N ILE A 66 -0.58 -1.09 3.91
CA ILE A 66 -0.04 -2.35 4.43
C ILE A 66 -0.31 -2.51 5.92
N CYS A 67 -0.96 -3.60 6.28
CA CYS A 67 -1.29 -3.87 7.68
C CYS A 67 -1.44 -5.37 7.92
N ALA A 68 -1.40 -5.76 9.20
CA ALA A 68 -1.54 -7.17 9.57
C ALA A 68 -2.99 -7.62 9.44
N VAL A 69 -3.18 -8.86 8.98
CA VAL A 69 -4.51 -9.41 8.81
C VAL A 69 -5.13 -9.77 10.16
N GLU A 70 -4.35 -10.44 11.01
CA GLU A 70 -4.83 -10.83 12.33
C GLU A 70 -4.89 -9.63 13.27
N SER A 71 -3.94 -8.71 13.11
CA SER A 71 -3.88 -7.52 13.95
C SER A 71 -4.40 -6.30 13.19
N SER A 72 -5.61 -5.87 13.54
CA SER A 72 -6.23 -4.73 12.90
C SER A 72 -5.57 -3.43 13.35
N MET A 73 -5.17 -3.38 14.62
CA MET A 73 -4.52 -2.19 15.17
C MET A 73 -3.01 -2.34 15.14
N CYS A 74 -2.50 -2.92 14.04
CA CYS A 74 -1.07 -3.11 13.88
C CYS A 74 -0.31 -1.80 14.11
N SER A 1 -4.33 8.22 7.83
CA SER A 1 -3.59 9.43 7.47
C SER A 1 -2.12 9.28 7.79
N ASN A 2 -1.81 8.65 8.91
CA ASN A 2 -0.43 8.45 9.34
C ASN A 2 0.26 7.41 8.46
N ARG A 3 1.58 7.53 8.33
CA ARG A 3 2.35 6.59 7.52
C ARG A 3 2.18 5.17 8.02
N TRP A 4 2.13 5.01 9.34
CA TRP A 4 1.97 3.69 9.95
C TRP A 4 0.78 2.95 9.35
N ASN A 5 -0.30 3.70 9.08
CA ASN A 5 -1.51 3.11 8.52
C ASN A 5 -1.21 2.41 7.20
N LEU A 6 -0.27 2.97 6.43
CA LEU A 6 0.11 2.40 5.15
C LEU A 6 1.28 1.43 5.32
N GLY A 7 1.57 1.06 6.57
CA GLY A 7 2.66 0.15 6.83
C GLY A 7 3.96 0.58 6.19
N TYR A 8 4.16 1.88 6.08
CA TYR A 8 5.36 2.43 5.47
C TYR A 8 6.61 1.98 6.24
N GLY A 9 6.54 2.08 7.57
CA GLY A 9 7.66 1.69 8.39
C GLY A 9 8.09 0.25 8.15
N ILE A 10 7.10 -0.64 7.99
CA ILE A 10 7.38 -2.04 7.75
C ILE A 10 8.35 -2.22 6.60
N PRO A 11 9.36 -3.08 6.79
CA PRO A 11 10.37 -3.37 5.78
C PRO A 11 9.81 -4.17 4.61
N HIS A 12 9.92 -3.61 3.40
CA HIS A 12 9.42 -4.27 2.21
C HIS A 12 10.55 -4.55 1.22
N LYS A 13 10.32 -5.46 0.29
CA LYS A 13 11.32 -5.82 -0.71
C LYS A 13 10.91 -5.33 -2.09
N GLN A 14 11.63 -4.34 -2.60
CA GLN A 14 11.34 -3.79 -3.92
C GLN A 14 11.67 -4.80 -5.03
N VAL A 15 10.81 -4.86 -6.03
CA VAL A 15 11.02 -5.78 -7.15
C VAL A 15 10.37 -5.24 -8.43
N LYS A 16 11.03 -5.49 -9.56
CA LYS A 16 10.53 -5.03 -10.85
C LYS A 16 9.30 -5.82 -11.27
N LEU A 17 8.22 -5.11 -11.57
CA LEU A 17 6.98 -5.76 -11.99
C LEU A 17 7.04 -6.15 -13.46
N PRO A 18 6.20 -7.12 -13.84
CA PRO A 18 6.13 -7.61 -15.23
C PRO A 18 5.53 -6.58 -16.18
N ASN A 19 4.98 -5.51 -15.62
CA ASN A 19 4.39 -4.45 -16.42
C ASN A 19 5.45 -3.49 -16.93
N GLY A 20 6.60 -3.49 -16.28
CA GLY A 20 7.69 -2.61 -16.69
C GLY A 20 7.95 -1.51 -15.69
N GLN A 21 6.96 -1.21 -14.86
CA GLN A 21 7.09 -0.17 -13.84
C GLN A 21 7.44 -0.77 -12.49
N LEU A 22 7.83 0.08 -11.55
CA LEU A 22 8.20 -0.36 -10.21
C LEU A 22 6.98 -0.40 -9.30
N CYS A 23 7.06 -1.19 -8.23
CA CYS A 23 5.96 -1.30 -7.27
C CYS A 23 5.48 0.08 -6.83
N LYS A 24 4.29 0.13 -6.24
CA LYS A 24 3.71 1.38 -5.77
C LYS A 24 4.14 1.66 -4.33
N GLU A 25 4.26 2.94 -4.00
CA GLU A 25 4.66 3.35 -2.65
C GLU A 25 3.44 3.51 -1.75
N PRO A 26 3.64 3.34 -0.43
CA PRO A 26 2.58 3.47 0.56
C PRO A 26 2.10 4.91 0.73
N GLY A 27 0.86 5.16 0.35
CA GLY A 27 0.31 6.50 0.46
C GLY A 27 0.18 7.20 -0.89
N ASP A 28 1.10 6.88 -1.80
CA ASP A 28 1.08 7.49 -3.13
C ASP A 28 -0.04 6.90 -3.98
N SER A 29 -0.54 7.68 -4.92
CA SER A 29 -1.62 7.24 -5.80
C SER A 29 -1.16 6.10 -6.70
N CYS A 30 -2.10 5.24 -7.08
CA CYS A 30 -1.78 4.11 -7.94
C CYS A 30 -2.70 4.08 -9.17
N SER A 31 -2.45 3.14 -10.07
CA SER A 31 -3.25 3.01 -11.28
C SER A 31 -4.11 1.76 -11.23
N LYS A 32 -3.60 0.72 -10.58
CA LYS A 32 -4.33 -0.54 -10.45
C LYS A 32 -3.92 -1.28 -9.18
N ARG A 33 -4.85 -2.05 -8.63
CA ARG A 33 -4.59 -2.81 -7.41
C ARG A 33 -3.36 -3.70 -7.60
N ASP A 34 -3.13 -4.14 -8.83
CA ASP A 34 -1.99 -5.00 -9.14
C ASP A 34 -0.67 -4.26 -8.94
N GLU A 35 -0.73 -2.93 -9.01
CA GLU A 35 0.46 -2.10 -8.84
C GLU A 35 1.02 -2.24 -7.43
N CYS A 36 0.13 -2.45 -6.47
CA CYS A 36 0.53 -2.59 -5.07
C CYS A 36 1.27 -3.91 -4.86
N CYS A 37 2.53 -3.81 -4.44
CA CYS A 37 3.34 -4.99 -4.20
C CYS A 37 2.99 -5.64 -2.86
N LYS A 38 3.68 -6.72 -2.51
CA LYS A 38 3.44 -7.42 -1.26
C LYS A 38 4.56 -7.15 -0.27
N ALA A 39 4.20 -7.01 0.99
CA ALA A 39 5.18 -6.75 2.05
C ALA A 39 6.03 -7.99 2.32
N ASP A 40 7.13 -7.80 3.02
CA ASP A 40 8.04 -8.91 3.34
C ASP A 40 7.27 -10.06 3.97
N ASP A 41 6.36 -9.75 4.88
CA ASP A 41 5.56 -10.76 5.55
C ASP A 41 4.12 -10.72 5.08
N GLN A 42 3.93 -10.75 3.76
CA GLN A 42 2.58 -10.71 3.18
C GLN A 42 1.69 -11.77 3.81
N LYS A 43 2.30 -12.88 4.25
CA LYS A 43 1.54 -13.96 4.87
C LYS A 43 0.74 -13.45 6.06
N THR A 44 1.24 -12.41 6.71
CA THR A 44 0.57 -11.83 7.87
C THR A 44 0.01 -10.45 7.55
N TYR A 45 0.72 -9.70 6.71
CA TYR A 45 0.30 -8.37 6.32
C TYR A 45 -0.36 -8.39 4.95
N SER A 46 -1.46 -7.65 4.81
CA SER A 46 -2.19 -7.59 3.55
C SER A 46 -1.87 -6.29 2.80
N SER A 47 -1.43 -6.44 1.55
CA SER A 47 -1.08 -5.29 0.72
C SER A 47 -2.12 -5.07 -0.37
N GLY A 48 -2.39 -3.80 -0.67
CA GLY A 48 -3.36 -3.48 -1.70
C GLY A 48 -3.56 -1.99 -1.85
N CYS A 49 -4.05 -1.57 -3.02
CA CYS A 49 -4.28 -0.16 -3.30
C CYS A 49 -5.74 0.09 -3.66
N ALA A 50 -6.47 0.70 -2.73
CA ALA A 50 -7.89 1.00 -2.95
C ALA A 50 -8.18 2.48 -2.70
N GLN A 51 -9.25 2.98 -3.31
CA GLN A 51 -9.63 4.37 -3.14
C GLN A 51 -9.89 4.70 -1.67
N THR A 52 -9.47 5.89 -1.26
CA THR A 52 -9.65 6.33 0.12
C THR A 52 -9.80 7.85 0.20
N TRP A 53 -10.85 8.29 0.88
CA TRP A 53 -11.11 9.72 1.03
C TRP A 53 -9.88 10.45 1.55
N SER A 54 -9.28 11.27 0.70
CA SER A 54 -8.09 12.02 1.07
C SER A 54 -8.43 13.49 1.32
N ALA A 55 -8.16 13.96 2.54
CA ALA A 55 -8.44 15.35 2.90
C ALA A 55 -7.43 16.28 2.26
N MET A 56 -6.16 15.90 2.32
CA MET A 56 -5.09 16.71 1.76
C MET A 56 -5.27 16.88 0.25
N GLU A 57 -5.53 15.77 -0.43
CA GLU A 57 -5.72 15.78 -1.88
C GLU A 57 -7.08 16.38 -2.23
N GLY A 58 -8.07 16.13 -1.37
CA GLY A 58 -9.41 16.64 -1.62
C GLY A 58 -10.13 15.87 -2.71
N GLY A 59 -9.87 14.58 -2.79
CA GLY A 59 -10.51 13.75 -3.79
C GLY A 59 -10.20 12.27 -3.61
N PHE A 60 -11.17 11.42 -3.91
CA PHE A 60 -11.00 9.98 -3.78
C PHE A 60 -9.82 9.50 -4.61
N VAL A 61 -8.84 8.90 -3.94
CA VAL A 61 -7.65 8.39 -4.62
C VAL A 61 -7.22 7.05 -4.04
N ARG A 62 -6.67 6.19 -4.90
CA ARG A 62 -6.21 4.88 -4.47
C ARG A 62 -4.77 4.94 -3.97
N GLU A 63 -4.59 4.74 -2.66
CA GLU A 63 -3.26 4.78 -2.06
C GLU A 63 -2.89 3.41 -1.48
N CYS A 64 -1.67 2.98 -1.76
CA CYS A 64 -1.18 1.69 -1.28
C CYS A 64 -1.15 1.66 0.26
N TYR A 65 -1.59 0.56 0.83
CA TYR A 65 -1.62 0.40 2.28
C TYR A 65 -1.12 -0.98 2.69
N ILE A 66 -0.49 -1.05 3.86
CA ILE A 66 0.03 -2.31 4.37
C ILE A 66 -0.26 -2.47 5.85
N CYS A 67 -1.17 -3.40 6.18
CA CYS A 67 -1.54 -3.64 7.57
C CYS A 67 -1.71 -5.13 7.82
N ALA A 68 -1.64 -5.53 9.09
CA ALA A 68 -1.80 -6.92 9.47
C ALA A 68 -3.23 -7.39 9.28
N VAL A 69 -3.40 -8.66 8.92
CA VAL A 69 -4.72 -9.23 8.72
C VAL A 69 -5.39 -9.57 10.03
N GLU A 70 -4.65 -10.22 10.92
CA GLU A 70 -5.18 -10.60 12.23
C GLU A 70 -5.14 -9.42 13.20
N SER A 71 -4.11 -8.59 13.06
CA SER A 71 -3.96 -7.42 13.93
C SER A 71 -4.80 -6.26 13.43
N SER A 72 -5.69 -5.77 14.29
CA SER A 72 -6.56 -4.66 13.93
C SER A 72 -5.87 -3.32 14.18
N MET A 73 -5.09 -3.25 15.25
CA MET A 73 -4.36 -2.04 15.60
C MET A 73 -2.94 -2.06 15.04
N CYS A 74 -2.81 -2.47 13.78
CA CYS A 74 -1.52 -2.54 13.13
C CYS A 74 -0.76 -1.21 13.27
N SER A 1 -4.84 10.17 8.01
CA SER A 1 -4.25 8.88 7.66
C SER A 1 -2.74 8.89 7.89
N ASN A 2 -2.32 8.35 9.03
CA ASN A 2 -0.90 8.29 9.36
C ASN A 2 -0.16 7.29 8.48
N ARG A 3 1.16 7.34 8.51
CA ARG A 3 1.98 6.44 7.70
C ARG A 3 1.80 4.99 8.16
N TRP A 4 1.66 4.80 9.47
CA TRP A 4 1.48 3.46 10.03
C TRP A 4 0.33 2.74 9.35
N ASN A 5 -0.73 3.47 9.04
CA ASN A 5 -1.90 2.90 8.39
C ASN A 5 -1.51 2.24 7.08
N LEU A 6 -0.55 2.83 6.38
CA LEU A 6 -0.08 2.29 5.11
C LEU A 6 1.07 1.31 5.31
N GLY A 7 1.30 0.93 6.56
CA GLY A 7 2.38 0.01 6.87
C GLY A 7 3.70 0.46 6.30
N TYR A 8 3.90 1.77 6.21
CA TYR A 8 5.14 2.32 5.68
C TYR A 8 6.34 1.86 6.50
N GLY A 9 6.22 1.94 7.82
CA GLY A 9 7.30 1.53 8.69
C GLY A 9 7.78 0.12 8.39
N ILE A 10 6.84 -0.79 8.18
CA ILE A 10 7.17 -2.18 7.89
C ILE A 10 8.16 -2.28 6.75
N PRO A 11 9.21 -3.10 6.94
CA PRO A 11 10.25 -3.31 5.92
C PRO A 11 9.75 -4.07 4.71
N HIS A 12 9.86 -3.45 3.54
CA HIS A 12 9.41 -4.09 2.30
C HIS A 12 10.57 -4.27 1.33
N LYS A 13 10.39 -5.16 0.36
CA LYS A 13 11.43 -5.44 -0.63
C LYS A 13 10.97 -5.04 -2.03
N GLN A 14 11.59 -4.00 -2.57
CA GLN A 14 11.24 -3.52 -3.90
C GLN A 14 11.49 -4.60 -4.95
N VAL A 15 10.59 -4.69 -5.93
CA VAL A 15 10.71 -5.68 -6.99
C VAL A 15 10.04 -5.19 -8.27
N LYS A 16 10.55 -5.66 -9.41
CA LYS A 16 9.99 -5.27 -10.70
C LYS A 16 8.71 -6.04 -11.00
N LEU A 17 7.69 -5.32 -11.45
CA LEU A 17 6.40 -5.93 -11.77
C LEU A 17 6.37 -6.42 -13.22
N PRO A 18 5.49 -7.39 -13.51
CA PRO A 18 5.34 -7.96 -14.84
C PRO A 18 4.74 -6.98 -15.83
N ASN A 19 4.21 -5.87 -15.31
CA ASN A 19 3.59 -4.84 -16.15
C ASN A 19 4.65 -3.96 -16.80
N GLY A 20 5.86 -3.97 -16.23
CA GLY A 20 6.93 -3.17 -16.77
C GLY A 20 7.32 -2.02 -15.86
N GLN A 21 6.39 -1.61 -15.00
CA GLN A 21 6.63 -0.52 -14.07
C GLN A 21 7.05 -1.05 -12.71
N LEU A 22 7.55 -0.16 -11.86
CA LEU A 22 7.98 -0.53 -10.52
C LEU A 22 6.84 -0.41 -9.51
N CYS A 23 6.95 -1.13 -8.41
CA CYS A 23 5.93 -1.10 -7.36
C CYS A 23 5.60 0.34 -6.97
N LYS A 24 4.52 0.51 -6.21
CA LYS A 24 4.10 1.82 -5.76
C LYS A 24 4.42 2.02 -4.28
N GLU A 25 4.49 3.27 -3.86
CA GLU A 25 4.78 3.60 -2.46
C GLU A 25 3.50 3.72 -1.66
N PRO A 26 3.60 3.47 -0.34
CA PRO A 26 2.46 3.54 0.58
C PRO A 26 1.98 4.97 0.79
N GLY A 27 0.73 5.23 0.42
CA GLY A 27 0.17 6.56 0.59
C GLY A 27 0.07 7.31 -0.73
N ASP A 28 1.02 7.05 -1.63
CA ASP A 28 1.03 7.71 -2.93
C ASP A 28 0.03 7.06 -3.88
N SER A 29 -0.62 7.88 -4.70
CA SER A 29 -1.60 7.39 -5.65
C SER A 29 -1.02 6.27 -6.51
N CYS A 30 -1.89 5.41 -7.02
CA CYS A 30 -1.46 4.29 -7.86
C CYS A 30 -2.25 4.26 -9.17
N SER A 31 -1.89 3.33 -10.04
CA SER A 31 -2.56 3.19 -11.33
C SER A 31 -3.45 1.95 -11.35
N LYS A 32 -3.03 0.92 -10.62
CA LYS A 32 -3.78 -0.32 -10.55
C LYS A 32 -3.43 -1.10 -9.30
N ARG A 33 -4.37 -1.92 -8.83
CA ARG A 33 -4.17 -2.72 -7.63
C ARG A 33 -2.91 -3.57 -7.75
N ASP A 34 -2.59 -3.99 -8.97
CA ASP A 34 -1.41 -4.80 -9.22
C ASP A 34 -0.14 -4.01 -8.97
N GLU A 35 -0.25 -2.69 -9.04
CA GLU A 35 0.90 -1.82 -8.81
C GLU A 35 1.40 -1.93 -7.37
N CYS A 36 0.48 -2.19 -6.46
CA CYS A 36 0.82 -2.33 -5.05
C CYS A 36 1.68 -3.57 -4.81
N CYS A 37 2.85 -3.38 -4.21
CA CYS A 37 3.76 -4.48 -3.93
C CYS A 37 3.27 -5.31 -2.74
N LYS A 38 4.11 -6.22 -2.27
CA LYS A 38 3.76 -7.07 -1.14
C LYS A 38 4.81 -6.97 -0.04
N ALA A 39 4.35 -6.62 1.17
CA ALA A 39 5.25 -6.48 2.31
C ALA A 39 6.11 -7.73 2.48
N ASP A 40 7.24 -7.58 3.17
CA ASP A 40 8.14 -8.70 3.42
C ASP A 40 7.39 -9.89 3.98
N ASP A 41 6.41 -9.62 4.85
CA ASP A 41 5.62 -10.68 5.46
C ASP A 41 4.20 -10.68 4.91
N GLN A 42 4.07 -10.69 3.59
CA GLN A 42 2.76 -10.68 2.95
C GLN A 42 1.89 -11.79 3.50
N LYS A 43 2.51 -12.88 3.93
CA LYS A 43 1.79 -14.02 4.48
C LYS A 43 0.92 -13.59 5.66
N THR A 44 1.38 -12.58 6.39
CA THR A 44 0.65 -12.07 7.55
C THR A 44 0.00 -10.72 7.23
N TYR A 45 0.72 -9.88 6.50
CA TYR A 45 0.22 -8.56 6.13
C TYR A 45 -0.37 -8.57 4.72
N SER A 46 -1.50 -7.89 4.56
CA SER A 46 -2.16 -7.82 3.26
C SER A 46 -1.87 -6.49 2.57
N SER A 47 -1.36 -6.55 1.35
CA SER A 47 -1.04 -5.34 0.60
C SER A 47 -2.06 -5.12 -0.52
N GLY A 48 -2.32 -3.85 -0.82
CA GLY A 48 -3.28 -3.52 -1.86
C GLY A 48 -3.48 -2.02 -2.00
N CYS A 49 -3.94 -1.60 -3.18
CA CYS A 49 -4.18 -0.18 -3.44
C CYS A 49 -5.64 0.06 -3.81
N ALA A 50 -6.38 0.66 -2.89
CA ALA A 50 -7.80 0.95 -3.12
C ALA A 50 -8.10 2.43 -2.86
N GLN A 51 -9.16 2.92 -3.48
CA GLN A 51 -9.56 4.31 -3.32
C GLN A 51 -9.82 4.64 -1.85
N THR A 52 -9.36 5.80 -1.41
CA THR A 52 -9.55 6.24 -0.03
C THR A 52 -9.72 7.74 0.06
N TRP A 53 -10.79 8.18 0.71
CA TRP A 53 -11.06 9.61 0.87
C TRP A 53 -9.84 10.33 1.42
N SER A 54 -9.24 11.18 0.59
CA SER A 54 -8.05 11.93 1.00
C SER A 54 -8.42 13.39 1.27
N ALA A 55 -8.25 13.80 2.52
CA ALA A 55 -8.55 15.17 2.92
C ALA A 55 -7.52 16.15 2.35
N MET A 56 -6.25 15.77 2.43
CA MET A 56 -5.17 16.61 1.93
C MET A 56 -5.30 16.83 0.43
N GLU A 57 -5.50 15.75 -0.31
CA GLU A 57 -5.64 15.83 -1.76
C GLU A 57 -7.01 16.41 -2.14
N GLY A 58 -8.02 16.13 -1.32
CA GLY A 58 -9.35 16.64 -1.58
C GLY A 58 -10.04 15.88 -2.70
N GLY A 59 -9.77 14.58 -2.79
CA GLY A 59 -10.38 13.76 -3.82
C GLY A 59 -10.06 12.28 -3.66
N PHE A 60 -11.02 11.43 -4.00
CA PHE A 60 -10.84 9.99 -3.88
C PHE A 60 -9.62 9.54 -4.70
N VAL A 61 -8.67 8.91 -4.03
CA VAL A 61 -7.46 8.42 -4.68
C VAL A 61 -7.01 7.08 -4.11
N ARG A 62 -6.56 6.19 -4.98
CA ARG A 62 -6.11 4.87 -4.56
C ARG A 62 -4.67 4.92 -4.04
N GLU A 63 -4.51 4.71 -2.74
CA GLU A 63 -3.18 4.73 -2.12
C GLU A 63 -2.81 3.36 -1.57
N CYS A 64 -1.59 2.94 -1.83
CA CYS A 64 -1.11 1.65 -1.35
C CYS A 64 -1.09 1.59 0.17
N TYR A 65 -1.62 0.51 0.73
CA TYR A 65 -1.67 0.34 2.17
C TYR A 65 -1.18 -1.05 2.57
N ILE A 66 -0.60 -1.15 3.76
CA ILE A 66 -0.09 -2.41 4.27
C ILE A 66 -0.45 -2.60 5.75
N CYS A 67 -1.26 -3.62 6.03
CA CYS A 67 -1.67 -3.89 7.40
C CYS A 67 -1.73 -5.40 7.65
N ALA A 68 -1.89 -5.78 8.91
CA ALA A 68 -1.97 -7.19 9.28
C ALA A 68 -3.41 -7.69 9.22
N VAL A 69 -3.58 -9.00 9.10
CA VAL A 69 -4.90 -9.61 9.03
C VAL A 69 -5.54 -9.67 10.41
N GLU A 70 -4.77 -10.14 11.39
CA GLU A 70 -5.27 -10.25 12.76
C GLU A 70 -4.94 -8.99 13.56
N SER A 71 -3.78 -8.41 13.28
CA SER A 71 -3.35 -7.20 13.98
C SER A 71 -4.07 -5.97 13.45
N SER A 72 -5.15 -5.57 14.14
CA SER A 72 -5.93 -4.42 13.74
C SER A 72 -5.34 -3.13 14.31
N MET A 73 -4.67 -3.26 15.46
CA MET A 73 -4.07 -2.12 16.12
C MET A 73 -3.22 -1.31 15.14
N CYS A 74 -2.61 -2.00 14.17
CA CYS A 74 -1.77 -1.35 13.18
C CYS A 74 -2.50 -0.18 12.54
N SER A 1 -5.23 9.46 9.43
CA SER A 1 -4.49 8.32 8.91
C SER A 1 -2.99 8.61 8.89
N ASN A 2 -2.27 7.99 9.82
CA ASN A 2 -0.83 8.19 9.93
C ASN A 2 -0.08 7.25 8.97
N ARG A 3 1.23 7.44 8.88
CA ARG A 3 2.05 6.61 8.01
C ARG A 3 1.94 5.14 8.39
N TRP A 4 1.91 4.87 9.69
CA TRP A 4 1.80 3.51 10.19
C TRP A 4 0.63 2.77 9.54
N ASN A 5 -0.45 3.51 9.30
CA ASN A 5 -1.64 2.93 8.68
C ASN A 5 -1.31 2.28 7.34
N LEU A 6 -0.36 2.89 6.63
CA LEU A 6 0.05 2.37 5.33
C LEU A 6 1.21 1.38 5.48
N GLY A 7 1.47 0.97 6.71
CA GLY A 7 2.55 0.03 6.97
C GLY A 7 3.86 0.47 6.35
N TYR A 8 4.07 1.78 6.28
CA TYR A 8 5.29 2.33 5.71
C TYR A 8 6.52 1.84 6.48
N GLY A 9 6.47 1.97 7.80
CA GLY A 9 7.59 1.53 8.62
C GLY A 9 8.00 0.11 8.33
N ILE A 10 7.02 -0.78 8.16
CA ILE A 10 7.29 -2.18 7.87
C ILE A 10 8.26 -2.33 6.71
N PRO A 11 9.27 -3.18 6.89
CA PRO A 11 10.29 -3.44 5.87
C PRO A 11 9.73 -4.20 4.67
N HIS A 12 9.87 -3.62 3.48
CA HIS A 12 9.39 -4.25 2.26
C HIS A 12 10.53 -4.48 1.28
N LYS A 13 10.30 -5.38 0.32
CA LYS A 13 11.30 -5.70 -0.69
C LYS A 13 10.88 -5.19 -2.06
N GLN A 14 11.60 -4.19 -2.57
CA GLN A 14 11.29 -3.62 -3.87
C GLN A 14 11.65 -4.60 -4.99
N VAL A 15 10.78 -4.68 -6.00
CA VAL A 15 11.01 -5.57 -7.12
C VAL A 15 10.34 -5.04 -8.39
N LYS A 16 10.94 -5.34 -9.53
CA LYS A 16 10.41 -4.89 -10.81
C LYS A 16 9.18 -5.72 -11.21
N LEU A 17 8.10 -5.03 -11.55
CA LEU A 17 6.86 -5.69 -11.95
C LEU A 17 6.90 -6.06 -13.43
N PRO A 18 6.07 -7.05 -13.81
CA PRO A 18 5.98 -7.52 -15.19
C PRO A 18 5.33 -6.50 -16.12
N ASN A 19 4.76 -5.46 -15.52
CA ASN A 19 4.10 -4.41 -16.29
C ASN A 19 5.12 -3.41 -16.83
N GLY A 20 6.29 -3.39 -16.22
CA GLY A 20 7.34 -2.47 -16.64
C GLY A 20 7.60 -1.37 -15.63
N GLN A 21 6.62 -1.11 -14.78
CA GLN A 21 6.75 -0.07 -13.76
C GLN A 21 7.16 -0.69 -12.42
N LEU A 22 7.56 0.17 -11.49
CA LEU A 22 7.98 -0.28 -10.17
C LEU A 22 6.80 -0.30 -9.20
N CYS A 23 6.93 -1.09 -8.13
CA CYS A 23 5.87 -1.20 -7.14
C CYS A 23 5.43 0.18 -6.66
N LYS A 24 4.24 0.24 -6.07
CA LYS A 24 3.69 1.50 -5.57
C LYS A 24 4.10 1.72 -4.12
N GLU A 25 4.26 2.99 -3.75
CA GLU A 25 4.64 3.34 -2.39
C GLU A 25 3.41 3.53 -1.50
N PRO A 26 3.59 3.32 -0.19
CA PRO A 26 2.50 3.46 0.78
C PRO A 26 2.09 4.92 0.97
N GLY A 27 0.86 5.23 0.56
CA GLY A 27 0.36 6.58 0.70
C GLY A 27 0.22 7.30 -0.63
N ASP A 28 1.10 6.96 -1.57
CA ASP A 28 1.07 7.56 -2.89
C ASP A 28 -0.07 6.98 -3.73
N SER A 29 -0.47 7.74 -4.75
CA SER A 29 -1.56 7.31 -5.63
C SER A 29 -1.11 6.17 -6.54
N CYS A 30 -2.05 5.32 -6.93
CA CYS A 30 -1.75 4.19 -7.80
C CYS A 30 -2.67 4.18 -9.02
N SER A 31 -2.43 3.24 -9.93
CA SER A 31 -3.23 3.13 -11.14
C SER A 31 -4.12 1.90 -11.09
N LYS A 32 -3.63 0.84 -10.46
CA LYS A 32 -4.37 -0.41 -10.33
C LYS A 32 -3.96 -1.17 -9.08
N ARG A 33 -4.90 -1.93 -8.52
CA ARG A 33 -4.64 -2.71 -7.33
C ARG A 33 -3.42 -3.61 -7.51
N ASP A 34 -3.19 -4.04 -8.75
CA ASP A 34 -2.06 -4.90 -9.07
C ASP A 34 -0.74 -4.17 -8.87
N GLU A 35 -0.79 -2.84 -8.93
CA GLU A 35 0.41 -2.02 -8.76
C GLU A 35 0.96 -2.17 -7.35
N CYS A 36 0.08 -2.39 -6.38
CA CYS A 36 0.48 -2.55 -5.00
C CYS A 36 1.22 -3.88 -4.80
N CYS A 37 2.49 -3.78 -4.37
CA CYS A 37 3.30 -4.97 -4.14
C CYS A 37 2.95 -5.62 -2.81
N LYS A 38 3.65 -6.70 -2.48
CA LYS A 38 3.42 -7.41 -1.24
C LYS A 38 4.56 -7.19 -0.26
N ALA A 39 4.22 -6.97 1.01
CA ALA A 39 5.22 -6.74 2.04
C ALA A 39 6.10 -7.98 2.24
N ASP A 40 7.19 -7.81 2.97
CA ASP A 40 8.11 -8.91 3.24
C ASP A 40 7.36 -10.12 3.78
N ASP A 41 6.41 -9.87 4.68
CA ASP A 41 5.62 -10.95 5.28
C ASP A 41 4.17 -10.87 4.81
N GLN A 42 3.97 -10.88 3.50
CA GLN A 42 2.63 -10.81 2.93
C GLN A 42 1.72 -11.87 3.54
N LYS A 43 2.32 -12.99 3.94
CA LYS A 43 1.57 -14.09 4.54
C LYS A 43 0.79 -13.61 5.76
N THR A 44 1.34 -12.62 6.46
CA THR A 44 0.70 -12.07 7.65
C THR A 44 0.11 -10.69 7.37
N TYR A 45 0.83 -9.89 6.58
CA TYR A 45 0.38 -8.55 6.24
C TYR A 45 -0.29 -8.53 4.88
N SER A 46 -1.41 -7.82 4.78
CA SER A 46 -2.15 -7.73 3.52
C SER A 46 -1.87 -6.40 2.82
N SER A 47 -1.43 -6.48 1.57
CA SER A 47 -1.13 -5.28 0.79
C SER A 47 -2.18 -5.05 -0.28
N GLY A 48 -2.45 -3.78 -0.57
CA GLY A 48 -3.44 -3.44 -1.57
C GLY A 48 -3.60 -1.94 -1.74
N CYS A 49 -4.11 -1.53 -2.90
CA CYS A 49 -4.30 -0.11 -3.18
C CYS A 49 -5.77 0.17 -3.52
N ALA A 50 -6.48 0.80 -2.59
CA ALA A 50 -7.89 1.13 -2.81
C ALA A 50 -8.14 2.63 -2.61
N GLN A 51 -9.20 3.13 -3.21
CA GLN A 51 -9.55 4.54 -3.10
C GLN A 51 -9.77 4.94 -1.65
N THR A 52 -9.33 6.14 -1.29
CA THR A 52 -9.47 6.64 0.07
C THR A 52 -9.61 8.15 0.08
N TRP A 53 -10.58 8.65 0.84
CA TRP A 53 -10.80 10.09 0.96
C TRP A 53 -9.51 10.82 1.30
N SER A 54 -9.13 11.77 0.47
CA SER A 54 -7.91 12.54 0.69
C SER A 54 -8.22 14.03 0.79
N ALA A 55 -7.73 14.66 1.85
CA ALA A 55 -7.95 16.09 2.07
C ALA A 55 -7.02 16.92 1.20
N MET A 56 -5.76 16.51 1.12
CA MET A 56 -4.77 17.23 0.33
C MET A 56 -5.14 17.19 -1.15
N GLU A 57 -5.39 15.98 -1.67
CA GLU A 57 -5.75 15.82 -3.08
C GLU A 57 -7.14 16.37 -3.35
N GLY A 58 -8.01 16.27 -2.36
CA GLY A 58 -9.37 16.77 -2.52
C GLY A 58 -10.23 15.86 -3.37
N GLY A 59 -9.98 14.56 -3.28
CA GLY A 59 -10.73 13.60 -4.06
C GLY A 59 -10.32 12.16 -3.78
N PHE A 60 -11.23 11.22 -4.02
CA PHE A 60 -10.94 9.81 -3.79
C PHE A 60 -9.77 9.35 -4.64
N VAL A 61 -8.71 8.88 -3.98
CA VAL A 61 -7.53 8.41 -4.68
C VAL A 61 -7.04 7.08 -4.10
N ARG A 62 -6.67 6.15 -4.98
CA ARG A 62 -6.18 4.84 -4.56
C ARG A 62 -4.79 4.96 -3.96
N GLU A 63 -4.69 4.73 -2.64
CA GLU A 63 -3.42 4.80 -1.94
C GLU A 63 -3.03 3.44 -1.39
N CYS A 64 -1.77 3.05 -1.62
CA CYS A 64 -1.27 1.76 -1.14
C CYS A 64 -1.23 1.73 0.39
N TYR A 65 -1.59 0.58 0.96
CA TYR A 65 -1.60 0.42 2.41
C TYR A 65 -1.12 -0.98 2.80
N ILE A 66 -0.49 -1.07 3.96
CA ILE A 66 0.01 -2.35 4.45
C ILE A 66 -0.27 -2.52 5.94
N CYS A 67 -0.94 -3.61 6.29
CA CYS A 67 -1.28 -3.89 7.68
C CYS A 67 -1.40 -5.39 7.92
N ALA A 68 -1.49 -5.77 9.19
CA ALA A 68 -1.61 -7.17 9.55
C ALA A 68 -3.05 -7.65 9.46
N VAL A 69 -3.24 -8.89 8.99
CA VAL A 69 -4.57 -9.46 8.85
C VAL A 69 -5.12 -9.92 10.20
N GLU A 70 -4.29 -10.63 10.96
CA GLU A 70 -4.68 -11.13 12.26
C GLU A 70 -4.61 -10.03 13.32
N SER A 71 -3.62 -9.15 13.17
CA SER A 71 -3.43 -8.05 14.11
C SER A 71 -4.35 -6.88 13.76
N SER A 72 -5.58 -6.94 14.25
CA SER A 72 -6.56 -5.88 14.00
C SER A 72 -6.09 -4.56 14.58
N MET A 73 -5.40 -4.62 15.72
CA MET A 73 -4.90 -3.42 16.38
C MET A 73 -4.11 -2.56 15.40
N CYS A 74 -3.37 -3.20 14.50
CA CYS A 74 -2.57 -2.50 13.52
C CYS A 74 -3.42 -1.47 12.77
N SER A 1 -4.87 9.81 7.68
CA SER A 1 -4.23 8.49 7.75
C SER A 1 -2.72 8.62 7.84
N ASN A 2 -2.16 8.29 9.00
CA ASN A 2 -0.72 8.37 9.21
C ASN A 2 0.01 7.31 8.39
N ARG A 3 1.32 7.49 8.23
CA ARG A 3 2.13 6.55 7.48
C ARG A 3 1.99 5.13 8.03
N TRP A 4 1.89 5.03 9.35
CA TRP A 4 1.76 3.74 10.01
C TRP A 4 0.55 2.97 9.47
N ASN A 5 -0.52 3.71 9.17
CA ASN A 5 -1.74 3.10 8.63
C ASN A 5 -1.46 2.38 7.33
N LEU A 6 -0.55 2.94 6.53
CA LEU A 6 -0.20 2.34 5.24
C LEU A 6 0.98 1.38 5.39
N GLY A 7 1.30 1.05 6.64
CA GLY A 7 2.40 0.13 6.90
C GLY A 7 3.70 0.60 6.26
N TYR A 8 3.87 1.91 6.17
CA TYR A 8 5.07 2.48 5.58
C TYR A 8 6.33 2.07 6.36
N GLY A 9 6.21 2.11 7.68
CA GLY A 9 7.33 1.74 8.53
C GLY A 9 7.82 0.33 8.28
N ILE A 10 6.88 -0.59 8.10
CA ILE A 10 7.21 -1.99 7.85
C ILE A 10 8.20 -2.12 6.69
N PRO A 11 9.25 -2.92 6.90
CA PRO A 11 10.28 -3.15 5.88
C PRO A 11 9.77 -3.95 4.70
N HIS A 12 9.84 -3.37 3.51
CA HIS A 12 9.37 -4.04 2.30
C HIS A 12 10.53 -4.26 1.33
N LYS A 13 10.35 -5.18 0.39
CA LYS A 13 11.37 -5.49 -0.60
C LYS A 13 10.91 -5.09 -2.00
N GLN A 14 11.55 -4.08 -2.56
CA GLN A 14 11.21 -3.60 -3.89
C GLN A 14 11.55 -4.65 -4.96
N VAL A 15 10.66 -4.81 -5.93
CA VAL A 15 10.87 -5.78 -6.99
C VAL A 15 10.23 -5.31 -8.30
N LYS A 16 10.76 -5.77 -9.42
CA LYS A 16 10.25 -5.41 -10.73
C LYS A 16 8.99 -6.19 -11.06
N LEU A 17 7.96 -5.49 -11.54
CA LEU A 17 6.70 -6.12 -11.89
C LEU A 17 6.70 -6.56 -13.36
N PRO A 18 5.85 -7.53 -13.69
CA PRO A 18 5.73 -8.06 -15.04
C PRO A 18 5.10 -7.05 -16.01
N ASN A 19 4.53 -5.98 -15.45
CA ASN A 19 3.90 -4.95 -16.25
C ASN A 19 4.94 -4.01 -16.84
N GLY A 20 6.13 -4.00 -16.26
CA GLY A 20 7.19 -3.13 -16.73
C GLY A 20 7.52 -2.01 -15.78
N GLN A 21 6.54 -1.67 -14.93
CA GLN A 21 6.73 -0.59 -13.96
C GLN A 21 7.13 -1.14 -12.61
N LEU A 22 7.57 -0.27 -11.72
CA LEU A 22 7.99 -0.66 -10.38
C LEU A 22 6.84 -0.57 -9.39
N CYS A 23 6.93 -1.31 -8.29
CA CYS A 23 5.90 -1.31 -7.27
C CYS A 23 5.56 0.11 -6.84
N LYS A 24 4.42 0.27 -6.18
CA LYS A 24 3.99 1.58 -5.71
C LYS A 24 4.26 1.74 -4.22
N GLU A 25 4.42 2.99 -3.77
CA GLU A 25 4.69 3.27 -2.37
C GLU A 25 3.39 3.48 -1.60
N PRO A 26 3.44 3.20 -0.29
CA PRO A 26 2.27 3.35 0.59
C PRO A 26 1.89 4.81 0.81
N GLY A 27 0.66 5.15 0.43
CA GLY A 27 0.19 6.51 0.59
C GLY A 27 0.14 7.27 -0.72
N ASP A 28 1.05 6.94 -1.64
CA ASP A 28 1.10 7.59 -2.94
C ASP A 28 0.08 6.98 -3.89
N SER A 29 -0.53 7.82 -4.73
CA SER A 29 -1.52 7.36 -5.68
C SER A 29 -0.96 6.25 -6.56
N CYS A 30 -1.85 5.39 -7.05
CA CYS A 30 -1.44 4.27 -7.91
C CYS A 30 -2.26 4.26 -9.20
N SER A 31 -1.92 3.33 -10.10
CA SER A 31 -2.61 3.20 -11.37
C SER A 31 -3.51 1.98 -11.38
N LYS A 32 -3.10 0.95 -10.66
CA LYS A 32 -3.87 -0.30 -10.57
C LYS A 32 -3.51 -1.07 -9.31
N ARG A 33 -4.46 -1.86 -8.82
CA ARG A 33 -4.25 -2.65 -7.62
C ARG A 33 -3.03 -3.55 -7.78
N ASP A 34 -2.74 -3.95 -9.01
CA ASP A 34 -1.60 -4.81 -9.29
C ASP A 34 -0.29 -4.04 -9.15
N GLU A 35 -0.37 -2.72 -9.29
CA GLU A 35 0.81 -1.87 -9.18
C GLU A 35 1.39 -1.92 -7.77
N CYS A 36 0.52 -2.12 -6.78
CA CYS A 36 0.94 -2.19 -5.40
C CYS A 36 1.45 -3.58 -5.04
N CYS A 37 2.73 -3.65 -4.70
CA CYS A 37 3.35 -4.93 -4.34
C CYS A 37 2.96 -5.35 -2.93
N LYS A 38 3.51 -6.48 -2.49
CA LYS A 38 3.22 -6.99 -1.15
C LYS A 38 4.42 -6.79 -0.22
N ALA A 39 4.15 -6.73 1.08
CA ALA A 39 5.20 -6.54 2.07
C ALA A 39 6.03 -7.81 2.23
N ASP A 40 7.16 -7.68 2.92
CA ASP A 40 8.04 -8.82 3.15
C ASP A 40 7.28 -10.00 3.74
N ASP A 41 6.39 -9.71 4.69
CA ASP A 41 5.60 -10.74 5.33
C ASP A 41 4.14 -10.69 4.86
N GLN A 42 3.96 -10.71 3.53
CA GLN A 42 2.62 -10.66 2.95
C GLN A 42 1.72 -11.72 3.58
N LYS A 43 2.31 -12.83 4.01
CA LYS A 43 1.56 -13.91 4.63
C LYS A 43 0.78 -13.41 5.84
N THR A 44 1.32 -12.40 6.52
CA THR A 44 0.67 -11.84 7.69
C THR A 44 0.07 -10.47 7.38
N TYR A 45 0.78 -9.68 6.58
CA TYR A 45 0.32 -8.35 6.21
C TYR A 45 -0.33 -8.36 4.83
N SER A 46 -1.46 -7.67 4.70
CA SER A 46 -2.17 -7.62 3.43
C SER A 46 -1.92 -6.29 2.72
N SER A 47 -1.46 -6.37 1.49
CA SER A 47 -1.16 -5.17 0.69
C SER A 47 -2.24 -4.95 -0.37
N GLY A 48 -2.37 -3.70 -0.80
CA GLY A 48 -3.37 -3.38 -1.82
C GLY A 48 -3.53 -1.88 -2.00
N CYS A 49 -4.04 -1.48 -3.17
CA CYS A 49 -4.25 -0.07 -3.47
C CYS A 49 -5.69 0.19 -3.87
N ALA A 50 -6.45 0.82 -2.98
CA ALA A 50 -7.85 1.13 -3.24
C ALA A 50 -8.15 2.61 -2.98
N GLN A 51 -9.17 3.13 -3.65
CA GLN A 51 -9.55 4.53 -3.49
C GLN A 51 -9.89 4.83 -2.04
N THR A 52 -9.50 6.01 -1.57
CA THR A 52 -9.77 6.42 -0.20
C THR A 52 -9.92 7.94 -0.09
N TRP A 53 -11.03 8.38 0.48
CA TRP A 53 -11.29 9.79 0.65
C TRP A 53 -10.10 10.50 1.29
N SER A 54 -9.43 11.35 0.52
CA SER A 54 -8.27 12.08 1.02
C SER A 54 -8.63 13.54 1.27
N ALA A 55 -8.51 13.97 2.52
CA ALA A 55 -8.81 15.35 2.89
C ALA A 55 -7.71 16.30 2.42
N MET A 56 -6.47 15.83 2.47
CA MET A 56 -5.32 16.63 2.04
C MET A 56 -5.35 16.87 0.54
N GLU A 57 -5.51 15.79 -0.22
CA GLU A 57 -5.55 15.89 -1.68
C GLU A 57 -6.86 16.52 -2.14
N GLY A 58 -7.93 16.28 -1.40
CA GLY A 58 -9.22 16.83 -1.75
C GLY A 58 -9.88 16.07 -2.90
N GLY A 59 -9.65 14.77 -2.95
CA GLY A 59 -10.24 13.95 -4.01
C GLY A 59 -9.94 12.48 -3.82
N PHE A 60 -10.90 11.63 -4.23
CA PHE A 60 -10.74 10.20 -4.11
C PHE A 60 -9.50 9.72 -4.86
N VAL A 61 -8.57 9.11 -4.13
CA VAL A 61 -7.34 8.61 -4.71
C VAL A 61 -6.98 7.24 -4.15
N ARG A 62 -6.49 6.35 -5.00
CA ARG A 62 -6.10 5.01 -4.60
C ARG A 62 -4.66 5.00 -4.07
N GLU A 63 -4.52 4.78 -2.76
CA GLU A 63 -3.20 4.74 -2.14
C GLU A 63 -2.90 3.35 -1.57
N CYS A 64 -1.69 2.88 -1.79
CA CYS A 64 -1.28 1.57 -1.29
C CYS A 64 -1.26 1.54 0.23
N TYR A 65 -1.77 0.46 0.80
CA TYR A 65 -1.82 0.31 2.26
C TYR A 65 -1.29 -1.06 2.67
N ILE A 66 -0.69 -1.11 3.86
CA ILE A 66 -0.14 -2.36 4.37
C ILE A 66 -0.44 -2.52 5.86
N CYS A 67 -1.29 -3.50 6.17
CA CYS A 67 -1.67 -3.76 7.55
C CYS A 67 -1.68 -5.26 7.84
N ALA A 68 -1.75 -5.61 9.12
CA ALA A 68 -1.78 -7.01 9.53
C ALA A 68 -3.20 -7.56 9.52
N VAL A 69 -3.33 -8.81 9.07
CA VAL A 69 -4.64 -9.46 9.02
C VAL A 69 -5.07 -9.96 10.39
N GLU A 70 -4.13 -10.58 11.11
CA GLU A 70 -4.41 -11.11 12.43
C GLU A 70 -4.33 -10.01 13.49
N SER A 71 -3.41 -9.08 13.28
CA SER A 71 -3.21 -7.97 14.22
C SER A 71 -4.30 -6.91 14.03
N SER A 72 -4.98 -6.58 15.13
CA SER A 72 -6.05 -5.58 15.07
C SER A 72 -5.51 -4.20 15.45
N MET A 73 -4.54 -4.17 16.36
CA MET A 73 -3.94 -2.92 16.81
C MET A 73 -3.50 -2.08 15.61
N CYS A 74 -3.02 -2.75 14.57
CA CYS A 74 -2.56 -2.06 13.36
C CYS A 74 -3.63 -1.10 12.84
#